data_3UMM
#
_entry.id   3UMM
#
_cell.length_a   148.680
_cell.length_b   148.680
_cell.length_c   142.050
_cell.angle_alpha   90.00
_cell.angle_beta   90.00
_cell.angle_gamma   120.00
#
_symmetry.space_group_name_H-M   'P 65'
#
loop_
_entity.id
_entity.type
_entity.pdbx_description
1 polymer 'Phosphoribosylformylglycinamidine synthase'
2 non-polymer 'PHOSPHOAMINOPHOSPHONIC ACID-ADENYLATE ESTER'
3 non-polymer "ADENOSINE-5'-DIPHOSPHATE"
4 non-polymer 'MAGNESIUM ION'
5 non-polymer 'SULFATE ION'
6 water water
#
_entity_poly.entity_id   1
_entity_poly.type   'polypeptide(L)'
_entity_poly.pdbx_seq_one_letter_code
;GLVPRGSHMMEILRGSPALSAFRINKLLARFQAANLQVHNIYAEYVHFADLNAPLNDSEQAQLTRLLQYGPALSSHTPAG
KLLLVTPRPGTISPWSSKATDIAHNCGLQQVDRLERGVAYYIEASTLTAEQWRQVAAELHDRMMETVFSSLTDAEKLFIH
HQPAPVSSVDLLGEGRQALIDANLRLGLALAEDEIDYLQEAFTKLGRNPNDIELYMFAQANSEHCRHKIFNADWIIDGKP
QPKSLFKMIKNTFETTPDYVLSAYKDNAAVMEGSAVGRYFADHNTGRYDFHQEPAHILMKVETHNHPTAISPWPGAATGS
GGEIRDEGATGRGAKPKAGLVGFSVSNLRIPGFEQPWEEDFGKPERIVTALDIMTEGPLGGAAFNNEFGRPALTGYFRTY
EEKVNSHNGEELRGYHKPIMLAGGIGNIRADHVQKGEIVVGAKLIVLGGPAMNIGLGGGAASSMASGQSDADLDFASVQR
DNPEMERRCQEVIDRCWQLGDANPILFIHDVGAGGLSNAMPELVSDGGRGGKFELRDILSDEPGMSPLEIWCNESQERYV
LAVAADQLPLFDELCKRERAPYAVIGDATEEQHLSLHDNHFDNQPIDLPLDVLLGKTPKMTRDVQTLKAKGDALNRADIT
IADAVKRVLHLPTVAEKTFLVTIGDRTVTGMVARDQMVGPWQVPVADCAVTTASLDSYYGEAMSIGERAPVALLDFAASA
RLAVGEALTNIAATQIGDIKRIKLSANWMAAAGHPGEDAGLYDAVKAVGEELCPQLGLTIPVGKDSMSMKTRWQEGNEQR
EMTSPLSLVISAFARVEDVRHTLTPQLSTEDNALLLIDLGKGHNALGATALAQVYRQLGDKPADVRDVAQLKGFYDAMQA
LVAARKLLAWHDRSDGGLLVTLAEMAFAGHCGVQVDIAALGDDHLAALFNEELGGVIQVRAEDRDAVEALLAQYGLADCV
HYLGQALAGDRFVITANDQTVFSESRTTLRVWWAETTWQMQRLRDNPQCADQEHEAKANDTDPGLNVKLSFDINEDIAAP
YIATGARPKVAVLREQGVNSHVEMAAAFHRAGFDAIDVHMSDLLGGRIGLGNFHALVACGGFSYGDVLGAGEGWAKSILF
NHRVRDEFETFFHRPQTLALGV(CYG)NGCQMMSNLRELIPGSELWPRFVRNHSDRFEARFSLVEVTQSPSLLLQGMVGS
QMPIAVSHGEGRVEVRDDAHLAALESKGLVALRYVDNFGKVTETYPANPNGSPNGITAVTTENGRVTIMMPHPERVFRTV
ANSWHPENWGEDSPWMRIFRNARKQLG
;
_entity_poly.pdbx_strand_id   A
#
loop_
_chem_comp.id
_chem_comp.type
_chem_comp.name
_chem_comp.formula
ADP non-polymer ADENOSINE-5'-DIPHOSPHATE 'C10 H15 N5 O10 P2'
ANP non-polymer 'PHOSPHOAMINOPHOSPHONIC ACID-ADENYLATE ESTER' 'C10 H17 N6 O12 P3'
MG non-polymer 'MAGNESIUM ION' 'Mg 2'
SO4 non-polymer 'SULFATE ION' 'O4 S -2'
#
# COMPACT_ATOMS: atom_id res chain seq x y z
N GLY A 1 28.18 -7.48 27.91
CA GLY A 1 26.82 -7.10 28.46
C GLY A 1 26.15 -8.09 29.42
N LEU A 2 26.06 -7.69 30.71
CA LEU A 2 25.44 -8.49 31.78
C LEU A 2 25.39 -7.63 33.07
N VAL A 3 24.86 -6.41 32.93
CA VAL A 3 24.72 -5.46 34.06
C VAL A 3 23.31 -5.63 34.67
N PRO A 4 23.18 -5.42 36.01
CA PRO A 4 21.89 -5.55 36.74
C PRO A 4 20.68 -4.75 36.18
N ARG A 5 19.62 -5.50 35.82
CA ARG A 5 18.37 -4.95 35.27
C ARG A 5 17.17 -5.75 35.83
N GLY A 6 16.50 -5.24 36.88
CA GLY A 6 15.35 -5.92 37.50
C GLY A 6 15.47 -7.42 37.74
N SER A 7 14.37 -8.15 37.51
CA SER A 7 14.31 -9.63 37.66
C SER A 7 15.06 -10.35 36.51
N HIS A 8 15.60 -9.54 35.58
CA HIS A 8 16.32 -9.97 34.39
C HIS A 8 17.80 -9.55 34.31
N MET A 9 18.36 -9.73 33.12
CA MET A 9 19.74 -9.38 32.82
C MET A 9 19.71 -8.77 31.44
N MET A 10 20.38 -7.63 31.25
CA MET A 10 20.41 -7.04 29.92
C MET A 10 21.80 -7.26 29.35
N GLU A 11 21.85 -7.71 28.11
CA GLU A 11 23.09 -7.99 27.41
C GLU A 11 23.23 -7.06 26.20
N ILE A 12 24.42 -6.50 26.02
CA ILE A 12 24.72 -5.58 24.92
C ILE A 12 25.55 -6.25 23.83
N LEU A 13 24.98 -6.41 22.63
CA LEU A 13 25.71 -7.05 21.53
C LEU A 13 26.00 -6.14 20.35
N ARG A 14 27.27 -5.73 20.22
CA ARG A 14 27.72 -4.85 19.13
C ARG A 14 27.35 -5.41 17.75
N GLY A 15 26.91 -4.54 16.84
CA GLY A 15 26.51 -4.96 15.51
C GLY A 15 27.30 -4.35 14.35
N SER A 16 26.70 -4.29 13.16
CA SER A 16 27.37 -3.74 11.95
C SER A 16 27.13 -2.25 11.71
N PRO A 17 27.98 -1.61 10.87
CA PRO A 17 27.86 -0.18 10.54
C PRO A 17 26.47 0.11 9.98
N ALA A 18 25.78 1.10 10.55
CA ALA A 18 24.43 1.44 10.12
C ALA A 18 24.30 2.25 8.82
N LEU A 19 24.67 3.52 8.89
CA LEU A 19 24.60 4.43 7.75
C LEU A 19 25.60 4.09 6.66
N SER A 20 25.05 3.82 5.48
CA SER A 20 25.83 3.44 4.31
C SER A 20 26.44 4.58 3.48
N ALA A 21 27.69 4.91 3.82
CA ALA A 21 28.50 5.94 3.14
C ALA A 21 27.83 7.25 2.71
N PHE A 22 27.12 7.22 1.58
CA PHE A 22 26.44 8.39 1.03
C PHE A 22 25.52 9.10 2.03
N ARG A 23 25.02 8.36 3.02
CA ARG A 23 24.14 8.92 4.05
C ARG A 23 24.98 9.71 5.04
N ILE A 24 26.10 9.14 5.45
CA ILE A 24 27.01 9.79 6.37
C ILE A 24 27.45 11.09 5.70
N ASN A 25 27.71 11.00 4.41
CA ASN A 25 28.14 12.15 3.63
C ASN A 25 27.08 13.25 3.62
N LYS A 26 25.81 12.85 3.63
CA LYS A 26 24.71 13.81 3.63
C LYS A 26 24.49 14.35 5.05
N LEU A 27 24.87 13.55 6.04
CA LEU A 27 24.76 13.91 7.46
C LEU A 27 25.65 15.09 7.77
N LEU A 28 26.95 14.92 7.50
CA LEU A 28 27.91 15.98 7.75
C LEU A 28 27.57 17.20 6.90
N ALA A 29 27.03 16.93 5.72
CA ALA A 29 26.63 17.99 4.79
C ALA A 29 25.59 18.88 5.47
N ARG A 30 24.65 18.23 6.18
CA ARG A 30 23.61 18.97 6.87
C ARG A 30 24.09 19.57 8.18
N PHE A 31 25.16 18.99 8.73
CA PHE A 31 25.72 19.49 9.99
C PHE A 31 26.38 20.84 9.79
N GLN A 32 27.09 20.98 8.67
CA GLN A 32 27.77 22.23 8.34
C GLN A 32 26.78 23.37 8.15
N ALA A 33 25.59 23.02 7.65
CA ALA A 33 24.51 23.98 7.40
C ALA A 33 23.99 24.74 8.64
N ALA A 34 24.27 24.20 9.82
CA ALA A 34 23.82 24.83 11.08
C ALA A 34 25.01 25.37 11.90
N ASN A 35 26.16 25.53 11.23
CA ASN A 35 27.39 26.03 11.85
C ASN A 35 27.97 25.10 12.90
N LEU A 36 27.64 23.81 12.76
CA LEU A 36 28.12 22.77 13.66
C LEU A 36 29.38 22.17 13.02
N GLN A 37 30.52 22.42 13.66
CA GLN A 37 31.82 21.95 13.18
C GLN A 37 32.07 20.43 13.37
N VAL A 38 31.25 19.61 12.71
CA VAL A 38 31.35 18.14 12.81
C VAL A 38 32.26 17.53 11.73
N HIS A 39 33.48 17.16 12.13
CA HIS A 39 34.48 16.59 11.21
C HIS A 39 34.12 15.21 10.67
N ASN A 40 34.08 14.21 11.54
CA ASN A 40 33.72 12.85 11.13
C ASN A 40 32.58 12.26 12.00
N ILE A 41 31.93 11.22 11.49
CA ILE A 41 30.82 10.59 12.21
C ILE A 41 30.67 9.13 11.78
N TYR A 42 30.42 8.23 12.75
CA TYR A 42 30.28 6.80 12.46
C TYR A 42 29.13 6.19 13.22
N ALA A 43 28.20 5.61 12.45
CA ALA A 43 27.02 4.97 12.98
C ALA A 43 27.22 3.47 13.03
N GLU A 44 26.82 2.89 14.16
CA GLU A 44 26.97 1.48 14.41
C GLU A 44 25.73 0.97 15.13
N TYR A 45 25.14 -0.12 14.63
CA TYR A 45 23.96 -0.68 15.27
C TYR A 45 24.39 -1.44 16.52
N VAL A 46 23.59 -1.35 17.58
CA VAL A 46 23.89 -2.08 18.81
C VAL A 46 22.61 -2.71 19.36
N HIS A 47 22.67 -4.03 19.57
CA HIS A 47 21.56 -4.83 20.06
C HIS A 47 21.56 -4.97 21.57
N PHE A 48 20.37 -5.12 22.13
CA PHE A 48 20.16 -5.26 23.57
C PHE A 48 19.24 -6.45 23.84
N ALA A 49 19.79 -7.49 24.47
CA ALA A 49 19.02 -8.69 24.77
C ALA A 49 18.63 -8.79 26.23
N ASP A 50 17.33 -8.72 26.52
CA ASP A 50 16.83 -8.81 27.87
C ASP A 50 16.58 -10.28 28.18
N LEU A 51 17.46 -10.88 28.98
CA LEU A 51 17.36 -12.29 29.36
C LEU A 51 16.70 -12.53 30.71
N ASN A 52 15.88 -13.57 30.79
CA ASN A 52 15.22 -13.92 32.06
C ASN A 52 16.03 -15.00 32.75
N ALA A 53 16.70 -15.80 31.92
CA ALA A 53 17.56 -16.92 32.34
C ALA A 53 18.96 -16.74 31.70
N PRO A 54 19.85 -17.73 31.84
CA PRO A 54 21.17 -17.54 31.22
C PRO A 54 21.39 -18.39 29.97
N LEU A 55 22.40 -17.99 29.21
CA LEU A 55 22.78 -18.64 27.96
C LEU A 55 24.08 -19.40 28.16
N ASN A 56 24.10 -20.69 27.83
CA ASN A 56 25.35 -21.45 27.93
C ASN A 56 26.15 -21.09 26.68
N ASP A 57 27.42 -21.49 26.62
CA ASP A 57 28.25 -21.16 25.46
C ASP A 57 27.54 -21.31 24.11
N SER A 58 27.08 -22.53 23.83
CA SER A 58 26.41 -22.85 22.58
C SER A 58 25.24 -21.92 22.28
N GLU A 59 24.54 -21.47 23.33
CA GLU A 59 23.42 -20.56 23.16
C GLU A 59 23.94 -19.15 23.03
N GLN A 60 24.96 -18.81 23.82
CA GLN A 60 25.55 -17.48 23.77
C GLN A 60 26.12 -17.19 22.37
N ALA A 61 26.59 -18.22 21.69
CA ALA A 61 27.15 -18.07 20.35
C ALA A 61 26.01 -18.01 19.33
N GLN A 62 24.99 -18.81 19.55
CA GLN A 62 23.85 -18.83 18.64
C GLN A 62 23.18 -17.47 18.62
N LEU A 63 23.26 -16.73 19.74
CA LEU A 63 22.66 -15.41 19.76
C LEU A 63 23.52 -14.44 18.99
N THR A 64 24.81 -14.37 19.34
CA THR A 64 25.73 -13.47 18.66
C THR A 64 25.58 -13.64 17.15
N ARG A 65 25.28 -14.88 16.76
CA ARG A 65 25.12 -15.22 15.36
C ARG A 65 23.91 -14.54 14.75
N LEU A 66 22.73 -14.82 15.28
CA LEU A 66 21.48 -14.23 14.78
C LEU A 66 21.62 -12.72 14.61
N LEU A 67 22.49 -12.13 15.42
CA LEU A 67 22.70 -10.68 15.38
C LEU A 67 23.77 -10.14 14.41
N GLN A 68 24.26 -10.99 13.51
CA GLN A 68 25.23 -10.61 12.49
C GLN A 68 24.42 -10.63 11.19
N TYR A 69 24.10 -9.46 10.66
CA TYR A 69 23.34 -9.39 9.42
C TYR A 69 23.72 -8.15 8.63
N GLY A 70 22.89 -7.80 7.65
CA GLY A 70 23.13 -6.62 6.84
C GLY A 70 24.39 -6.72 6.00
N PRO A 71 24.73 -5.62 5.31
CA PRO A 71 25.91 -5.49 4.44
C PRO A 71 27.20 -5.57 5.23
N ALA A 72 28.14 -6.36 4.74
CA ALA A 72 29.44 -6.49 5.38
C ALA A 72 30.28 -5.22 5.18
N LEU A 73 29.99 -4.20 5.95
CA LEU A 73 30.72 -2.93 5.86
C LEU A 73 31.86 -2.89 6.84
N SER A 74 32.89 -2.13 6.48
CA SER A 74 34.08 -1.96 7.30
C SER A 74 33.79 -1.31 8.67
N SER A 75 34.30 -1.98 9.72
CA SER A 75 34.12 -1.55 11.10
C SER A 75 35.18 -0.56 11.60
N HIS A 76 34.73 0.42 12.39
CA HIS A 76 35.60 1.45 12.97
C HIS A 76 35.65 1.31 14.50
N THR A 77 36.82 1.55 15.08
CA THR A 77 36.98 1.51 16.53
C THR A 77 36.38 2.82 17.07
N PRO A 78 35.52 2.71 18.09
CA PRO A 78 34.87 3.87 18.71
C PRO A 78 35.81 5.00 19.08
N ALA A 79 35.42 6.21 18.67
CA ALA A 79 36.19 7.41 18.93
C ALA A 79 35.21 8.58 18.97
N GLY A 80 35.48 9.55 19.82
CA GLY A 80 34.60 10.71 19.92
C GLY A 80 33.37 10.44 20.77
N LYS A 81 32.46 11.39 20.80
CA LYS A 81 31.25 11.28 21.59
C LYS A 81 30.25 10.26 21.08
N LEU A 82 29.66 9.52 22.03
CA LEU A 82 28.67 8.49 21.74
C LEU A 82 27.28 9.07 21.91
N LEU A 83 26.38 8.72 20.97
CA LEU A 83 25.00 9.16 21.00
C LEU A 83 24.13 8.00 20.55
N LEU A 84 23.58 7.28 21.53
CA LEU A 84 22.73 6.13 21.29
C LEU A 84 21.30 6.54 21.01
N VAL A 85 20.73 5.97 19.95
CA VAL A 85 19.35 6.26 19.55
C VAL A 85 18.49 5.00 19.61
N THR A 86 17.64 4.94 20.63
CA THR A 86 16.75 3.80 20.84
C THR A 86 15.33 4.31 20.71
N PRO A 87 14.36 3.40 20.58
CA PRO A 87 12.97 3.87 20.47
C PRO A 87 12.65 4.51 21.80
N ARG A 88 11.68 5.41 21.85
CA ARG A 88 11.38 6.04 23.12
C ARG A 88 11.02 4.96 24.14
N PRO A 89 11.49 5.12 25.39
CA PRO A 89 11.21 4.17 26.46
C PRO A 89 9.72 3.96 26.67
N GLY A 90 9.33 2.72 26.97
CA GLY A 90 7.93 2.39 27.15
C GLY A 90 7.30 2.07 25.81
N THR A 91 8.16 1.72 24.86
CA THR A 91 7.73 1.38 23.51
C THR A 91 8.49 0.19 22.99
N ILE A 92 7.77 -0.72 22.36
CA ILE A 92 8.35 -1.90 21.76
C ILE A 92 8.18 -1.65 20.27
N SER A 93 9.27 -1.80 19.52
CA SER A 93 9.25 -1.56 18.08
C SER A 93 9.04 -2.84 17.28
N PRO A 94 8.53 -2.69 16.05
CA PRO A 94 8.27 -3.81 15.15
C PRO A 94 9.52 -4.68 14.97
N TRP A 95 10.68 -4.02 14.84
CA TRP A 95 11.94 -4.72 14.69
C TRP A 95 12.06 -5.69 15.85
N SER A 96 11.81 -5.18 17.05
CA SER A 96 11.88 -5.97 18.26
C SER A 96 10.98 -7.19 18.21
N SER A 97 9.69 -6.96 17.99
CA SER A 97 8.73 -8.05 17.94
C SER A 97 9.14 -9.14 16.94
N LYS A 98 9.44 -8.75 15.71
CA LYS A 98 9.83 -9.71 14.70
C LYS A 98 11.18 -10.33 15.08
N ALA A 99 12.13 -9.51 15.50
CA ALA A 99 13.44 -10.01 15.88
C ALA A 99 13.33 -10.99 17.03
N THR A 100 12.48 -10.66 18.00
CA THR A 100 12.30 -11.52 19.16
C THR A 100 11.64 -12.83 18.74
N ASP A 101 10.79 -12.78 17.72
CA ASP A 101 10.15 -13.99 17.23
C ASP A 101 11.27 -14.97 16.96
N ILE A 102 12.10 -14.61 15.99
CA ILE A 102 13.24 -15.40 15.54
C ILE A 102 14.02 -16.06 16.67
N ALA A 103 14.32 -15.28 17.71
CA ALA A 103 15.05 -15.80 18.85
C ALA A 103 14.37 -17.06 19.39
N HIS A 104 13.08 -16.97 19.66
CA HIS A 104 12.28 -18.08 20.20
C HIS A 104 12.22 -19.27 19.27
N ASN A 105 12.03 -19.03 17.97
CA ASN A 105 11.95 -20.10 16.98
C ASN A 105 13.31 -20.78 16.87
N CYS A 106 14.29 -20.25 17.60
CA CYS A 106 15.63 -20.78 17.61
C CYS A 106 16.02 -21.33 19.00
N GLY A 107 15.01 -21.72 19.77
CA GLY A 107 15.21 -22.31 21.09
C GLY A 107 15.78 -21.44 22.19
N LEU A 108 15.96 -20.16 21.88
CA LEU A 108 16.48 -19.23 22.87
C LEU A 108 15.29 -18.63 23.60
N GLN A 109 14.78 -19.40 24.57
CA GLN A 109 13.65 -18.99 25.38
C GLN A 109 14.09 -18.05 26.48
N GLN A 110 15.39 -18.07 26.77
CA GLN A 110 15.95 -17.19 27.78
C GLN A 110 15.83 -15.75 27.26
N VAL A 111 15.83 -15.60 25.94
CA VAL A 111 15.70 -14.29 25.31
C VAL A 111 14.27 -13.82 25.50
N ASP A 112 14.09 -12.88 26.42
CA ASP A 112 12.79 -12.33 26.74
C ASP A 112 12.35 -11.33 25.67
N ARG A 113 13.26 -10.46 25.27
CA ARG A 113 13.01 -9.46 24.22
C ARG A 113 14.33 -8.92 23.66
N LEU A 114 14.33 -8.70 22.35
CA LEU A 114 15.48 -8.15 21.64
C LEU A 114 15.07 -6.77 21.14
N GLU A 115 15.94 -5.78 21.31
CA GLU A 115 15.61 -4.44 20.85
C GLU A 115 16.89 -3.90 20.23
N ARG A 116 16.74 -3.08 19.19
CA ARG A 116 17.90 -2.51 18.51
C ARG A 116 17.95 -1.00 18.55
N GLY A 117 19.16 -0.46 18.46
CA GLY A 117 19.35 0.98 18.47
C GLY A 117 20.59 1.33 17.68
N VAL A 118 20.73 2.60 17.32
CA VAL A 118 21.88 3.06 16.55
C VAL A 118 22.82 3.87 17.44
N ALA A 119 24.09 3.49 17.44
CA ALA A 119 25.11 4.17 18.24
C ALA A 119 25.98 5.12 17.43
N TYR A 120 25.68 6.42 17.52
CA TYR A 120 26.47 7.39 16.77
C TYR A 120 27.74 7.78 17.49
N TYR A 121 28.86 7.79 16.77
CA TYR A 121 30.17 8.19 17.30
C TYR A 121 30.56 9.41 16.51
N ILE A 122 30.41 10.58 17.13
CA ILE A 122 30.70 11.84 16.47
C ILE A 122 32.02 12.51 16.85
N GLU A 123 32.62 13.18 15.89
CA GLU A 123 33.88 13.90 16.12
C GLU A 123 33.79 15.36 15.66
N ALA A 124 33.60 16.24 16.63
CA ALA A 124 33.47 17.68 16.42
C ALA A 124 34.06 18.32 17.67
N SER A 125 33.73 17.68 18.79
CA SER A 125 34.18 18.00 20.16
C SER A 125 34.53 19.47 20.56
N THR A 126 33.82 20.43 19.99
CA THR A 126 34.06 21.84 20.30
C THR A 126 32.73 22.58 20.22
N LEU A 127 31.71 21.99 20.83
CA LEU A 127 30.37 22.56 20.82
C LEU A 127 29.86 22.66 22.24
N THR A 128 28.99 23.66 22.48
CA THR A 128 28.39 23.84 23.81
C THR A 128 27.27 22.83 23.93
N ALA A 129 26.83 22.52 25.16
CA ALA A 129 25.74 21.56 25.39
C ALA A 129 24.59 21.88 24.43
N GLU A 130 24.41 23.19 24.18
CA GLU A 130 23.39 23.72 23.30
C GLU A 130 23.50 23.14 21.89
N GLN A 131 24.68 23.34 21.30
CA GLN A 131 25.00 22.87 19.95
C GLN A 131 24.88 21.35 19.86
N TRP A 132 25.03 20.68 21.00
CA TRP A 132 24.94 19.22 21.09
C TRP A 132 23.50 18.71 20.99
N ARG A 133 22.56 19.39 21.64
CA ARG A 133 21.16 18.98 21.55
C ARG A 133 20.72 19.06 20.08
N GLN A 134 21.36 19.98 19.33
CA GLN A 134 21.07 20.17 17.91
C GLN A 134 21.57 18.97 17.13
N VAL A 135 22.83 18.58 17.42
CA VAL A 135 23.45 17.42 16.79
C VAL A 135 22.54 16.22 17.04
N ALA A 136 22.07 16.10 18.28
CA ALA A 136 21.17 15.04 18.71
C ALA A 136 19.88 15.10 17.90
N ALA A 137 19.29 16.29 17.88
CA ALA A 137 18.05 16.53 17.15
C ALA A 137 18.10 16.03 15.69
N GLU A 138 19.29 16.08 15.10
CA GLU A 138 19.48 15.64 13.72
C GLU A 138 19.72 14.13 13.63
N LEU A 139 19.71 13.44 14.78
CA LEU A 139 19.98 12.00 14.82
C LEU A 139 18.85 11.09 15.21
N HIS A 140 17.65 11.64 15.39
CA HIS A 140 16.52 10.83 15.79
C HIS A 140 15.20 11.45 15.43
N ASP A 141 14.12 10.69 15.63
CA ASP A 141 12.76 11.14 15.34
C ASP A 141 12.19 11.54 16.70
N ARG A 142 11.92 12.83 16.91
CA ARG A 142 11.39 13.28 18.21
C ARG A 142 10.09 12.60 18.61
N MET A 143 9.41 12.02 17.63
CA MET A 143 8.12 11.34 17.83
C MET A 143 8.17 9.83 18.08
N MET A 144 9.35 9.23 17.95
CA MET A 144 9.49 7.79 18.14
C MET A 144 10.72 7.35 18.94
N GLU A 145 11.85 7.99 18.69
CA GLU A 145 13.11 7.65 19.34
C GLU A 145 13.49 8.65 20.43
N THR A 146 14.63 8.38 21.06
CA THR A 146 15.20 9.24 22.10
C THR A 146 16.70 8.96 22.15
N VAL A 147 17.48 9.94 22.57
CA VAL A 147 18.91 9.79 22.61
C VAL A 147 19.40 9.47 24.02
N PHE A 148 20.44 8.63 24.11
CA PHE A 148 21.04 8.22 25.38
C PHE A 148 22.55 8.47 25.32
N SER A 149 23.15 8.76 26.47
CA SER A 149 24.59 9.03 26.54
C SER A 149 25.44 7.86 26.94
N SER A 150 24.84 6.69 27.12
CA SER A 150 25.59 5.51 27.49
C SER A 150 24.87 4.28 26.96
N LEU A 151 25.61 3.31 26.46
CA LEU A 151 24.98 2.09 25.92
C LEU A 151 24.18 1.40 27.02
N THR A 152 24.74 1.42 28.23
CA THR A 152 24.11 0.81 29.37
C THR A 152 22.81 1.55 29.71
N ASP A 153 22.71 2.80 29.27
CA ASP A 153 21.51 3.59 29.54
C ASP A 153 20.21 3.00 29.01
N ALA A 154 20.34 2.07 28.05
CA ALA A 154 19.20 1.41 27.42
C ALA A 154 18.43 0.43 28.30
N GLU A 155 18.84 0.30 29.56
CA GLU A 155 18.16 -0.61 30.49
C GLU A 155 16.73 -0.11 30.76
N LYS A 156 16.58 1.21 30.67
CA LYS A 156 15.31 1.88 30.88
C LYS A 156 14.28 1.40 29.86
N LEU A 157 14.74 0.80 28.77
CA LEU A 157 13.84 0.30 27.74
C LEU A 157 13.04 -0.94 28.17
N PHE A 158 13.67 -1.80 28.97
CA PHE A 158 13.02 -3.03 29.40
C PHE A 158 12.53 -2.97 30.84
N ILE A 159 12.07 -1.80 31.28
CA ILE A 159 11.58 -1.70 32.65
C ILE A 159 10.16 -2.25 32.86
N HIS A 160 10.08 -3.30 33.68
CA HIS A 160 8.83 -3.97 34.02
C HIS A 160 7.93 -3.04 34.79
N HIS A 161 6.63 -3.13 34.54
CA HIS A 161 5.69 -2.28 35.23
C HIS A 161 4.53 -3.05 35.85
N GLN A 162 3.99 -2.49 36.93
CA GLN A 162 2.87 -3.11 37.60
C GLN A 162 1.53 -2.67 36.99
N PRO A 163 0.60 -3.63 36.79
CA PRO A 163 -0.72 -3.33 36.22
C PRO A 163 -1.42 -2.25 37.05
N ALA A 164 -1.72 -1.13 36.42
CA ALA A 164 -2.39 -0.01 37.08
C ALA A 164 -3.87 -0.32 37.23
N PRO A 165 -4.46 0.04 38.39
CA PRO A 165 -5.89 -0.20 38.66
C PRO A 165 -6.86 0.71 37.89
N VAL A 166 -8.14 0.38 37.97
CA VAL A 166 -9.17 1.18 37.31
C VAL A 166 -9.65 2.24 38.31
N SER A 167 -9.85 3.47 37.84
CA SER A 167 -10.33 4.53 38.70
C SER A 167 -11.80 4.79 38.37
N SER A 168 -12.51 5.46 39.27
CA SER A 168 -13.92 5.75 39.03
C SER A 168 -14.32 7.20 39.27
N VAL A 169 -15.12 7.72 38.35
CA VAL A 169 -15.64 9.07 38.41
C VAL A 169 -16.74 9.07 39.45
N ASP A 170 -16.60 9.88 40.49
CA ASP A 170 -17.59 9.94 41.56
C ASP A 170 -18.79 10.80 41.25
N LEU A 171 -19.81 10.19 40.67
CA LEU A 171 -21.03 10.89 40.30
C LEU A 171 -21.91 11.08 41.50
N LEU A 172 -22.18 9.98 42.19
CA LEU A 172 -23.05 10.00 43.35
C LEU A 172 -22.63 10.93 44.50
N GLY A 173 -21.33 11.02 44.76
CA GLY A 173 -20.82 11.85 45.84
C GLY A 173 -20.36 13.26 45.51
N GLU A 174 -20.04 13.53 44.24
CA GLU A 174 -19.59 14.87 43.85
C GLU A 174 -20.60 15.60 42.95
N GLY A 175 -21.52 14.83 42.38
CA GLY A 175 -22.52 15.40 41.52
C GLY A 175 -22.09 15.41 40.07
N ARG A 176 -22.81 16.14 39.24
CA ARG A 176 -22.52 16.25 37.81
C ARG A 176 -21.11 16.83 37.59
N GLN A 177 -20.64 17.67 38.53
CA GLN A 177 -19.32 18.27 38.40
C GLN A 177 -18.28 17.22 38.07
N ALA A 178 -18.39 16.05 38.69
CA ALA A 178 -17.46 14.94 38.48
C ALA A 178 -17.41 14.52 37.01
N LEU A 179 -18.56 14.60 36.34
CA LEU A 179 -18.63 14.25 34.93
C LEU A 179 -17.93 15.31 34.13
N ILE A 180 -18.01 16.56 34.60
CA ILE A 180 -17.35 17.67 33.93
C ILE A 180 -15.82 17.51 34.05
N ASP A 181 -15.32 17.32 35.28
CA ASP A 181 -13.88 17.16 35.54
C ASP A 181 -13.25 16.01 34.75
N ALA A 182 -13.93 14.86 34.77
CA ALA A 182 -13.47 13.68 34.06
C ALA A 182 -13.48 13.89 32.55
N ASN A 183 -14.41 14.73 32.10
CA ASN A 183 -14.54 15.04 30.69
C ASN A 183 -13.31 15.78 30.16
N LEU A 184 -12.74 16.63 31.00
CA LEU A 184 -11.55 17.38 30.63
C LEU A 184 -10.30 16.57 30.94
N ARG A 185 -10.25 15.98 32.14
CA ARG A 185 -9.13 15.15 32.59
C ARG A 185 -8.78 14.08 31.55
N LEU A 186 -9.75 13.22 31.27
CA LEU A 186 -9.58 12.14 30.30
C LEU A 186 -9.73 12.65 28.88
N GLY A 187 -10.14 13.91 28.73
CA GLY A 187 -10.33 14.48 27.40
C GLY A 187 -11.24 13.60 26.56
N LEU A 188 -12.51 13.51 26.95
CA LEU A 188 -13.50 12.68 26.26
C LEU A 188 -14.22 13.40 25.14
N ALA A 189 -14.09 14.73 25.09
CA ALA A 189 -14.73 15.56 24.07
C ALA A 189 -16.24 15.32 24.02
N LEU A 190 -16.85 15.26 25.19
CA LEU A 190 -18.28 15.05 25.32
C LEU A 190 -19.05 16.36 25.28
N ALA A 191 -20.17 16.35 24.57
CA ALA A 191 -21.03 17.53 24.45
C ALA A 191 -21.98 17.64 25.64
N GLU A 192 -22.57 18.82 25.81
CA GLU A 192 -23.53 19.08 26.90
C GLU A 192 -24.61 17.99 26.94
N ASP A 193 -25.46 17.97 25.91
CA ASP A 193 -26.55 17.00 25.79
C ASP A 193 -26.13 15.56 26.17
N GLU A 194 -24.86 15.22 25.93
CA GLU A 194 -24.34 13.89 26.23
C GLU A 194 -23.93 13.67 27.69
N ILE A 195 -23.36 14.71 28.32
CA ILE A 195 -22.98 14.59 29.73
C ILE A 195 -24.30 14.43 30.47
N ASP A 196 -25.35 15.08 29.96
CA ASP A 196 -26.68 14.98 30.54
C ASP A 196 -27.04 13.50 30.53
N TYR A 197 -26.93 12.88 29.34
CA TYR A 197 -27.26 11.47 29.20
C TYR A 197 -26.57 10.56 30.20
N LEU A 198 -25.24 10.64 30.24
CA LEU A 198 -24.45 9.83 31.16
C LEU A 198 -24.93 10.06 32.59
N GLN A 199 -25.07 11.34 32.94
CA GLN A 199 -25.53 11.77 34.26
C GLN A 199 -26.74 10.96 34.72
N GLU A 200 -27.79 10.96 33.89
CA GLU A 200 -29.00 10.23 34.22
C GLU A 200 -28.79 8.71 34.30
N ALA A 201 -28.31 8.12 33.20
CA ALA A 201 -28.08 6.69 33.10
C ALA A 201 -27.39 6.05 34.30
N PHE A 202 -26.37 6.73 34.83
CA PHE A 202 -25.65 6.19 35.97
C PHE A 202 -26.35 6.39 37.31
N THR A 203 -27.28 7.33 37.36
CA THR A 203 -28.02 7.55 38.59
C THR A 203 -29.10 6.46 38.65
N LYS A 204 -29.59 6.08 37.47
CA LYS A 204 -30.60 5.05 37.33
C LYS A 204 -30.01 3.73 37.80
N LEU A 205 -28.71 3.57 37.61
CA LEU A 205 -28.04 2.36 38.03
C LEU A 205 -27.74 2.46 39.53
N GLY A 206 -27.14 3.57 39.95
CA GLY A 206 -26.83 3.75 41.35
C GLY A 206 -25.40 3.46 41.75
N ARG A 207 -24.47 3.69 40.84
CA ARG A 207 -23.04 3.47 41.11
C ARG A 207 -22.28 4.44 40.24
N ASN A 208 -21.02 4.65 40.56
CA ASN A 208 -20.23 5.57 39.77
C ASN A 208 -19.71 4.96 38.48
N PRO A 209 -19.71 5.75 37.40
CA PRO A 209 -19.23 5.24 36.12
C PRO A 209 -17.72 5.05 36.26
N ASN A 210 -17.19 3.97 35.67
CA ASN A 210 -15.76 3.69 35.71
C ASN A 210 -15.10 4.39 34.52
N ASP A 211 -13.98 5.08 34.75
CA ASP A 211 -13.28 5.81 33.69
C ASP A 211 -13.27 5.08 32.37
N ILE A 212 -13.11 3.76 32.44
CA ILE A 212 -13.10 2.88 31.29
C ILE A 212 -14.44 2.94 30.54
N GLU A 213 -15.54 2.81 31.28
CA GLU A 213 -16.89 2.85 30.70
C GLU A 213 -17.15 4.19 30.05
N LEU A 214 -16.73 5.25 30.73
CA LEU A 214 -16.90 6.61 30.27
C LEU A 214 -16.16 6.88 28.96
N TYR A 215 -14.93 6.38 28.89
CA TYR A 215 -14.06 6.54 27.72
C TYR A 215 -14.64 5.75 26.55
N MET A 216 -15.03 4.51 26.82
CA MET A 216 -15.63 3.67 25.79
C MET A 216 -16.82 4.41 25.20
N PHE A 217 -17.66 4.98 26.06
CA PHE A 217 -18.82 5.75 25.62
C PHE A 217 -18.38 6.87 24.69
N ALA A 218 -17.42 7.67 25.16
CA ALA A 218 -16.89 8.79 24.40
C ALA A 218 -16.55 8.37 22.98
N GLN A 219 -15.95 7.19 22.86
CA GLN A 219 -15.56 6.63 21.56
C GLN A 219 -16.77 6.28 20.72
N ALA A 220 -17.62 5.41 21.25
CA ALA A 220 -18.82 4.95 20.56
C ALA A 220 -19.75 6.08 20.13
N ASN A 221 -19.69 7.21 20.82
CA ASN A 221 -20.56 8.34 20.46
C ASN A 221 -19.80 9.59 20.01
N SER A 222 -18.76 9.38 19.21
CA SER A 222 -17.95 10.48 18.68
C SER A 222 -18.33 10.72 17.22
N GLU A 223 -18.01 11.91 16.71
CA GLU A 223 -18.33 12.26 15.32
C GLU A 223 -17.86 11.19 14.34
N HIS A 224 -16.66 10.65 14.59
CA HIS A 224 -16.09 9.62 13.73
C HIS A 224 -16.87 8.31 13.77
N CYS A 225 -17.10 7.77 14.96
CA CYS A 225 -17.78 6.50 15.12
C CYS A 225 -19.26 6.49 14.85
N ARG A 226 -19.91 7.64 14.93
CA ARG A 226 -21.35 7.68 14.70
C ARG A 226 -21.70 8.38 13.38
N HIS A 227 -20.70 9.03 12.77
CA HIS A 227 -20.88 9.75 11.51
C HIS A 227 -22.09 10.66 11.66
N LYS A 228 -22.02 11.55 12.66
CA LYS A 228 -23.13 12.44 12.97
C LYS A 228 -23.47 13.48 11.91
N ILE A 229 -22.45 14.07 11.29
CA ILE A 229 -22.67 15.08 10.26
C ILE A 229 -23.35 14.42 9.07
N PHE A 230 -22.84 13.25 8.69
CA PHE A 230 -23.41 12.55 7.55
C PHE A 230 -24.83 12.03 7.75
N ASN A 231 -25.36 12.18 8.96
CA ASN A 231 -26.71 11.73 9.28
C ASN A 231 -27.61 12.83 9.88
N ALA A 232 -27.16 14.08 9.74
CA ALA A 232 -27.87 15.23 10.28
C ALA A 232 -28.99 15.72 9.39
N ASP A 233 -29.95 16.43 10.00
CA ASP A 233 -31.08 17.04 9.29
C ASP A 233 -30.47 18.33 8.75
N TRP A 234 -30.67 18.62 7.47
CA TRP A 234 -30.10 19.84 6.90
C TRP A 234 -31.09 20.98 6.65
N ILE A 235 -30.55 22.21 6.72
CA ILE A 235 -31.31 23.45 6.48
C ILE A 235 -30.39 24.39 5.71
N ILE A 236 -30.61 24.49 4.41
CA ILE A 236 -29.81 25.34 3.53
C ILE A 236 -30.58 26.60 3.14
N ASP A 237 -30.14 27.74 3.68
CA ASP A 237 -30.73 29.06 3.43
C ASP A 237 -32.16 29.20 3.92
N GLY A 238 -32.41 28.78 5.16
CA GLY A 238 -33.74 28.90 5.72
C GLY A 238 -34.74 27.86 5.23
N LYS A 239 -34.41 27.15 4.17
CA LYS A 239 -35.27 26.09 3.64
C LYS A 239 -34.73 24.77 4.17
N PRO A 240 -35.55 24.01 4.92
CA PRO A 240 -35.08 22.73 5.47
C PRO A 240 -34.93 21.69 4.35
N GLN A 241 -34.15 20.64 4.62
CA GLN A 241 -33.94 19.60 3.60
C GLN A 241 -34.66 18.28 3.87
N PRO A 242 -34.92 17.49 2.81
CA PRO A 242 -35.61 16.20 2.84
C PRO A 242 -34.77 15.00 3.27
N LYS A 243 -33.62 14.83 2.65
CA LYS A 243 -32.74 13.72 2.97
C LYS A 243 -31.45 14.19 3.63
N SER A 244 -30.77 13.27 4.29
CA SER A 244 -29.48 13.59 4.93
C SER A 244 -28.42 13.35 3.86
N LEU A 245 -27.15 13.35 4.24
CA LEU A 245 -26.09 13.10 3.27
C LEU A 245 -26.00 11.61 2.97
N PHE A 246 -26.03 10.81 4.01
CA PHE A 246 -25.94 9.37 3.84
C PHE A 246 -27.14 8.83 3.09
N LYS A 247 -28.33 9.36 3.38
CA LYS A 247 -29.55 8.91 2.71
C LYS A 247 -29.50 9.20 1.23
N MET A 248 -28.80 10.27 0.86
CA MET A 248 -28.65 10.64 -0.54
C MET A 248 -27.64 9.74 -1.22
N ILE A 249 -26.66 9.25 -0.45
CA ILE A 249 -25.66 8.33 -0.98
C ILE A 249 -26.35 6.98 -1.13
N LYS A 250 -27.20 6.66 -0.15
CA LYS A 250 -27.97 5.43 -0.12
C LYS A 250 -28.91 5.37 -1.32
N ASN A 251 -29.21 6.55 -1.85
CA ASN A 251 -30.10 6.68 -3.00
C ASN A 251 -29.57 5.89 -4.18
N THR A 252 -28.28 6.02 -4.45
CA THR A 252 -27.68 5.33 -5.58
C THR A 252 -27.81 3.81 -5.53
N PHE A 253 -28.09 3.26 -4.34
CA PHE A 253 -28.25 1.82 -4.19
C PHE A 253 -29.71 1.41 -4.30
N GLU A 254 -30.59 2.38 -4.19
CA GLU A 254 -32.00 2.11 -4.31
C GLU A 254 -32.33 2.17 -5.79
N THR A 255 -31.62 3.02 -6.53
CA THR A 255 -31.86 3.16 -7.97
C THR A 255 -31.08 2.20 -8.83
N THR A 256 -29.96 1.68 -8.33
CA THR A 256 -29.15 0.74 -9.11
C THR A 256 -28.63 -0.35 -8.18
N PRO A 257 -29.52 -1.26 -7.77
CA PRO A 257 -29.20 -2.36 -6.85
C PRO A 257 -28.45 -3.53 -7.51
N ASP A 258 -28.32 -3.44 -8.84
CA ASP A 258 -27.68 -4.46 -9.66
C ASP A 258 -26.28 -4.90 -9.23
N TYR A 259 -26.03 -6.20 -9.37
CA TYR A 259 -24.73 -6.80 -9.06
C TYR A 259 -24.18 -6.63 -7.64
N VAL A 260 -24.90 -5.94 -6.76
CA VAL A 260 -24.43 -5.72 -5.40
C VAL A 260 -24.88 -6.84 -4.45
N LEU A 261 -23.92 -7.48 -3.81
CA LEU A 261 -24.19 -8.57 -2.87
C LEU A 261 -24.25 -8.11 -1.42
N SER A 262 -23.52 -7.06 -1.09
CA SER A 262 -23.51 -6.53 0.26
C SER A 262 -23.09 -5.08 0.20
N ALA A 263 -23.80 -4.24 0.95
CA ALA A 263 -23.51 -2.82 0.96
C ALA A 263 -24.06 -2.16 2.21
N TYR A 264 -23.26 -1.31 2.83
CA TYR A 264 -23.68 -0.57 4.03
C TYR A 264 -24.00 -1.45 5.24
N LYS A 265 -23.29 -2.56 5.41
CA LYS A 265 -23.53 -3.46 6.54
C LYS A 265 -22.37 -4.43 6.78
N ASP A 266 -21.16 -3.97 6.47
CA ASP A 266 -19.95 -4.77 6.64
C ASP A 266 -18.76 -3.82 6.68
N ASN A 267 -17.54 -4.37 6.59
CA ASN A 267 -16.35 -3.52 6.60
C ASN A 267 -16.10 -2.99 5.19
N ALA A 268 -16.73 -3.65 4.22
CA ALA A 268 -16.62 -3.30 2.80
C ALA A 268 -17.93 -3.61 2.08
N ALA A 269 -17.91 -3.44 0.76
CA ALA A 269 -19.07 -3.73 -0.06
C ALA A 269 -18.61 -4.88 -0.93
N VAL A 270 -19.55 -5.70 -1.40
CA VAL A 270 -19.22 -6.85 -2.22
C VAL A 270 -20.11 -6.91 -3.45
N MET A 271 -19.51 -7.02 -4.63
CA MET A 271 -20.24 -7.11 -5.88
C MET A 271 -19.95 -8.45 -6.53
N GLU A 272 -20.69 -8.78 -7.59
CA GLU A 272 -20.49 -10.03 -8.31
C GLU A 272 -19.20 -10.06 -9.09
N GLY A 273 -18.52 -11.20 -9.00
CA GLY A 273 -17.26 -11.39 -9.69
C GLY A 273 -17.43 -12.25 -10.92
N SER A 274 -16.75 -13.39 -10.94
CA SER A 274 -16.85 -14.29 -12.09
C SER A 274 -16.66 -15.74 -11.68
N ALA A 275 -16.83 -16.65 -12.64
CA ALA A 275 -16.68 -18.09 -12.42
C ALA A 275 -15.24 -18.52 -12.73
N VAL A 276 -14.37 -18.42 -11.72
CA VAL A 276 -12.97 -18.75 -11.88
C VAL A 276 -12.49 -19.92 -11.02
N GLY A 277 -11.25 -20.35 -11.26
CA GLY A 277 -10.66 -21.44 -10.48
C GLY A 277 -9.88 -20.93 -9.28
N ARG A 278 -10.56 -20.87 -8.13
CA ARG A 278 -9.95 -20.39 -6.90
C ARG A 278 -8.88 -21.39 -6.49
N TYR A 279 -7.63 -20.95 -6.49
CA TYR A 279 -6.52 -21.84 -6.16
C TYR A 279 -6.00 -21.74 -4.73
N PHE A 280 -5.97 -22.86 -4.03
CA PHE A 280 -5.46 -22.91 -2.66
C PHE A 280 -5.19 -24.32 -2.17
N ALA A 281 -4.34 -24.43 -1.15
CA ALA A 281 -3.98 -25.73 -0.56
C ALA A 281 -5.11 -26.34 0.23
N ASP A 282 -5.49 -27.54 -0.18
CA ASP A 282 -6.54 -28.31 0.44
C ASP A 282 -6.22 -28.60 1.90
N HIS A 283 -7.23 -28.56 2.76
CA HIS A 283 -7.04 -28.78 4.18
C HIS A 283 -6.54 -30.15 4.63
N ASN A 284 -7.03 -31.21 4.00
CA ASN A 284 -6.65 -32.60 4.34
C ASN A 284 -5.41 -33.08 3.59
N THR A 285 -5.49 -33.01 2.26
CA THR A 285 -4.39 -33.45 1.41
C THR A 285 -3.16 -32.55 1.47
N GLY A 286 -3.35 -31.29 1.86
CA GLY A 286 -2.25 -30.35 1.92
C GLY A 286 -1.69 -30.13 0.52
N ARG A 287 -2.60 -30.03 -0.46
CA ARG A 287 -2.20 -29.85 -1.84
C ARG A 287 -3.02 -28.76 -2.51
N TYR A 288 -2.31 -27.86 -3.20
CA TYR A 288 -2.97 -26.76 -3.91
C TYR A 288 -3.78 -27.35 -5.05
N ASP A 289 -5.03 -26.88 -5.19
CA ASP A 289 -5.94 -27.35 -6.23
C ASP A 289 -6.82 -26.19 -6.74
N PHE A 290 -7.31 -26.30 -7.97
CA PHE A 290 -8.18 -25.26 -8.52
C PHE A 290 -9.64 -25.60 -8.20
N HIS A 291 -10.34 -24.70 -7.55
CA HIS A 291 -11.74 -24.91 -7.23
C HIS A 291 -12.59 -24.03 -8.13
N GLN A 292 -13.23 -24.65 -9.11
CA GLN A 292 -14.07 -23.94 -10.06
C GLN A 292 -15.33 -23.45 -9.35
N GLU A 293 -15.33 -22.17 -9.00
CA GLU A 293 -16.45 -21.56 -8.28
C GLU A 293 -16.46 -20.05 -8.44
N PRO A 294 -17.58 -19.40 -8.07
CA PRO A 294 -17.73 -17.95 -8.17
C PRO A 294 -16.78 -17.27 -7.20
N ALA A 295 -16.05 -16.30 -7.74
CA ALA A 295 -15.12 -15.53 -6.94
C ALA A 295 -15.65 -14.12 -7.01
N HIS A 296 -16.23 -13.65 -5.91
CA HIS A 296 -16.79 -12.31 -5.87
C HIS A 296 -15.80 -11.23 -5.45
N ILE A 297 -16.07 -9.99 -5.86
CA ILE A 297 -15.20 -8.85 -5.61
C ILE A 297 -15.69 -7.90 -4.53
N LEU A 298 -14.88 -7.69 -3.50
CA LEU A 298 -15.24 -6.76 -2.42
C LEU A 298 -14.33 -5.56 -2.57
N MET A 299 -14.80 -4.39 -2.15
CA MET A 299 -13.99 -3.19 -2.25
C MET A 299 -14.14 -2.26 -1.04
N LYS A 300 -13.07 -1.54 -0.73
CA LYS A 300 -13.05 -0.59 0.40
C LYS A 300 -11.91 0.43 0.22
N VAL A 301 -12.13 1.64 0.70
CA VAL A 301 -11.14 2.74 0.65
C VAL A 301 -11.26 3.62 1.90
N GLU A 302 -10.18 3.71 2.68
CA GLU A 302 -10.18 4.51 3.93
C GLU A 302 -9.19 5.68 3.95
N THR A 303 -9.32 6.55 4.95
CA THR A 303 -8.46 7.73 5.06
C THR A 303 -7.86 8.03 6.44
N HIS A 304 -6.58 7.71 6.56
CA HIS A 304 -5.82 7.91 7.80
C HIS A 304 -5.10 9.27 7.72
N ASN A 305 -5.87 10.35 7.66
CA ASN A 305 -5.35 11.72 7.50
C ASN A 305 -4.54 12.39 8.61
N HIS A 306 -5.15 12.69 9.76
CA HIS A 306 -4.43 13.37 10.86
C HIS A 306 -3.16 12.69 11.34
N PRO A 307 -3.24 11.39 11.71
CA PRO A 307 -2.06 10.66 12.18
C PRO A 307 -0.91 10.70 11.19
N THR A 308 -1.22 11.00 9.94
CA THR A 308 -0.22 11.08 8.89
C THR A 308 0.56 12.38 9.01
N ALA A 309 -0.12 13.44 9.45
CA ALA A 309 0.52 14.75 9.61
C ALA A 309 1.51 14.77 10.78
N ILE A 310 1.27 13.92 11.77
CA ILE A 310 2.11 13.85 12.95
C ILE A 310 3.37 13.03 12.70
N SER A 311 3.19 11.77 12.34
CA SER A 311 4.29 10.84 12.05
C SER A 311 3.87 10.07 10.77
N PRO A 312 4.32 10.54 9.59
CA PRO A 312 4.07 10.03 8.23
C PRO A 312 4.15 8.54 7.94
N TRP A 313 5.25 7.90 8.33
CA TRP A 313 5.44 6.47 8.10
C TRP A 313 4.32 5.69 8.76
N PRO A 314 4.18 5.82 10.08
CA PRO A 314 3.11 5.10 10.79
C PRO A 314 1.76 5.43 10.19
N GLY A 315 1.59 6.69 9.83
CA GLY A 315 0.34 7.14 9.24
C GLY A 315 -0.08 6.34 8.04
N ALA A 316 0.77 6.28 7.03
CA ALA A 316 0.44 5.54 5.80
C ALA A 316 0.46 4.03 5.97
N ALA A 317 1.35 3.53 6.81
CA ALA A 317 1.43 2.09 7.06
C ALA A 317 0.10 1.62 7.58
N THR A 318 -0.32 2.19 8.71
CA THR A 318 -1.60 1.86 9.36
C THR A 318 -2.79 2.36 8.54
N GLY A 319 -2.50 2.93 7.38
CA GLY A 319 -3.54 3.41 6.48
C GLY A 319 -3.94 2.22 5.63
N SER A 320 -2.95 1.63 4.96
CA SER A 320 -3.20 0.47 4.12
C SER A 320 -3.58 -0.65 5.06
N GLY A 321 -2.87 -0.73 6.17
CA GLY A 321 -3.09 -1.76 7.16
C GLY A 321 -4.50 -1.87 7.70
N GLY A 322 -5.10 -0.73 8.01
CA GLY A 322 -6.47 -0.71 8.54
C GLY A 322 -7.47 -1.19 7.51
N GLU A 323 -7.25 -0.74 6.29
CA GLU A 323 -8.08 -1.09 5.15
C GLU A 323 -7.99 -2.59 4.90
N ILE A 324 -6.80 -3.14 5.00
CA ILE A 324 -6.58 -4.57 4.77
C ILE A 324 -7.31 -5.43 5.82
N ARG A 325 -7.46 -4.90 7.03
CA ARG A 325 -8.16 -5.62 8.07
C ARG A 325 -9.63 -5.68 7.68
N ASP A 326 -10.18 -4.53 7.29
CA ASP A 326 -11.56 -4.45 6.87
C ASP A 326 -11.81 -5.48 5.75
N GLU A 327 -10.96 -5.48 4.73
CA GLU A 327 -11.08 -6.41 3.60
C GLU A 327 -11.10 -7.84 4.08
N GLY A 328 -10.07 -8.21 4.83
CA GLY A 328 -9.97 -9.56 5.36
C GLY A 328 -11.15 -9.93 6.22
N ALA A 329 -11.63 -8.96 7.02
CA ALA A 329 -12.76 -9.14 7.94
C ALA A 329 -14.14 -8.93 7.31
N THR A 330 -14.18 -8.83 5.99
CA THR A 330 -15.42 -8.65 5.25
C THR A 330 -16.24 -9.94 5.30
N GLY A 331 -17.53 -9.81 5.57
CA GLY A 331 -18.40 -10.98 5.63
C GLY A 331 -17.91 -12.04 6.60
N ARG A 332 -17.84 -13.27 6.13
CA ARG A 332 -17.38 -14.38 6.96
C ARG A 332 -15.92 -14.73 6.68
N GLY A 333 -15.21 -13.84 6.00
CA GLY A 333 -13.81 -14.07 5.69
C GLY A 333 -13.52 -13.97 4.21
N ALA A 334 -12.52 -13.18 3.86
CA ALA A 334 -12.16 -13.01 2.46
C ALA A 334 -10.68 -12.76 2.30
N LYS A 335 -10.23 -12.60 1.06
CA LYS A 335 -8.82 -12.38 0.76
C LYS A 335 -8.56 -11.11 -0.04
N PRO A 336 -7.73 -10.20 0.49
CA PRO A 336 -7.38 -8.96 -0.19
C PRO A 336 -6.69 -9.36 -1.48
N LYS A 337 -6.96 -8.66 -2.57
CA LYS A 337 -6.33 -9.00 -3.85
C LYS A 337 -5.34 -7.98 -4.38
N ALA A 338 -5.71 -6.70 -4.29
CA ALA A 338 -4.88 -5.60 -4.75
C ALA A 338 -5.27 -4.36 -3.97
N GLY A 339 -4.53 -3.27 -4.20
CA GLY A 339 -4.79 -2.02 -3.50
C GLY A 339 -4.37 -0.73 -4.20
N LEU A 340 -4.90 0.40 -3.72
CA LEU A 340 -4.63 1.73 -4.28
C LEU A 340 -4.27 2.81 -3.25
N VAL A 341 -3.10 3.41 -3.43
CA VAL A 341 -2.60 4.47 -2.55
C VAL A 341 -3.05 5.85 -3.05
N GLY A 342 -3.07 6.83 -2.15
CA GLY A 342 -3.47 8.17 -2.52
C GLY A 342 -2.99 9.22 -1.54
N PHE A 343 -2.45 10.31 -2.06
CA PHE A 343 -1.92 11.39 -1.24
C PHE A 343 -2.34 12.77 -1.72
N SER A 344 -2.45 13.69 -0.77
CA SER A 344 -2.80 15.08 -1.04
C SER A 344 -2.04 15.88 -0.01
N VAL A 345 -1.15 16.74 -0.48
CA VAL A 345 -0.32 17.57 0.40
C VAL A 345 -0.15 19.00 -0.11
N SER A 346 0.57 19.81 0.67
CA SER A 346 0.84 21.20 0.29
C SER A 346 2.05 21.25 -0.64
N ASN A 347 2.54 22.46 -0.94
CA ASN A 347 3.69 22.63 -1.83
C ASN A 347 4.90 21.89 -1.24
N LEU A 348 5.65 21.20 -2.09
CA LEU A 348 6.80 20.44 -1.62
C LEU A 348 7.94 21.36 -1.20
N ARG A 349 8.29 22.27 -2.11
CA ARG A 349 9.39 23.21 -1.92
C ARG A 349 10.67 22.45 -1.70
N ILE A 350 10.99 21.59 -2.67
CA ILE A 350 12.20 20.79 -2.64
C ILE A 350 13.40 21.73 -2.73
N PRO A 351 14.25 21.76 -1.69
CA PRO A 351 15.43 22.64 -1.68
C PRO A 351 16.25 22.56 -2.97
N GLY A 352 16.38 23.69 -3.65
CA GLY A 352 17.13 23.72 -4.89
C GLY A 352 16.31 23.29 -6.08
N PHE A 353 14.98 23.25 -5.89
CA PHE A 353 14.04 22.87 -6.94
C PHE A 353 12.75 23.58 -6.63
N GLU A 354 12.92 24.78 -6.09
CA GLU A 354 11.82 25.65 -5.71
C GLU A 354 11.11 26.08 -6.97
N GLN A 355 9.83 25.76 -7.05
CA GLN A 355 9.04 26.12 -8.22
C GLN A 355 8.43 27.52 -8.11
N PRO A 356 8.19 28.18 -9.26
CA PRO A 356 7.62 29.53 -9.37
C PRO A 356 6.33 29.80 -8.59
N TRP A 357 5.48 28.80 -8.45
CA TRP A 357 4.23 29.00 -7.74
C TRP A 357 4.30 28.77 -6.23
N GLU A 358 5.44 28.29 -5.75
CA GLU A 358 5.61 27.99 -4.34
C GLU A 358 5.98 29.19 -3.47
N GLU A 359 5.23 29.37 -2.40
CA GLU A 359 5.50 30.45 -1.47
C GLU A 359 5.28 29.92 -0.07
N ASP A 360 6.33 29.99 0.74
CA ASP A 360 6.27 29.52 2.11
C ASP A 360 5.20 30.29 2.89
N PHE A 361 4.16 29.58 3.36
CA PHE A 361 3.09 30.23 4.13
C PHE A 361 3.16 29.83 5.60
N GLY A 362 4.29 29.27 5.98
CA GLY A 362 4.49 28.82 7.34
C GLY A 362 3.73 27.54 7.56
N LYS A 363 3.71 27.08 8.80
CA LYS A 363 3.00 25.87 9.17
C LYS A 363 3.17 25.69 10.65
N PRO A 364 2.29 24.91 11.28
CA PRO A 364 2.33 24.61 12.72
C PRO A 364 3.65 23.94 13.11
N GLU A 365 4.28 24.40 14.18
CA GLU A 365 5.55 23.84 14.64
C GLU A 365 5.40 22.34 14.98
N ARG A 366 4.22 21.99 15.48
CA ARG A 366 3.86 20.64 15.89
C ARG A 366 3.61 19.55 14.81
N ILE A 367 3.66 19.91 13.53
CA ILE A 367 3.45 18.93 12.44
C ILE A 367 4.63 18.84 11.47
N VAL A 368 4.54 17.96 10.47
CA VAL A 368 5.61 17.83 9.48
C VAL A 368 5.25 18.45 8.14
N THR A 369 6.28 18.93 7.45
CA THR A 369 6.17 19.58 6.14
C THR A 369 5.61 18.68 5.08
N ALA A 370 5.12 19.29 4.00
CA ALA A 370 4.54 18.54 2.89
C ALA A 370 5.56 17.60 2.27
N LEU A 371 6.79 18.08 2.10
CA LEU A 371 7.84 17.26 1.51
C LEU A 371 8.13 16.08 2.39
N ASP A 372 8.06 16.29 3.70
CA ASP A 372 8.33 15.22 4.64
C ASP A 372 7.28 14.12 4.47
N ILE A 373 6.01 14.51 4.42
CA ILE A 373 4.94 13.57 4.26
C ILE A 373 5.17 12.81 2.97
N MET A 374 5.55 13.51 1.91
CA MET A 374 5.80 12.87 0.63
C MET A 374 7.08 12.06 0.53
N THR A 375 7.85 12.02 1.60
CA THR A 375 9.08 11.23 1.59
C THR A 375 8.84 9.98 2.42
N GLU A 376 8.39 10.20 3.67
CA GLU A 376 8.12 9.13 4.64
C GLU A 376 6.76 8.45 4.51
N GLY A 377 5.77 9.21 4.03
CA GLY A 377 4.44 8.65 3.86
C GLY A 377 4.44 7.52 2.86
N PRO A 378 4.82 7.78 1.59
CA PRO A 378 4.85 6.77 0.54
C PRO A 378 5.57 5.52 0.99
N LEU A 379 6.67 5.69 1.71
CA LEU A 379 7.46 4.57 2.20
C LEU A 379 6.75 3.73 3.25
N GLY A 380 5.85 4.36 3.99
CA GLY A 380 5.12 3.67 5.04
C GLY A 380 4.05 2.73 4.53
N GLY A 381 3.15 3.25 3.71
CA GLY A 381 2.09 2.44 3.15
C GLY A 381 2.69 1.39 2.25
N ALA A 382 3.71 1.78 1.51
CA ALA A 382 4.40 0.86 0.62
C ALA A 382 5.04 -0.24 1.45
N ALA A 383 5.62 0.14 2.59
CA ALA A 383 6.25 -0.81 3.49
C ALA A 383 5.29 -1.88 3.93
N PHE A 384 4.07 -1.45 4.24
CA PHE A 384 3.02 -2.37 4.67
C PHE A 384 2.51 -3.28 3.56
N ASN A 385 2.22 -2.69 2.40
CA ASN A 385 1.73 -3.44 1.25
C ASN A 385 2.72 -4.49 0.80
N ASN A 386 4.00 -4.14 0.83
CA ASN A 386 5.08 -5.04 0.41
C ASN A 386 5.28 -6.18 1.38
N GLU A 387 5.36 -5.84 2.66
CA GLU A 387 5.56 -6.84 3.69
C GLU A 387 4.37 -7.78 3.72
N PHE A 388 3.17 -7.19 3.77
CA PHE A 388 1.93 -7.96 3.78
C PHE A 388 1.80 -8.82 2.56
N GLY A 389 1.84 -8.21 1.38
CA GLY A 389 1.75 -8.99 0.17
C GLY A 389 0.61 -8.68 -0.77
N ARG A 390 0.38 -7.40 -1.04
CA ARG A 390 -0.67 -6.97 -1.96
C ARG A 390 -0.09 -5.89 -2.85
N PRO A 391 -0.33 -5.98 -4.16
CA PRO A 391 0.17 -4.98 -5.09
C PRO A 391 -0.58 -3.64 -5.05
N ALA A 392 0.16 -2.53 -5.09
CA ALA A 392 -0.41 -1.18 -5.10
C ALA A 392 -0.33 -0.74 -6.56
N LEU A 393 -1.43 -0.93 -7.27
CA LEU A 393 -1.49 -0.68 -8.71
C LEU A 393 -2.04 0.60 -9.31
N THR A 394 -2.52 1.50 -8.46
CA THR A 394 -3.05 2.77 -8.96
C THR A 394 -3.34 3.74 -7.82
N GLY A 395 -3.43 5.02 -8.16
CA GLY A 395 -3.70 6.03 -7.16
C GLY A 395 -3.54 7.44 -7.68
N TYR A 396 -3.29 8.39 -6.78
CA TYR A 396 -3.11 9.78 -7.16
C TYR A 396 -2.14 10.44 -6.17
N PHE A 397 -1.67 11.63 -6.53
CA PHE A 397 -0.74 12.40 -5.73
C PHE A 397 -1.00 13.83 -6.15
N ARG A 398 -1.46 14.65 -5.22
CA ARG A 398 -1.76 16.04 -5.52
C ARG A 398 -1.23 17.00 -4.51
N THR A 399 -0.72 18.12 -5.00
CA THR A 399 -0.22 19.20 -4.16
C THR A 399 -1.03 20.44 -4.49
N TYR A 400 -1.32 21.23 -3.47
CA TYR A 400 -2.08 22.46 -3.63
C TYR A 400 -1.96 23.29 -2.37
N GLU A 401 -1.40 24.49 -2.51
CA GLU A 401 -1.23 25.41 -1.41
C GLU A 401 -1.12 26.78 -2.03
N GLU A 402 -2.23 27.52 -2.00
CA GLU A 402 -2.25 28.83 -2.60
C GLU A 402 -3.12 29.80 -1.83
N LYS A 403 -2.81 31.08 -1.92
CA LYS A 403 -3.63 32.08 -1.23
C LYS A 403 -4.65 32.46 -2.28
N VAL A 404 -5.70 31.66 -2.36
CA VAL A 404 -6.73 31.83 -3.36
C VAL A 404 -8.00 32.55 -2.85
N ASN A 405 -8.61 33.36 -3.71
CA ASN A 405 -9.84 34.07 -3.37
C ASN A 405 -11.00 33.12 -3.69
N SER A 406 -11.51 32.42 -2.68
CA SER A 406 -12.60 31.47 -2.88
C SER A 406 -13.96 31.87 -2.31
N HIS A 407 -14.70 30.87 -1.86
CA HIS A 407 -16.04 31.05 -1.32
C HIS A 407 -16.16 31.91 -0.07
N ASN A 408 -15.12 31.99 0.76
CA ASN A 408 -15.17 32.81 1.95
C ASN A 408 -14.11 33.91 1.86
N GLY A 409 -14.20 34.72 0.81
CA GLY A 409 -13.21 35.77 0.61
C GLY A 409 -11.88 35.16 0.18
N GLU A 410 -10.78 35.82 0.57
CA GLU A 410 -9.42 35.38 0.24
C GLU A 410 -8.78 34.67 1.43
N GLU A 411 -8.40 33.41 1.25
CA GLU A 411 -7.80 32.64 2.33
C GLU A 411 -6.68 31.76 1.85
N LEU A 412 -6.11 31.00 2.79
CA LEU A 412 -5.05 30.06 2.48
C LEU A 412 -5.71 28.71 2.25
N ARG A 413 -5.54 28.14 1.05
CA ARG A 413 -6.17 26.85 0.76
C ARG A 413 -5.13 25.80 0.42
N GLY A 414 -5.02 24.78 1.27
CA GLY A 414 -4.05 23.72 1.04
C GLY A 414 -4.35 22.41 1.77
N TYR A 415 -3.30 21.67 2.11
CA TYR A 415 -3.46 20.39 2.79
C TYR A 415 -2.43 20.16 3.89
N HIS A 416 -2.26 21.13 4.78
CA HIS A 416 -1.31 20.97 5.88
C HIS A 416 -1.69 19.76 6.70
N LYS A 417 -2.99 19.43 6.67
CA LYS A 417 -3.49 18.22 7.30
C LYS A 417 -3.80 17.44 6.02
N PRO A 418 -2.87 16.58 5.60
CA PRO A 418 -2.87 15.71 4.41
C PRO A 418 -3.94 14.65 4.23
N ILE A 419 -4.23 14.33 2.97
CA ILE A 419 -5.18 13.27 2.68
C ILE A 419 -4.31 12.05 2.48
N MET A 420 -4.49 11.08 3.36
CA MET A 420 -3.74 9.83 3.25
C MET A 420 -4.79 8.79 2.88
N LEU A 421 -4.83 8.45 1.59
CA LEU A 421 -5.80 7.50 1.08
C LEU A 421 -5.19 6.12 0.89
N ALA A 422 -5.94 5.10 1.26
CA ALA A 422 -5.51 3.73 1.12
C ALA A 422 -6.76 2.87 1.00
N GLY A 423 -6.88 2.17 -0.12
CA GLY A 423 -8.03 1.31 -0.36
C GLY A 423 -7.63 0.20 -1.32
N GLY A 424 -8.57 -0.65 -1.70
CA GLY A 424 -8.23 -1.73 -2.61
C GLY A 424 -9.36 -2.71 -2.81
N ILE A 425 -9.04 -3.88 -3.36
CA ILE A 425 -10.04 -4.91 -3.61
C ILE A 425 -9.66 -6.26 -3.03
N GLY A 426 -10.58 -7.20 -3.20
CA GLY A 426 -10.40 -8.56 -2.73
C GLY A 426 -11.45 -9.51 -3.29
N ASN A 427 -11.23 -10.80 -3.10
CA ASN A 427 -12.14 -11.83 -3.57
C ASN A 427 -12.75 -12.54 -2.36
N ILE A 428 -14.07 -12.72 -2.38
CA ILE A 428 -14.73 -13.40 -1.27
C ILE A 428 -15.55 -14.57 -1.80
N ARG A 429 -15.53 -15.69 -1.08
CA ARG A 429 -16.29 -16.87 -1.50
C ARG A 429 -17.79 -16.58 -1.44
N ALA A 430 -18.55 -17.08 -2.41
CA ALA A 430 -20.00 -16.84 -2.49
C ALA A 430 -20.78 -16.99 -1.18
N ASP A 431 -20.76 -18.18 -0.63
CA ASP A 431 -21.47 -18.51 0.60
C ASP A 431 -20.89 -17.88 1.87
N HIS A 432 -20.11 -16.82 1.72
CA HIS A 432 -19.47 -16.13 2.85
C HIS A 432 -19.76 -14.63 2.94
N VAL A 433 -20.31 -14.07 1.85
CA VAL A 433 -20.64 -12.66 1.77
C VAL A 433 -21.47 -12.22 2.99
N GLN A 434 -22.30 -13.13 3.49
CA GLN A 434 -23.15 -12.83 4.63
C GLN A 434 -22.51 -13.27 5.93
N LYS A 435 -22.65 -12.44 6.95
CA LYS A 435 -22.12 -12.74 8.28
C LYS A 435 -23.06 -13.79 8.84
N GLY A 436 -22.50 -14.78 9.54
CA GLY A 436 -23.33 -15.82 10.12
C GLY A 436 -23.90 -15.34 11.45
N GLU A 437 -24.82 -16.08 12.06
CA GLU A 437 -25.35 -15.63 13.33
C GLU A 437 -24.48 -16.11 14.47
N ILE A 438 -24.41 -15.30 15.52
CA ILE A 438 -23.59 -15.60 16.69
C ILE A 438 -24.39 -16.33 17.74
N VAL A 439 -24.39 -17.65 17.66
CA VAL A 439 -25.13 -18.48 18.60
C VAL A 439 -24.69 -18.21 20.03
N VAL A 440 -25.67 -18.23 20.94
CA VAL A 440 -25.42 -18.02 22.36
C VAL A 440 -24.28 -18.93 22.80
N GLY A 441 -23.33 -18.37 23.53
CA GLY A 441 -22.19 -19.15 24.00
C GLY A 441 -21.05 -19.25 23.01
N ALA A 442 -21.12 -18.43 21.98
CA ALA A 442 -20.08 -18.41 20.96
C ALA A 442 -18.81 -17.84 21.55
N LYS A 443 -17.70 -18.52 21.28
CA LYS A 443 -16.41 -18.07 21.76
C LYS A 443 -15.98 -16.79 21.04
N LEU A 444 -15.82 -15.72 21.79
CA LEU A 444 -15.41 -14.44 21.22
C LEU A 444 -13.89 -14.31 21.29
N ILE A 445 -13.25 -14.62 20.16
CA ILE A 445 -11.80 -14.60 20.01
C ILE A 445 -11.25 -13.29 19.49
N VAL A 446 -9.99 -13.01 19.82
CA VAL A 446 -9.29 -11.82 19.35
C VAL A 446 -8.08 -12.31 18.55
N LEU A 447 -8.25 -12.42 17.23
CA LEU A 447 -7.18 -12.88 16.35
C LEU A 447 -6.24 -11.73 16.07
N GLY A 448 -5.00 -11.82 16.54
CA GLY A 448 -4.08 -10.75 16.28
C GLY A 448 -2.95 -10.66 17.28
N GLY A 449 -2.19 -9.58 17.16
CA GLY A 449 -1.04 -9.38 18.03
C GLY A 449 -1.22 -8.59 19.30
N PRO A 450 -0.40 -8.92 20.32
CA PRO A 450 -0.36 -8.31 21.64
C PRO A 450 -0.49 -6.80 21.61
N ALA A 451 -1.36 -6.28 22.48
CA ALA A 451 -1.62 -4.86 22.57
C ALA A 451 -0.60 -4.06 23.38
N MET A 452 -0.46 -2.80 22.99
CA MET A 452 0.42 -1.83 23.64
C MET A 452 -0.38 -0.55 23.64
N ASN A 453 0.01 0.43 24.45
CA ASN A 453 -0.73 1.67 24.47
C ASN A 453 -0.37 2.47 23.21
N ILE A 454 -1.33 2.62 22.29
CA ILE A 454 -1.08 3.34 21.05
C ILE A 454 -2.02 4.51 20.82
N GLY A 455 -3.31 4.31 21.09
CA GLY A 455 -4.29 5.38 20.92
C GLY A 455 -4.36 6.32 22.11
N ASP A 474 -0.98 13.11 22.22
CA ASP A 474 -0.34 14.39 21.93
C ASP A 474 0.38 14.40 20.57
N PHE A 475 1.04 13.33 20.24
CA PHE A 475 1.99 12.28 20.65
C PHE A 475 1.34 10.88 20.63
N ALA A 476 0.05 10.82 20.94
CA ALA A 476 -0.68 9.54 20.92
C ALA A 476 -1.30 9.43 19.53
N SER A 477 -0.66 10.09 18.58
CA SER A 477 -1.09 10.11 17.18
C SER A 477 0.01 9.38 16.40
N VAL A 478 1.02 8.95 17.12
CA VAL A 478 2.13 8.22 16.55
C VAL A 478 1.74 6.73 16.57
N GLN A 479 1.42 6.20 15.39
CA GLN A 479 1.02 4.81 15.23
C GLN A 479 2.18 3.82 15.08
N ARG A 480 1.84 2.52 15.12
CA ARG A 480 2.80 1.42 15.02
C ARG A 480 2.38 0.48 13.90
N ASP A 481 3.33 -0.15 13.21
CA ASP A 481 3.01 -1.06 12.11
C ASP A 481 3.90 -2.30 12.06
N ASN A 482 3.26 -3.47 12.08
CA ASN A 482 3.96 -4.75 12.05
C ASN A 482 3.17 -5.63 11.07
N PRO A 483 3.36 -5.41 9.76
CA PRO A 483 2.68 -6.16 8.69
C PRO A 483 2.77 -7.66 8.73
N GLU A 484 3.96 -8.18 9.05
CA GLU A 484 4.16 -9.63 9.12
C GLU A 484 3.22 -10.28 10.13
N MET A 485 2.69 -9.48 11.05
CA MET A 485 1.77 -9.99 12.04
C MET A 485 0.40 -10.09 11.39
N GLU A 486 0.10 -9.14 10.51
CA GLU A 486 -1.17 -9.12 9.81
C GLU A 486 -1.21 -10.20 8.74
N ARG A 487 -0.04 -10.52 8.17
CA ARG A 487 0.04 -11.56 7.16
C ARG A 487 -0.39 -12.87 7.79
N ARG A 488 0.24 -13.18 8.91
CA ARG A 488 -0.06 -14.41 9.65
C ARG A 488 -1.56 -14.49 9.89
N CYS A 489 -2.15 -13.40 10.35
CA CYS A 489 -3.58 -13.36 10.60
C CYS A 489 -4.34 -13.64 9.33
N GLN A 490 -3.90 -13.04 8.22
CA GLN A 490 -4.55 -13.22 6.92
C GLN A 490 -4.55 -14.67 6.49
N GLU A 491 -3.45 -15.36 6.72
CA GLU A 491 -3.39 -16.77 6.33
C GLU A 491 -4.39 -17.54 7.20
N VAL A 492 -4.59 -17.13 8.44
CA VAL A 492 -5.56 -17.79 9.32
C VAL A 492 -6.98 -17.55 8.82
N ILE A 493 -7.23 -16.35 8.28
CA ILE A 493 -8.54 -16.02 7.72
C ILE A 493 -8.69 -16.99 6.57
N ASP A 494 -7.72 -16.93 5.66
CA ASP A 494 -7.66 -17.78 4.49
C ASP A 494 -7.99 -19.22 4.81
N ARG A 495 -7.18 -19.82 5.68
CA ARG A 495 -7.36 -21.21 6.10
C ARG A 495 -8.81 -21.46 6.40
N CYS A 496 -9.45 -20.47 7.03
CA CYS A 496 -10.85 -20.56 7.40
C CYS A 496 -11.86 -20.51 6.27
N TRP A 497 -11.78 -19.53 5.37
CA TRP A 497 -12.75 -19.53 4.27
C TRP A 497 -12.47 -20.67 3.30
N GLN A 498 -11.22 -21.12 3.27
CA GLN A 498 -10.80 -22.20 2.38
C GLN A 498 -11.47 -23.51 2.79
N LEU A 499 -11.93 -23.56 4.03
CA LEU A 499 -12.61 -24.72 4.57
C LEU A 499 -14.04 -24.89 4.04
N GLY A 500 -14.36 -24.14 2.98
CA GLY A 500 -15.68 -24.21 2.36
C GLY A 500 -16.89 -23.94 3.23
N ASP A 501 -17.49 -25.01 3.74
CA ASP A 501 -18.66 -24.91 4.58
C ASP A 501 -18.23 -25.09 6.01
N ALA A 502 -17.04 -25.65 6.20
CA ALA A 502 -16.52 -25.88 7.53
C ALA A 502 -15.85 -24.62 8.11
N ASN A 503 -15.96 -23.51 7.40
CA ASN A 503 -15.39 -22.25 7.83
C ASN A 503 -15.86 -21.99 9.26
N PRO A 504 -14.92 -21.98 10.23
CA PRO A 504 -15.18 -21.77 11.66
C PRO A 504 -15.64 -20.36 12.02
N ILE A 505 -15.31 -19.39 11.18
CA ILE A 505 -15.68 -18.01 11.46
C ILE A 505 -17.17 -17.78 11.24
N LEU A 506 -17.90 -17.72 12.34
CA LEU A 506 -19.33 -17.47 12.29
C LEU A 506 -19.51 -16.02 11.92
N PHE A 507 -18.63 -15.18 12.45
CA PHE A 507 -18.68 -13.74 12.21
C PHE A 507 -17.35 -13.11 12.60
N ILE A 508 -16.72 -12.43 11.65
CA ILE A 508 -15.46 -11.75 11.93
C ILE A 508 -15.71 -10.27 11.69
N HIS A 509 -14.91 -9.43 12.35
CA HIS A 509 -15.03 -7.99 12.24
C HIS A 509 -13.62 -7.45 12.47
N ASP A 510 -13.33 -6.27 11.93
CA ASP A 510 -11.99 -5.70 12.11
C ASP A 510 -11.90 -4.82 13.34
N VAL A 511 -10.69 -4.64 13.86
CA VAL A 511 -10.49 -3.77 15.01
C VAL A 511 -9.90 -2.46 14.53
N GLY A 512 -10.46 -1.35 14.99
CA GLY A 512 -9.96 -0.06 14.57
C GLY A 512 -10.04 1.00 15.65
N ALA A 513 -10.69 2.12 15.33
CA ALA A 513 -10.84 3.20 16.27
C ALA A 513 -11.47 2.71 17.57
N GLY A 514 -11.11 3.33 18.68
CA GLY A 514 -11.67 2.93 19.96
C GLY A 514 -11.18 1.56 20.39
N GLY A 515 -10.47 0.90 19.49
CA GLY A 515 -9.93 -0.42 19.79
C GLY A 515 -11.02 -1.42 20.09
N LEU A 516 -10.80 -2.22 21.13
CA LEU A 516 -11.74 -3.25 21.52
C LEU A 516 -13.01 -2.72 22.16
N SER A 517 -12.92 -1.53 22.77
CA SER A 517 -14.06 -0.90 23.44
C SER A 517 -15.16 -0.48 22.49
N ASN A 518 -14.96 -0.81 21.22
CA ASN A 518 -15.92 -0.52 20.17
C ASN A 518 -16.03 -1.73 19.27
N ALA A 519 -14.90 -2.43 19.11
CA ALA A 519 -14.86 -3.61 18.26
C ALA A 519 -15.72 -4.72 18.79
N MET A 520 -15.48 -5.12 20.05
CA MET A 520 -16.25 -6.20 20.66
C MET A 520 -17.75 -5.94 20.80
N PRO A 521 -18.14 -4.78 21.35
CA PRO A 521 -19.58 -4.50 21.50
C PRO A 521 -20.23 -4.56 20.13
N GLU A 522 -19.59 -3.91 19.17
CA GLU A 522 -20.03 -3.86 17.78
C GLU A 522 -20.29 -5.25 17.21
N LEU A 523 -19.44 -6.22 17.57
CA LEU A 523 -19.60 -7.58 17.07
C LEU A 523 -20.86 -8.20 17.65
N VAL A 524 -20.87 -8.38 18.96
CA VAL A 524 -22.02 -8.99 19.62
C VAL A 524 -23.33 -8.30 19.27
N SER A 525 -23.28 -7.01 18.98
CA SER A 525 -24.47 -6.27 18.61
C SER A 525 -24.95 -6.65 17.20
N ASP A 526 -24.03 -6.72 16.25
CA ASP A 526 -24.38 -7.11 14.88
C ASP A 526 -24.87 -8.56 14.88
N GLY A 527 -25.02 -9.11 16.09
CA GLY A 527 -25.50 -10.46 16.25
C GLY A 527 -26.65 -10.50 17.26
N GLY A 528 -27.12 -9.33 17.68
CA GLY A 528 -28.21 -9.28 18.63
C GLY A 528 -27.90 -9.99 19.93
N ARG A 529 -26.63 -9.97 20.33
CA ARG A 529 -26.19 -10.59 21.55
C ARG A 529 -25.49 -9.60 22.45
N GLY A 530 -25.02 -10.09 23.59
CA GLY A 530 -24.27 -9.29 24.52
C GLY A 530 -22.97 -10.04 24.68
N GLY A 531 -22.17 -9.70 25.67
CA GLY A 531 -20.92 -10.42 25.83
C GLY A 531 -20.21 -10.17 27.14
N LYS A 532 -19.93 -11.24 27.84
CA LYS A 532 -19.19 -11.13 29.10
C LYS A 532 -17.74 -11.43 28.73
N PHE A 533 -16.86 -10.49 29.09
CA PHE A 533 -15.45 -10.63 28.77
C PHE A 533 -14.58 -10.69 29.99
N GLU A 534 -13.35 -11.12 29.78
CA GLU A 534 -12.35 -11.26 30.83
C GLU A 534 -11.07 -10.52 30.46
N LEU A 535 -10.87 -9.36 31.06
CA LEU A 535 -9.72 -8.50 30.80
C LEU A 535 -8.36 -9.17 30.76
N ARG A 536 -8.09 -10.11 31.67
CA ARG A 536 -6.78 -10.76 31.72
C ARG A 536 -6.50 -11.90 30.75
N ASP A 537 -7.45 -12.17 29.86
CA ASP A 537 -7.29 -13.22 28.86
C ASP A 537 -6.76 -12.63 27.54
N ILE A 538 -6.80 -11.30 27.45
CA ILE A 538 -6.34 -10.54 26.28
C ILE A 538 -4.82 -10.39 26.32
N LEU A 539 -4.14 -10.77 25.23
CA LEU A 539 -2.69 -10.68 25.15
C LEU A 539 -2.19 -9.22 25.13
N SER A 540 -1.16 -8.91 25.93
CA SER A 540 -0.63 -7.55 25.96
C SER A 540 0.86 -7.48 26.24
N ASP A 541 1.57 -6.79 25.35
CA ASP A 541 3.02 -6.61 25.45
C ASP A 541 3.45 -5.52 26.44
N GLU A 542 2.51 -5.01 27.25
CA GLU A 542 2.83 -3.98 28.23
C GLU A 542 1.90 -4.20 29.40
N PRO A 543 2.35 -4.98 30.39
CA PRO A 543 1.61 -5.33 31.59
C PRO A 543 1.15 -4.13 32.41
N GLY A 544 1.98 -3.08 32.44
CA GLY A 544 1.66 -1.90 33.21
C GLY A 544 0.34 -1.20 32.92
N MET A 545 -0.24 -1.44 31.75
CA MET A 545 -1.50 -0.80 31.33
C MET A 545 -2.67 -0.89 32.31
N SER A 546 -3.65 0.00 32.11
CA SER A 546 -4.87 0.08 32.92
C SER A 546 -6.01 -0.52 32.12
N PRO A 547 -7.08 -1.01 32.78
CA PRO A 547 -8.21 -1.59 32.05
C PRO A 547 -8.66 -0.69 30.89
N LEU A 548 -8.71 0.62 31.14
CA LEU A 548 -9.10 1.60 30.12
C LEU A 548 -8.14 1.48 28.95
N GLU A 549 -6.85 1.51 29.26
CA GLU A 549 -5.79 1.43 28.27
C GLU A 549 -5.75 0.11 27.47
N ILE A 550 -6.19 -0.99 28.07
CA ILE A 550 -6.19 -2.30 27.41
C ILE A 550 -7.46 -2.55 26.59
N TRP A 551 -8.54 -1.86 26.96
CA TRP A 551 -9.82 -2.01 26.29
C TRP A 551 -10.02 -0.93 25.26
N CYS A 552 -9.28 0.16 25.40
CA CYS A 552 -9.40 1.27 24.46
C CYS A 552 -8.16 1.65 23.65
N ASN A 553 -7.06 0.94 23.86
CA ASN A 553 -5.82 1.17 23.11
C ASN A 553 -6.10 0.80 21.66
N GLU A 554 -5.58 1.59 20.73
CA GLU A 554 -5.80 1.32 19.31
C GLU A 554 -4.60 0.62 18.65
N SER A 555 -4.21 -0.52 19.22
CA SER A 555 -3.11 -1.30 18.71
C SER A 555 -3.46 -1.85 17.33
N GLN A 556 -2.45 -2.24 16.57
CA GLN A 556 -2.66 -2.73 15.23
C GLN A 556 -2.70 -4.24 15.08
N GLU A 557 -2.84 -4.69 13.84
CA GLU A 557 -2.87 -6.10 13.48
C GLU A 557 -3.79 -6.97 14.34
N ARG A 558 -4.98 -6.48 14.65
CA ARG A 558 -5.94 -7.23 15.45
C ARG A 558 -7.28 -7.42 14.75
N TYR A 559 -7.93 -8.55 15.04
CA TYR A 559 -9.24 -8.90 14.49
C TYR A 559 -10.09 -9.53 15.61
N VAL A 560 -11.41 -9.37 15.54
CA VAL A 560 -12.33 -9.98 16.52
C VAL A 560 -13.22 -10.92 15.75
N LEU A 561 -13.53 -12.07 16.35
CA LEU A 561 -14.39 -13.03 15.70
C LEU A 561 -15.09 -13.94 16.69
N ALA A 562 -16.09 -14.66 16.22
CA ALA A 562 -16.85 -15.57 17.06
C ALA A 562 -16.86 -16.95 16.45
N VAL A 563 -16.44 -17.93 17.23
CA VAL A 563 -16.36 -19.31 16.77
C VAL A 563 -17.13 -20.18 17.73
N ALA A 564 -17.87 -21.15 17.20
CA ALA A 564 -18.64 -22.06 18.04
C ALA A 564 -17.66 -22.87 18.92
N ALA A 565 -17.96 -22.98 20.21
CA ALA A 565 -17.10 -23.70 21.15
C ALA A 565 -16.42 -24.96 20.64
N ASP A 566 -17.18 -25.85 20.00
CA ASP A 566 -16.62 -27.11 19.51
C ASP A 566 -15.74 -26.98 18.28
N GLN A 567 -15.47 -25.74 17.85
CA GLN A 567 -14.60 -25.51 16.69
C GLN A 567 -13.28 -24.91 17.16
N LEU A 568 -13.18 -24.68 18.47
CA LEU A 568 -12.00 -24.12 19.07
C LEU A 568 -10.74 -24.93 18.79
N PRO A 569 -10.82 -26.28 18.88
CA PRO A 569 -9.66 -27.14 18.62
C PRO A 569 -9.09 -26.86 17.23
N LEU A 570 -9.98 -26.81 16.23
CA LEU A 570 -9.59 -26.53 14.84
C LEU A 570 -8.95 -25.15 14.72
N PHE A 571 -9.63 -24.14 15.26
CA PHE A 571 -9.09 -22.80 15.18
C PHE A 571 -7.72 -22.77 15.81
N ASP A 572 -7.57 -23.37 16.98
CA ASP A 572 -6.26 -23.36 17.65
C ASP A 572 -5.19 -23.92 16.73
N GLU A 573 -5.40 -25.16 16.31
CA GLU A 573 -4.46 -25.84 15.43
C GLU A 573 -4.13 -25.04 14.17
N LEU A 574 -5.12 -24.34 13.61
CA LEU A 574 -4.90 -23.51 12.41
C LEU A 574 -3.98 -22.33 12.71
N CYS A 575 -4.30 -21.59 13.76
CA CYS A 575 -3.50 -20.44 14.18
C CYS A 575 -2.06 -20.86 14.48
N LYS A 576 -1.89 -21.85 15.36
CA LYS A 576 -0.56 -22.34 15.75
C LYS A 576 0.32 -22.62 14.54
N ARG A 577 -0.24 -23.35 13.59
CA ARG A 577 0.46 -23.70 12.38
C ARG A 577 0.95 -22.46 11.64
N GLU A 578 0.19 -21.38 11.69
CA GLU A 578 0.57 -20.16 11.00
C GLU A 578 1.39 -19.21 11.89
N ARG A 579 1.51 -19.54 13.17
CA ARG A 579 2.23 -18.69 14.12
C ARG A 579 1.49 -17.36 14.34
N ALA A 580 0.21 -17.35 14.02
CA ALA A 580 -0.63 -16.17 14.21
C ALA A 580 -1.26 -16.32 15.59
N PRO A 581 -0.94 -15.42 16.53
CA PRO A 581 -1.50 -15.51 17.88
C PRO A 581 -2.99 -15.19 17.90
N TYR A 582 -3.66 -15.63 18.96
CA TYR A 582 -5.08 -15.39 19.12
C TYR A 582 -5.40 -15.67 20.60
N ALA A 583 -6.57 -15.24 21.05
CA ALA A 583 -6.95 -15.49 22.44
C ALA A 583 -8.45 -15.37 22.61
N VAL A 584 -9.03 -16.36 23.27
CA VAL A 584 -10.46 -16.34 23.55
C VAL A 584 -10.61 -15.40 24.74
N ILE A 585 -11.40 -14.36 24.58
CA ILE A 585 -11.55 -13.40 25.66
C ILE A 585 -12.96 -13.27 26.22
N GLY A 586 -13.92 -14.04 25.69
CA GLY A 586 -15.27 -13.91 26.21
C GLY A 586 -16.29 -14.77 25.52
N ASP A 587 -17.52 -14.76 26.04
CA ASP A 587 -18.62 -15.55 25.48
C ASP A 587 -19.83 -14.69 25.10
N ALA A 588 -20.62 -15.17 24.14
CA ALA A 588 -21.82 -14.47 23.69
C ALA A 588 -23.00 -14.77 24.62
N THR A 589 -23.61 -13.72 25.14
CA THR A 589 -24.74 -13.90 26.05
C THR A 589 -26.06 -13.58 25.36
N GLU A 590 -27.13 -14.24 25.82
CA GLU A 590 -28.44 -13.98 25.24
C GLU A 590 -28.93 -12.62 25.71
N GLU A 591 -28.73 -12.32 27.01
CA GLU A 591 -29.16 -11.04 27.58
C GLU A 591 -28.27 -9.91 27.01
N GLN A 592 -28.90 -8.89 26.42
CA GLN A 592 -28.15 -7.75 25.86
C GLN A 592 -27.37 -7.14 27.03
N HIS A 593 -26.08 -7.45 27.13
CA HIS A 593 -25.32 -6.94 28.26
C HIS A 593 -23.81 -7.16 28.21
N LEU A 594 -23.06 -6.07 28.19
CA LEU A 594 -21.60 -6.07 28.15
C LEU A 594 -20.96 -6.02 29.55
N SER A 595 -20.00 -6.91 29.80
CA SER A 595 -19.30 -6.93 31.09
C SER A 595 -17.81 -7.26 30.93
N LEU A 596 -16.98 -6.62 31.76
CA LEU A 596 -15.54 -6.84 31.72
C LEU A 596 -15.07 -7.24 33.13
N HIS A 597 -14.64 -8.50 33.29
CA HIS A 597 -14.16 -8.96 34.60
C HIS A 597 -12.65 -8.87 34.62
N ASP A 598 -12.08 -8.44 35.74
CA ASP A 598 -10.63 -8.37 35.87
C ASP A 598 -10.23 -9.52 36.81
N ASN A 599 -9.39 -10.44 36.33
CA ASN A 599 -8.96 -11.57 37.14
C ASN A 599 -7.78 -11.24 38.03
N HIS A 600 -7.19 -10.06 37.85
CA HIS A 600 -6.06 -9.65 38.67
C HIS A 600 -6.45 -8.73 39.82
N PHE A 601 -7.39 -7.82 39.57
CA PHE A 601 -7.89 -6.92 40.61
C PHE A 601 -9.22 -7.43 41.18
N ASP A 602 -9.51 -8.70 40.85
CA ASP A 602 -10.72 -9.38 41.28
C ASP A 602 -11.93 -8.46 41.44
N ASN A 603 -12.32 -7.82 40.34
CA ASN A 603 -13.46 -6.92 40.32
C ASN A 603 -14.04 -6.86 38.91
N GLN A 604 -14.90 -5.88 38.63
CA GLN A 604 -15.50 -5.80 37.29
C GLN A 604 -15.54 -4.40 36.69
N PRO A 605 -14.50 -4.04 35.92
CA PRO A 605 -14.35 -2.75 35.23
C PRO A 605 -15.50 -2.31 34.32
N ILE A 606 -16.32 -3.24 33.86
CA ILE A 606 -17.46 -2.87 33.02
C ILE A 606 -18.68 -3.76 33.26
N ASP A 607 -19.84 -3.10 33.34
CA ASP A 607 -21.12 -3.78 33.55
C ASP A 607 -22.26 -2.80 33.28
N LEU A 608 -23.06 -3.09 32.26
CA LEU A 608 -24.16 -2.22 31.89
C LEU A 608 -24.92 -2.75 30.67
N PRO A 609 -26.25 -2.52 30.63
CA PRO A 609 -27.05 -2.99 29.49
C PRO A 609 -26.45 -2.40 28.22
N LEU A 610 -26.40 -3.20 27.17
CA LEU A 610 -25.81 -2.76 25.91
C LEU A 610 -26.26 -1.41 25.38
N ASP A 611 -27.57 -1.17 25.41
CA ASP A 611 -28.11 0.09 24.90
C ASP A 611 -27.63 1.32 25.65
N VAL A 612 -27.28 1.15 26.93
CA VAL A 612 -26.80 2.27 27.75
C VAL A 612 -25.57 2.93 27.13
N LEU A 613 -24.89 2.17 26.28
CA LEU A 613 -23.68 2.63 25.61
C LEU A 613 -24.04 3.23 24.27
N LEU A 614 -24.87 2.50 23.53
CA LEU A 614 -25.36 2.88 22.20
C LEU A 614 -26.50 3.90 22.36
N GLY A 615 -26.44 4.63 23.49
CA GLY A 615 -27.41 5.63 23.88
C GLY A 615 -27.41 6.92 23.07
N LYS A 616 -28.62 7.41 22.78
CA LYS A 616 -28.78 8.62 21.98
C LYS A 616 -29.48 9.84 22.61
N THR A 617 -29.17 10.99 22.02
CA THR A 617 -29.68 12.31 22.36
C THR A 617 -30.06 12.95 20.99
N PRO A 618 -30.45 14.25 20.95
CA PRO A 618 -30.83 14.92 19.67
C PRO A 618 -30.03 14.59 18.41
N LYS A 619 -30.72 14.57 17.28
CA LYS A 619 -30.09 14.31 15.98
C LYS A 619 -29.45 15.66 15.63
N MET A 620 -28.27 15.63 15.03
CA MET A 620 -27.61 16.88 14.67
C MET A 620 -28.47 17.64 13.66
N THR A 621 -28.36 18.96 13.67
CA THR A 621 -29.12 19.77 12.73
C THR A 621 -28.18 20.91 12.39
N ARG A 622 -27.80 20.99 11.12
CA ARG A 622 -26.89 22.03 10.64
C ARG A 622 -27.70 23.05 9.83
N ASP A 623 -27.71 24.28 10.33
CA ASP A 623 -28.45 25.39 9.73
C ASP A 623 -27.45 26.30 9.05
N VAL A 624 -27.12 25.99 7.80
CA VAL A 624 -26.13 26.78 7.09
C VAL A 624 -26.61 27.71 6.00
N GLN A 625 -25.64 28.39 5.39
CA GLN A 625 -25.88 29.32 4.30
C GLN A 625 -24.91 29.08 3.16
N THR A 626 -25.37 29.38 1.96
CA THR A 626 -24.60 29.19 0.75
C THR A 626 -23.66 30.35 0.46
N LEU A 627 -22.54 30.02 -0.17
CA LEU A 627 -21.54 30.98 -0.57
C LEU A 627 -20.98 30.46 -1.88
N LYS A 628 -20.90 31.31 -2.89
CA LYS A 628 -20.33 30.93 -4.17
C LYS A 628 -19.18 31.91 -4.41
N ALA A 629 -18.01 31.37 -4.73
CA ALA A 629 -16.84 32.20 -4.99
C ALA A 629 -17.09 33.08 -6.20
N LYS A 630 -16.78 34.37 -6.07
CA LYS A 630 -16.96 35.28 -7.18
C LYS A 630 -15.85 34.96 -8.17
N GLY A 631 -14.60 34.98 -7.69
CA GLY A 631 -13.44 34.65 -8.50
C GLY A 631 -13.25 35.35 -9.84
N ASP A 632 -12.09 35.99 -10.02
CA ASP A 632 -11.80 36.68 -11.27
C ASP A 632 -11.07 35.86 -12.35
N ALA A 633 -11.36 36.19 -13.61
CA ALA A 633 -10.77 35.52 -14.77
C ALA A 633 -9.25 35.46 -14.76
N LEU A 634 -8.73 34.35 -15.29
CA LEU A 634 -7.29 34.10 -15.38
C LEU A 634 -6.52 35.21 -16.10
N ASN A 635 -5.49 35.74 -15.44
CA ASN A 635 -4.63 36.81 -15.97
C ASN A 635 -3.53 36.15 -16.81
N ARG A 636 -3.38 36.58 -18.06
CA ARG A 636 -2.39 35.96 -18.96
C ARG A 636 -1.05 36.64 -19.25
N ALA A 637 -0.62 37.55 -18.37
CA ALA A 637 0.63 38.29 -18.53
C ALA A 637 1.86 37.40 -18.70
N ASP A 638 2.10 36.54 -17.71
CA ASP A 638 3.24 35.63 -17.75
C ASP A 638 2.98 34.37 -18.56
N ILE A 639 1.72 34.01 -18.74
CA ILE A 639 1.41 32.81 -19.48
C ILE A 639 1.77 32.96 -20.95
N THR A 640 2.43 31.92 -21.45
CA THR A 640 2.85 31.80 -22.84
C THR A 640 2.79 30.28 -23.02
N ILE A 641 2.28 29.82 -24.16
CA ILE A 641 2.16 28.37 -24.41
C ILE A 641 3.40 27.63 -23.92
N ALA A 642 4.55 28.08 -24.37
CA ALA A 642 5.85 27.50 -24.03
C ALA A 642 6.19 27.42 -22.54
N ASP A 643 6.01 28.52 -21.82
CA ASP A 643 6.30 28.52 -20.40
C ASP A 643 5.21 27.75 -19.66
N ALA A 644 4.04 27.65 -20.28
CA ALA A 644 2.93 26.92 -19.69
C ALA A 644 3.28 25.44 -19.66
N VAL A 645 3.72 24.92 -20.81
CA VAL A 645 4.10 23.52 -20.91
C VAL A 645 5.19 23.19 -19.92
N LYS A 646 6.21 24.06 -19.84
CA LYS A 646 7.34 23.84 -18.95
C LYS A 646 6.93 23.88 -17.49
N ARG A 647 5.96 24.72 -17.16
CA ARG A 647 5.49 24.81 -15.79
C ARG A 647 4.61 23.62 -15.42
N VAL A 648 3.64 23.30 -16.28
CA VAL A 648 2.75 22.20 -16.00
C VAL A 648 3.48 20.90 -15.77
N LEU A 649 4.41 20.58 -16.65
CA LEU A 649 5.18 19.35 -16.52
C LEU A 649 6.01 19.34 -15.23
N HIS A 650 6.01 20.46 -14.51
CA HIS A 650 6.77 20.58 -13.27
C HIS A 650 5.89 20.54 -12.03
N LEU A 651 4.57 20.52 -12.22
CA LEU A 651 3.62 20.46 -11.10
C LEU A 651 3.51 19.01 -10.64
N PRO A 652 3.82 18.76 -9.36
CA PRO A 652 3.78 17.42 -8.74
C PRO A 652 2.59 16.60 -9.16
N THR A 653 1.41 17.23 -9.18
CA THR A 653 0.19 16.54 -9.56
C THR A 653 0.24 15.98 -10.98
N VAL A 654 1.04 16.59 -11.86
CA VAL A 654 1.18 16.16 -13.26
C VAL A 654 2.45 15.37 -13.54
N ALA A 655 3.58 15.88 -13.06
CA ALA A 655 4.90 15.27 -13.25
C ALA A 655 4.96 13.78 -12.95
N GLU A 656 5.79 13.06 -13.71
CA GLU A 656 5.96 11.59 -13.57
C GLU A 656 6.03 11.15 -12.11
N LYS A 657 5.37 10.04 -11.79
CA LYS A 657 5.32 9.54 -10.41
C LYS A 657 6.18 8.30 -10.10
N THR A 658 7.29 8.13 -10.79
CA THR A 658 8.17 6.99 -10.58
C THR A 658 8.51 6.75 -9.10
N PHE A 659 8.60 7.83 -8.32
CA PHE A 659 8.97 7.72 -6.90
C PHE A 659 7.91 7.18 -5.95
N LEU A 660 6.75 6.82 -6.49
CA LEU A 660 5.68 6.26 -5.66
C LEU A 660 5.30 4.89 -6.18
N VAL A 661 5.56 4.66 -7.47
CA VAL A 661 5.24 3.42 -8.15
C VAL A 661 6.20 2.29 -7.80
N THR A 662 7.49 2.54 -7.99
CA THR A 662 8.52 1.54 -7.74
C THR A 662 8.84 1.20 -6.30
N ILE A 663 8.37 1.97 -5.34
CA ILE A 663 8.65 1.67 -3.94
C ILE A 663 7.67 0.62 -3.44
N GLY A 664 6.68 0.32 -4.26
CA GLY A 664 5.67 -0.66 -3.89
C GLY A 664 5.49 -1.77 -4.90
N ASP A 665 5.55 -3.00 -4.39
CA ASP A 665 5.40 -4.21 -5.17
C ASP A 665 4.14 -4.13 -6.01
N ARG A 666 4.24 -4.57 -7.27
CA ARG A 666 3.12 -4.54 -8.20
C ARG A 666 3.10 -5.84 -8.97
N THR A 667 3.69 -6.89 -8.41
CA THR A 667 3.76 -8.18 -9.09
C THR A 667 3.25 -9.37 -8.29
N VAL A 668 3.30 -9.29 -6.96
CA VAL A 668 2.86 -10.38 -6.10
C VAL A 668 1.42 -10.87 -6.38
N THR A 669 1.19 -12.15 -6.08
CA THR A 669 -0.06 -12.88 -6.29
C THR A 669 -0.10 -13.40 -7.70
N GLY A 670 0.74 -12.81 -8.55
CA GLY A 670 0.82 -13.21 -9.95
C GLY A 670 -0.44 -13.07 -10.77
N MET A 671 -1.22 -12.04 -10.46
CA MET A 671 -2.45 -11.76 -11.16
C MET A 671 -2.50 -10.28 -11.53
N VAL A 672 -1.33 -9.66 -11.60
CA VAL A 672 -1.26 -8.25 -11.97
C VAL A 672 -1.14 -8.11 -13.48
N ALA A 673 -2.28 -7.88 -14.13
CA ALA A 673 -2.33 -7.76 -15.58
C ALA A 673 -2.00 -6.35 -16.06
N ARG A 674 -2.34 -5.35 -15.24
CA ARG A 674 -2.09 -3.98 -15.61
C ARG A 674 -1.66 -3.13 -14.43
N ASP A 675 -0.37 -2.83 -14.41
CA ASP A 675 0.24 -2.00 -13.36
C ASP A 675 0.44 -0.59 -13.90
N GLN A 676 1.06 0.27 -13.09
CA GLN A 676 1.29 1.65 -13.47
C GLN A 676 2.24 1.81 -14.65
N MET A 677 3.27 0.98 -14.71
CA MET A 677 4.26 1.06 -15.78
C MET A 677 3.69 0.59 -17.11
N VAL A 678 3.90 1.37 -18.17
CA VAL A 678 3.39 1.06 -19.49
C VAL A 678 4.46 1.08 -20.57
N GLY A 679 4.36 0.15 -21.52
CA GLY A 679 5.30 0.10 -22.63
C GLY A 679 6.72 -0.32 -22.35
N PRO A 680 7.53 -0.53 -23.41
CA PRO A 680 8.92 -0.95 -23.36
C PRO A 680 9.78 -0.01 -22.55
N TRP A 681 9.28 1.20 -22.34
CA TRP A 681 10.02 2.20 -21.58
C TRP A 681 9.51 2.43 -20.17
N GLN A 682 8.64 1.55 -19.70
CA GLN A 682 8.10 1.60 -18.35
C GLN A 682 7.63 2.95 -17.83
N VAL A 683 7.06 3.78 -18.70
CA VAL A 683 6.57 5.08 -18.27
C VAL A 683 5.34 4.83 -17.42
N PRO A 684 5.30 5.36 -16.22
CA PRO A 684 4.15 5.17 -15.34
C PRO A 684 2.93 6.00 -15.73
N VAL A 685 2.27 5.65 -16.82
CA VAL A 685 1.07 6.39 -17.26
C VAL A 685 -0.20 5.56 -17.44
N ALA A 686 -0.30 4.43 -16.76
CA ALA A 686 -1.48 3.56 -16.83
C ALA A 686 -2.67 4.21 -16.12
N ASP A 687 -3.80 4.31 -16.81
CA ASP A 687 -4.98 4.95 -16.25
C ASP A 687 -5.75 4.21 -15.18
N CYS A 688 -5.80 2.89 -15.26
CA CYS A 688 -6.49 2.10 -14.25
C CYS A 688 -5.65 0.87 -14.00
N ALA A 689 -6.05 0.07 -13.02
CA ALA A 689 -5.32 -1.14 -12.71
C ALA A 689 -6.25 -2.32 -13.01
N VAL A 690 -5.71 -3.36 -13.64
CA VAL A 690 -6.50 -4.53 -13.97
C VAL A 690 -5.84 -5.82 -13.48
N THR A 691 -6.56 -6.59 -12.66
CA THR A 691 -6.03 -7.85 -12.17
C THR A 691 -6.88 -8.99 -12.67
N THR A 692 -6.26 -10.15 -12.89
CA THR A 692 -6.97 -11.34 -13.34
C THR A 692 -7.62 -11.98 -12.12
N ALA A 693 -8.89 -12.33 -12.23
CA ALA A 693 -9.65 -12.95 -11.14
C ALA A 693 -9.10 -14.27 -10.59
N SER A 694 -8.20 -14.90 -11.34
CA SER A 694 -7.60 -16.15 -10.91
C SER A 694 -6.34 -16.40 -11.71
N LEU A 695 -5.66 -17.50 -11.42
CA LEU A 695 -4.45 -17.82 -12.16
C LEU A 695 -4.73 -18.75 -13.33
N ASP A 696 -6.02 -19.00 -13.58
CA ASP A 696 -6.43 -19.88 -14.66
C ASP A 696 -7.56 -19.22 -15.44
N SER A 697 -7.61 -17.89 -15.44
CA SER A 697 -8.68 -17.20 -16.16
C SER A 697 -8.35 -15.84 -16.73
N TYR A 698 -9.21 -15.39 -17.63
CA TYR A 698 -9.05 -14.08 -18.24
C TYR A 698 -10.13 -13.12 -17.78
N TYR A 699 -10.81 -13.46 -16.68
CA TYR A 699 -11.83 -12.61 -16.09
C TYR A 699 -11.05 -11.82 -15.03
N GLY A 700 -11.59 -10.68 -14.61
CA GLY A 700 -10.88 -9.91 -13.61
C GLY A 700 -11.57 -8.72 -12.99
N GLU A 701 -10.81 -7.95 -12.24
CA GLU A 701 -11.28 -6.75 -11.56
C GLU A 701 -10.55 -5.56 -12.12
N ALA A 702 -11.13 -4.38 -11.94
CA ALA A 702 -10.53 -3.13 -12.41
C ALA A 702 -10.65 -2.02 -11.38
N MET A 703 -9.58 -1.26 -11.21
CA MET A 703 -9.56 -0.15 -10.26
C MET A 703 -9.10 1.15 -10.89
N SER A 704 -9.90 2.19 -10.74
CA SER A 704 -9.55 3.49 -11.28
C SER A 704 -9.79 4.50 -10.19
N ILE A 705 -9.26 5.70 -10.35
CA ILE A 705 -9.45 6.72 -9.35
C ILE A 705 -9.79 8.08 -9.93
N GLY A 706 -10.94 8.61 -9.51
CA GLY A 706 -11.37 9.91 -9.95
C GLY A 706 -11.17 10.87 -8.79
N GLU A 707 -10.69 12.07 -9.08
CA GLU A 707 -10.44 13.05 -8.05
C GLU A 707 -10.01 14.36 -8.66
N ARG A 708 -10.69 15.45 -8.29
CA ARG A 708 -10.37 16.76 -8.82
C ARG A 708 -10.77 17.82 -7.80
N ALA A 709 -10.18 17.71 -6.61
CA ALA A 709 -10.48 18.60 -5.49
C ALA A 709 -10.30 20.12 -5.59
N PRO A 710 -9.43 20.62 -6.48
CA PRO A 710 -9.29 22.08 -6.54
C PRO A 710 -10.54 22.79 -7.02
N VAL A 711 -11.21 22.19 -8.00
CA VAL A 711 -12.43 22.74 -8.55
C VAL A 711 -13.42 23.21 -7.49
N ALA A 712 -13.37 22.56 -6.32
CA ALA A 712 -14.25 22.87 -5.19
C ALA A 712 -14.07 24.28 -4.67
N LEU A 713 -13.04 24.95 -5.14
CA LEU A 713 -12.77 26.32 -4.73
C LEU A 713 -13.43 27.31 -5.69
N LEU A 714 -14.31 26.80 -6.55
CA LEU A 714 -15.05 27.62 -7.50
C LEU A 714 -16.45 27.09 -7.73
N ASP A 715 -16.62 25.77 -7.63
CA ASP A 715 -17.90 25.11 -7.85
C ASP A 715 -17.87 23.72 -7.21
N PHE A 716 -18.62 23.57 -6.11
CA PHE A 716 -18.69 22.32 -5.36
C PHE A 716 -19.30 21.15 -6.11
N ALA A 717 -20.37 21.39 -6.85
CA ALA A 717 -21.01 20.33 -7.60
C ALA A 717 -20.12 19.81 -8.72
N ALA A 718 -19.38 20.72 -9.33
CA ALA A 718 -18.48 20.37 -10.42
C ALA A 718 -17.39 19.45 -9.96
N SER A 719 -16.73 19.82 -8.88
CA SER A 719 -15.66 18.98 -8.35
C SER A 719 -16.18 17.58 -8.11
N ALA A 720 -17.34 17.49 -7.48
CA ALA A 720 -17.96 16.21 -7.16
C ALA A 720 -18.24 15.45 -8.44
N ARG A 721 -18.85 16.13 -9.41
CA ARG A 721 -19.16 15.50 -10.69
C ARG A 721 -17.91 15.06 -11.43
N LEU A 722 -16.91 15.95 -11.51
CA LEU A 722 -15.67 15.62 -12.19
C LEU A 722 -15.00 14.41 -11.60
N ALA A 723 -15.24 14.17 -10.31
CA ALA A 723 -14.65 13.02 -9.62
C ALA A 723 -15.16 11.74 -10.24
N VAL A 724 -16.47 11.64 -10.41
CA VAL A 724 -17.07 10.47 -11.02
C VAL A 724 -16.61 10.40 -12.48
N GLY A 725 -16.49 11.57 -13.10
CA GLY A 725 -16.06 11.62 -14.48
C GLY A 725 -14.70 11.03 -14.77
N GLU A 726 -13.66 11.55 -14.12
CA GLU A 726 -12.30 11.05 -14.32
C GLU A 726 -12.21 9.57 -14.01
N ALA A 727 -12.88 9.14 -12.94
CA ALA A 727 -12.90 7.73 -12.54
C ALA A 727 -13.35 6.89 -13.72
N LEU A 728 -14.43 7.33 -14.35
CA LEU A 728 -15.00 6.67 -15.50
C LEU A 728 -14.04 6.73 -16.70
N THR A 729 -13.65 7.94 -17.12
CA THR A 729 -12.72 8.11 -18.25
C THR A 729 -11.39 7.37 -18.05
N ASN A 730 -11.00 7.19 -16.79
CA ASN A 730 -9.76 6.49 -16.46
C ASN A 730 -9.95 4.98 -16.63
N ILE A 731 -11.16 4.51 -16.31
CA ILE A 731 -11.47 3.08 -16.37
C ILE A 731 -12.17 2.59 -17.64
N ALA A 732 -12.48 3.50 -18.55
CA ALA A 732 -13.16 3.16 -19.78
C ALA A 732 -12.44 2.18 -20.73
N ALA A 733 -11.13 2.31 -20.90
CA ALA A 733 -10.43 1.40 -21.80
C ALA A 733 -10.19 0.03 -21.20
N THR A 734 -11.29 -0.60 -20.77
CA THR A 734 -11.27 -1.91 -20.14
C THR A 734 -12.60 -2.58 -20.43
N GLN A 735 -12.54 -3.83 -20.88
CA GLN A 735 -13.76 -4.55 -21.19
C GLN A 735 -14.58 -4.91 -19.96
N ILE A 736 -15.62 -4.12 -19.71
CA ILE A 736 -16.50 -4.32 -18.58
C ILE A 736 -17.94 -4.65 -18.99
N GLY A 737 -18.45 -3.90 -19.96
CA GLY A 737 -19.82 -4.10 -20.41
C GLY A 737 -20.73 -3.14 -19.67
N ASP A 738 -21.97 -3.55 -19.43
CA ASP A 738 -23.00 -2.75 -18.74
C ASP A 738 -22.37 -1.79 -17.74
N ILE A 739 -22.68 -0.49 -17.86
CA ILE A 739 -22.11 0.50 -16.94
C ILE A 739 -22.47 0.21 -15.49
N LYS A 740 -23.52 -0.59 -15.31
CA LYS A 740 -24.00 -0.97 -13.99
C LYS A 740 -23.04 -1.89 -13.28
N ARG A 741 -22.00 -2.34 -13.97
CA ARG A 741 -21.01 -3.23 -13.37
C ARG A 741 -20.00 -2.45 -12.54
N ILE A 742 -19.92 -1.14 -12.77
CA ILE A 742 -18.99 -0.29 -12.05
C ILE A 742 -19.59 0.20 -10.74
N LYS A 743 -18.92 -0.09 -9.63
CA LYS A 743 -19.38 0.33 -8.32
C LYS A 743 -18.41 1.36 -7.73
N LEU A 744 -18.94 2.52 -7.37
CA LEU A 744 -18.13 3.60 -6.81
C LEU A 744 -18.07 3.70 -5.29
N SER A 745 -16.93 4.15 -4.77
CA SER A 745 -16.77 4.37 -3.34
C SER A 745 -16.44 5.85 -3.18
N ALA A 746 -17.33 6.59 -2.52
CA ALA A 746 -17.11 8.02 -2.32
C ALA A 746 -16.52 8.34 -0.96
N ASN A 747 -15.32 8.93 -0.98
CA ASN A 747 -14.60 9.33 0.22
C ASN A 747 -14.65 10.86 0.30
N TRP A 748 -15.32 11.38 1.32
CA TRP A 748 -15.48 12.82 1.44
C TRP A 748 -14.57 13.54 2.44
N MET A 749 -13.71 14.41 1.92
CA MET A 749 -12.80 15.20 2.75
C MET A 749 -13.28 16.64 2.75
N ALA A 750 -13.47 17.21 3.93
CA ALA A 750 -13.96 18.58 4.03
C ALA A 750 -13.68 19.24 5.37
N ALA A 751 -13.92 20.54 5.43
CA ALA A 751 -13.73 21.27 6.66
C ALA A 751 -15.10 21.70 7.12
N ALA A 752 -15.79 20.81 7.81
CA ALA A 752 -17.11 21.12 8.32
C ALA A 752 -16.97 22.22 9.35
N GLY A 753 -17.76 23.29 9.19
CA GLY A 753 -17.69 24.40 10.10
C GLY A 753 -17.16 25.64 9.41
N HIS A 754 -16.32 25.44 8.41
CA HIS A 754 -15.74 26.55 7.66
C HIS A 754 -16.82 27.15 6.76
N PRO A 755 -16.85 28.49 6.65
CA PRO A 755 -17.80 29.25 5.85
C PRO A 755 -18.17 28.72 4.46
N GLY A 756 -19.46 28.40 4.31
CA GLY A 756 -20.01 27.93 3.05
C GLY A 756 -19.65 26.53 2.61
N GLU A 757 -18.54 25.99 3.11
CA GLU A 757 -18.11 24.64 2.77
C GLU A 757 -19.22 23.67 3.13
N ASP A 758 -19.93 23.97 4.22
CA ASP A 758 -21.02 23.13 4.67
C ASP A 758 -22.12 22.96 3.62
N ALA A 759 -22.69 24.08 3.16
CA ALA A 759 -23.75 24.03 2.15
C ALA A 759 -23.19 23.42 0.88
N GLY A 760 -21.95 23.79 0.57
CA GLY A 760 -21.26 23.27 -0.59
C GLY A 760 -21.16 21.76 -0.53
N LEU A 761 -20.91 21.22 0.66
CA LEU A 761 -20.81 19.79 0.82
C LEU A 761 -22.15 19.17 0.43
N TYR A 762 -23.22 19.65 1.04
CA TYR A 762 -24.54 19.14 0.76
C TYR A 762 -24.90 19.20 -0.72
N ASP A 763 -24.63 20.32 -1.37
CA ASP A 763 -24.95 20.43 -2.78
C ASP A 763 -24.13 19.45 -3.62
N ALA A 764 -22.85 19.30 -3.30
CA ALA A 764 -21.97 18.39 -4.02
C ALA A 764 -22.39 16.95 -3.81
N VAL A 765 -22.80 16.61 -2.59
CA VAL A 765 -23.24 15.26 -2.28
C VAL A 765 -24.55 15.00 -3.02
N LYS A 766 -25.41 16.02 -3.08
CA LYS A 766 -26.67 15.89 -3.80
C LYS A 766 -26.34 15.60 -5.26
N ALA A 767 -25.48 16.44 -5.84
CA ALA A 767 -25.06 16.32 -7.23
C ALA A 767 -24.66 14.92 -7.72
N VAL A 768 -23.94 14.15 -6.90
CA VAL A 768 -23.55 12.80 -7.30
C VAL A 768 -24.51 11.78 -6.74
N GLY A 769 -24.93 12.00 -5.50
CA GLY A 769 -25.83 11.07 -4.85
C GLY A 769 -27.22 10.94 -5.44
N GLU A 770 -27.88 12.08 -5.65
CA GLU A 770 -29.24 12.12 -6.17
C GLU A 770 -29.39 12.35 -7.66
N GLU A 771 -28.30 12.65 -8.36
CA GLU A 771 -28.38 12.92 -9.80
C GLU A 771 -27.37 12.22 -10.70
N LEU A 772 -26.16 12.77 -10.83
CA LEU A 772 -25.15 12.20 -11.72
C LEU A 772 -25.03 10.68 -11.64
N CYS A 773 -24.86 10.14 -10.44
CA CYS A 773 -24.74 8.69 -10.30
C CYS A 773 -26.01 7.93 -10.71
N PRO A 774 -27.18 8.29 -10.16
CA PRO A 774 -28.42 7.60 -10.53
C PRO A 774 -28.72 7.78 -12.03
N GLN A 775 -28.38 8.95 -12.56
CA GLN A 775 -28.59 9.22 -13.98
C GLN A 775 -27.78 8.30 -14.88
N LEU A 776 -26.55 7.98 -14.51
CA LEU A 776 -25.70 7.10 -15.32
C LEU A 776 -25.96 5.63 -15.07
N GLY A 777 -26.28 5.30 -13.84
CA GLY A 777 -26.53 3.92 -13.47
C GLY A 777 -25.44 3.47 -12.52
N LEU A 778 -24.78 4.44 -11.92
CA LEU A 778 -23.71 4.18 -10.97
C LEU A 778 -24.18 4.07 -9.52
N THR A 779 -23.52 3.19 -8.78
CA THR A 779 -23.85 2.93 -7.38
C THR A 779 -22.71 3.35 -6.46
N ILE A 780 -23.05 3.65 -5.21
CA ILE A 780 -22.05 4.06 -4.22
C ILE A 780 -22.22 3.25 -2.93
N PRO A 781 -21.86 1.96 -2.96
CA PRO A 781 -21.99 1.09 -1.79
C PRO A 781 -20.98 1.26 -0.65
N VAL A 782 -19.93 2.07 -0.85
CA VAL A 782 -18.93 2.29 0.22
C VAL A 782 -18.37 3.69 0.32
N GLY A 783 -18.09 4.11 1.54
CA GLY A 783 -17.55 5.43 1.78
C GLY A 783 -16.94 5.61 3.17
N LYS A 784 -16.51 6.83 3.45
CA LYS A 784 -15.89 7.18 4.72
C LYS A 784 -15.82 8.71 4.68
N ASP A 785 -15.73 9.37 5.84
CA ASP A 785 -15.71 10.83 5.81
C ASP A 785 -14.84 11.57 6.85
N SER A 786 -14.03 12.50 6.35
CA SER A 786 -13.16 13.31 7.20
C SER A 786 -13.68 14.74 7.06
N MET A 787 -14.13 15.30 8.18
CA MET A 787 -14.71 16.66 8.22
C MET A 787 -13.91 17.76 8.94
N SER A 788 -12.59 17.64 8.95
CA SER A 788 -11.76 18.63 9.62
C SER A 788 -10.49 18.89 8.84
N MET A 789 -10.63 19.12 7.55
CA MET A 789 -9.47 19.37 6.72
C MET A 789 -9.11 20.84 6.72
N LYS A 790 -8.56 21.27 7.85
CA LYS A 790 -8.09 22.64 8.06
C LYS A 790 -7.16 22.64 9.28
N THR A 791 -6.10 23.42 9.18
CA THR A 791 -5.12 23.49 10.25
C THR A 791 -5.00 24.94 10.72
N ARG A 792 -5.04 25.14 12.04
CA ARG A 792 -4.92 26.47 12.62
C ARG A 792 -3.61 26.56 13.40
N TRP A 793 -2.87 27.66 13.20
CA TRP A 793 -1.62 27.88 13.92
C TRP A 793 -1.22 29.37 14.04
N GLN A 794 -0.11 29.61 14.75
CA GLN A 794 0.40 30.96 14.93
C GLN A 794 1.68 31.23 14.15
N GLU A 795 1.59 32.13 13.16
CA GLU A 795 2.75 32.47 12.34
C GLU A 795 3.45 33.69 12.92
N GLY A 796 2.77 34.84 12.90
CA GLY A 796 3.33 36.05 13.47
C GLY A 796 2.57 36.22 14.78
N ASN A 797 2.09 37.44 15.04
CA ASN A 797 1.29 37.67 16.24
C ASN A 797 -0.16 37.52 15.82
N GLU A 798 -0.33 37.13 14.55
CA GLU A 798 -1.63 36.90 13.92
C GLU A 798 -1.75 35.41 13.59
N GLN A 799 -3.01 34.90 13.56
CA GLN A 799 -3.29 33.50 13.28
C GLN A 799 -3.44 33.16 11.80
N ARG A 800 -2.88 32.02 11.40
CA ARG A 800 -3.00 31.54 10.03
C ARG A 800 -3.77 30.23 9.99
N GLU A 801 -4.57 30.06 8.95
CA GLU A 801 -5.41 28.90 8.78
C GLU A 801 -5.27 28.34 7.36
N MET A 802 -4.88 27.08 7.26
CA MET A 802 -4.74 26.42 5.96
C MET A 802 -6.00 25.57 5.82
N THR A 803 -6.82 25.83 4.80
CA THR A 803 -8.06 25.09 4.63
C THR A 803 -8.24 24.35 3.30
N SER A 804 -8.61 23.07 3.41
CA SER A 804 -8.81 22.20 2.25
C SER A 804 -10.16 22.40 1.52
N PRO A 805 -10.15 22.17 0.20
CA PRO A 805 -11.37 22.32 -0.61
C PRO A 805 -12.25 21.08 -0.35
N LEU A 806 -13.45 21.04 -0.90
CA LEU A 806 -14.31 19.86 -0.71
C LEU A 806 -13.62 18.76 -1.54
N SER A 807 -12.82 17.95 -0.86
CA SER A 807 -12.07 16.91 -1.55
C SER A 807 -12.74 15.54 -1.68
N LEU A 808 -13.49 15.34 -2.77
CA LEU A 808 -14.16 14.07 -3.03
C LEU A 808 -13.22 13.19 -3.84
N VAL A 809 -13.05 11.96 -3.39
CA VAL A 809 -12.17 11.00 -4.06
C VAL A 809 -12.94 9.73 -4.43
N ILE A 810 -13.41 9.72 -5.68
CA ILE A 810 -14.17 8.59 -6.21
C ILE A 810 -13.21 7.48 -6.68
N SER A 811 -13.36 6.28 -6.10
CA SER A 811 -12.55 5.13 -6.49
C SER A 811 -13.49 4.13 -7.16
N ALA A 812 -13.28 3.88 -8.45
CA ALA A 812 -14.11 2.96 -9.23
C ALA A 812 -13.60 1.53 -9.23
N PHE A 813 -14.52 0.58 -9.07
CA PHE A 813 -14.22 -0.85 -9.02
C PHE A 813 -15.20 -1.60 -9.91
N ALA A 814 -14.69 -2.40 -10.85
CA ALA A 814 -15.54 -3.16 -11.78
C ALA A 814 -15.07 -4.58 -12.15
N ARG A 815 -16.00 -5.38 -12.67
CA ARG A 815 -15.70 -6.75 -13.08
C ARG A 815 -15.31 -6.83 -14.56
N VAL A 816 -14.02 -7.03 -14.81
CA VAL A 816 -13.51 -7.14 -16.19
C VAL A 816 -13.97 -8.44 -16.86
N GLU A 817 -14.48 -8.31 -18.09
CA GLU A 817 -14.94 -9.45 -18.87
C GLU A 817 -13.81 -10.20 -19.55
N ASP A 818 -12.86 -9.47 -20.11
CA ASP A 818 -11.72 -10.07 -20.79
C ASP A 818 -10.48 -9.22 -20.56
N VAL A 819 -9.69 -9.62 -19.56
CA VAL A 819 -8.47 -8.93 -19.17
C VAL A 819 -7.49 -8.66 -20.31
N ARG A 820 -7.55 -9.46 -21.37
CA ARG A 820 -6.65 -9.31 -22.51
C ARG A 820 -6.88 -8.07 -23.39
N HIS A 821 -8.08 -7.51 -23.32
CA HIS A 821 -8.40 -6.37 -24.18
C HIS A 821 -8.23 -4.99 -23.62
N THR A 822 -7.61 -4.86 -22.46
CA THR A 822 -7.35 -3.55 -21.82
C THR A 822 -6.36 -2.77 -22.69
N LEU A 823 -6.48 -1.44 -22.69
CA LEU A 823 -5.57 -0.63 -23.49
C LEU A 823 -4.79 0.33 -22.62
N THR A 824 -3.67 0.79 -23.14
CA THR A 824 -2.79 1.72 -22.44
C THR A 824 -2.46 2.91 -23.34
N PRO A 825 -1.69 3.89 -22.82
CA PRO A 825 -1.31 5.07 -23.61
C PRO A 825 -0.20 4.84 -24.66
N GLN A 826 0.45 3.69 -24.61
CA GLN A 826 1.52 3.35 -25.57
C GLN A 826 1.11 3.49 -27.03
N LEU A 827 1.50 4.59 -27.65
CA LEU A 827 1.18 4.85 -29.05
C LEU A 827 1.88 3.86 -29.99
N SER A 828 1.39 3.79 -31.23
CA SER A 828 1.96 2.90 -32.26
C SER A 828 2.48 3.79 -33.39
N THR A 829 3.56 3.39 -34.03
CA THR A 829 4.09 4.20 -35.13
C THR A 829 3.44 3.87 -36.46
N GLU A 830 2.67 2.78 -36.51
CA GLU A 830 1.98 2.38 -37.75
C GLU A 830 0.93 3.42 -38.08
N ASP A 831 0.42 3.37 -39.31
CA ASP A 831 -0.62 4.30 -39.77
C ASP A 831 -1.64 4.48 -38.66
N ASN A 832 -1.90 5.71 -38.27
CA ASN A 832 -2.86 5.90 -37.20
C ASN A 832 -3.53 7.25 -37.19
N ALA A 833 -4.45 7.37 -36.25
CA ALA A 833 -5.20 8.60 -36.06
C ALA A 833 -5.39 8.89 -34.58
N LEU A 834 -5.09 10.12 -34.19
CA LEU A 834 -5.29 10.53 -32.82
C LEU A 834 -6.61 11.31 -32.82
N LEU A 835 -7.67 10.64 -32.40
CA LEU A 835 -9.00 11.24 -32.34
C LEU A 835 -9.31 11.67 -30.93
N LEU A 836 -9.57 12.96 -30.75
CA LEU A 836 -9.90 13.55 -29.45
C LEU A 836 -11.39 13.48 -29.22
N ILE A 837 -11.78 13.10 -28.02
CA ILE A 837 -13.18 13.02 -27.68
C ILE A 837 -13.37 14.05 -26.57
N ASP A 838 -13.68 15.28 -26.98
CA ASP A 838 -13.87 16.38 -26.04
C ASP A 838 -15.26 16.41 -25.43
N LEU A 839 -15.41 15.84 -24.24
CA LEU A 839 -16.71 15.82 -23.58
C LEU A 839 -17.05 17.19 -23.00
N GLY A 840 -16.11 18.12 -23.12
CA GLY A 840 -16.31 19.47 -22.63
C GLY A 840 -17.20 20.27 -23.56
N LYS A 841 -17.39 19.75 -24.76
CA LYS A 841 -18.22 20.40 -25.78
C LYS A 841 -17.70 21.79 -26.10
N GLY A 842 -16.37 21.91 -26.09
CA GLY A 842 -15.73 23.18 -26.39
C GLY A 842 -15.83 24.27 -25.35
N HIS A 843 -16.18 23.90 -24.11
CA HIS A 843 -16.28 24.91 -23.04
C HIS A 843 -14.89 25.36 -22.63
N ASN A 844 -13.90 24.53 -22.96
CA ASN A 844 -12.47 24.76 -22.71
C ASN A 844 -12.18 25.63 -21.48
N ALA A 845 -12.80 25.32 -20.35
CA ALA A 845 -12.58 26.11 -19.13
C ALA A 845 -11.15 26.01 -18.64
N LEU A 846 -10.63 27.11 -18.08
CA LEU A 846 -9.27 27.15 -17.55
C LEU A 846 -9.24 27.26 -16.04
N GLY A 847 -10.39 27.58 -15.44
CA GLY A 847 -10.48 27.72 -14.00
C GLY A 847 -10.13 26.48 -13.20
N ALA A 848 -9.47 26.70 -12.06
CA ALA A 848 -9.06 25.63 -11.17
C ALA A 848 -8.40 24.49 -11.95
N THR A 849 -7.32 24.83 -12.64
CA THR A 849 -6.57 23.86 -13.44
C THR A 849 -5.12 23.87 -13.04
N ALA A 850 -4.31 23.11 -13.78
CA ALA A 850 -2.88 23.04 -13.55
C ALA A 850 -2.28 24.34 -14.09
N LEU A 851 -2.80 24.82 -15.21
CA LEU A 851 -2.30 26.06 -15.80
C LEU A 851 -2.51 27.18 -14.81
N ALA A 852 -3.70 27.24 -14.27
CA ALA A 852 -4.00 28.28 -13.31
C ALA A 852 -3.17 28.16 -12.03
N GLN A 853 -3.14 26.97 -11.45
CA GLN A 853 -2.39 26.75 -10.22
C GLN A 853 -0.94 27.11 -10.39
N VAL A 854 -0.36 26.63 -11.49
CA VAL A 854 1.02 26.86 -11.83
C VAL A 854 1.36 28.34 -12.01
N TYR A 855 0.33 29.19 -12.10
CA TYR A 855 0.50 30.64 -12.26
C TYR A 855 -0.09 31.40 -11.09
N ARG A 856 -0.29 30.67 -9.99
CA ARG A 856 -0.82 31.20 -8.73
C ARG A 856 -2.22 31.81 -8.86
N GLN A 857 -3.12 31.09 -9.51
CA GLN A 857 -4.48 31.59 -9.69
C GLN A 857 -5.58 30.54 -9.49
N LEU A 858 -6.83 31.00 -9.52
CA LEU A 858 -7.98 30.12 -9.35
C LEU A 858 -8.81 30.05 -10.62
N GLY A 859 -8.80 31.17 -11.36
CA GLY A 859 -9.53 31.24 -12.61
C GLY A 859 -10.95 31.76 -12.55
N ASP A 860 -11.60 31.68 -13.71
CA ASP A 860 -12.96 32.14 -13.90
C ASP A 860 -14.02 31.05 -13.69
N LYS A 861 -14.14 30.13 -14.67
CA LYS A 861 -15.10 29.03 -14.61
C LYS A 861 -14.33 27.71 -14.80
N PRO A 862 -14.65 26.66 -14.00
CA PRO A 862 -13.98 25.37 -14.07
C PRO A 862 -14.69 24.36 -14.95
N ALA A 863 -14.01 23.24 -15.21
CA ALA A 863 -14.57 22.18 -16.04
C ALA A 863 -15.73 21.52 -15.29
N ASP A 864 -16.72 21.01 -16.03
CA ASP A 864 -17.85 20.35 -15.41
C ASP A 864 -18.39 19.32 -16.39
N VAL A 865 -19.12 18.35 -15.85
CA VAL A 865 -19.73 17.30 -16.66
C VAL A 865 -20.82 18.02 -17.45
N ARG A 866 -20.57 18.23 -18.74
CA ARG A 866 -21.52 18.96 -19.59
C ARG A 866 -22.78 18.19 -19.98
N ASP A 867 -22.63 16.96 -20.45
CA ASP A 867 -23.79 16.19 -20.88
C ASP A 867 -23.89 14.85 -20.15
N VAL A 868 -24.84 14.74 -19.23
CA VAL A 868 -25.00 13.49 -18.49
C VAL A 868 -25.19 12.29 -19.40
N ALA A 869 -25.93 12.50 -20.49
CA ALA A 869 -26.19 11.43 -21.45
C ALA A 869 -24.99 11.09 -22.32
N GLN A 870 -24.23 12.12 -22.69
CA GLN A 870 -23.04 11.88 -23.51
C GLN A 870 -21.94 11.17 -22.71
N LEU A 871 -21.84 11.47 -21.41
CA LEU A 871 -20.83 10.81 -20.57
C LEU A 871 -21.09 9.30 -20.62
N LYS A 872 -22.35 8.89 -20.51
CA LYS A 872 -22.67 7.48 -20.58
C LYS A 872 -22.47 7.02 -22.00
N GLY A 873 -22.73 7.92 -22.94
CA GLY A 873 -22.54 7.60 -24.35
C GLY A 873 -21.08 7.33 -24.61
N PHE A 874 -20.24 8.10 -23.93
CA PHE A 874 -18.80 7.97 -24.03
C PHE A 874 -18.43 6.59 -23.53
N TYR A 875 -18.98 6.21 -22.39
CA TYR A 875 -18.69 4.91 -21.81
C TYR A 875 -19.14 3.80 -22.75
N ASP A 876 -20.42 3.81 -23.11
CA ASP A 876 -20.94 2.79 -24.00
C ASP A 876 -20.14 2.72 -25.28
N ALA A 877 -19.82 3.89 -25.83
CA ALA A 877 -19.02 3.97 -27.06
C ALA A 877 -17.68 3.26 -26.85
N MET A 878 -16.93 3.70 -25.85
CA MET A 878 -15.64 3.11 -25.54
C MET A 878 -15.76 1.61 -25.29
N GLN A 879 -16.79 1.21 -24.57
CA GLN A 879 -17.00 -0.22 -24.29
C GLN A 879 -17.13 -1.02 -25.57
N ALA A 880 -17.84 -0.44 -26.54
CA ALA A 880 -18.07 -1.07 -27.84
C ALA A 880 -16.77 -1.34 -28.56
N LEU A 881 -15.91 -0.32 -28.62
CA LEU A 881 -14.62 -0.43 -29.29
C LEU A 881 -13.65 -1.39 -28.64
N VAL A 882 -13.52 -1.27 -27.32
CA VAL A 882 -12.63 -2.11 -26.51
C VAL A 882 -12.94 -3.56 -26.80
N ALA A 883 -14.22 -3.85 -26.95
CA ALA A 883 -14.69 -5.18 -27.25
C ALA A 883 -14.36 -5.58 -28.68
N ALA A 884 -14.49 -4.63 -29.60
CA ALA A 884 -14.23 -4.88 -31.02
C ALA A 884 -12.77 -4.77 -31.44
N ARG A 885 -11.88 -4.39 -30.53
CA ARG A 885 -10.44 -4.25 -30.81
C ARG A 885 -10.14 -3.23 -31.91
N LYS A 886 -10.88 -2.11 -31.90
CA LYS A 886 -10.73 -1.06 -32.89
C LYS A 886 -9.68 -0.02 -32.52
N LEU A 887 -9.34 0.05 -31.24
CA LEU A 887 -8.35 1.02 -30.73
C LEU A 887 -6.96 0.45 -30.60
N LEU A 888 -5.96 1.33 -30.69
CA LEU A 888 -4.56 0.94 -30.54
C LEU A 888 -4.03 1.48 -29.21
N ALA A 889 -4.62 2.59 -28.76
CA ALA A 889 -4.20 3.19 -27.50
C ALA A 889 -5.28 4.08 -26.93
N TRP A 890 -5.16 4.32 -25.62
CA TRP A 890 -6.08 5.18 -24.89
C TRP A 890 -5.35 5.92 -23.78
N HIS A 891 -5.92 7.07 -23.44
CA HIS A 891 -5.42 7.93 -22.37
C HIS A 891 -6.40 9.08 -22.17
N ASP A 892 -7.03 9.13 -20.99
CA ASP A 892 -7.99 10.17 -20.65
C ASP A 892 -7.34 11.52 -20.47
N ARG A 893 -8.16 12.55 -20.28
CA ARG A 893 -7.67 13.90 -20.06
C ARG A 893 -8.02 14.37 -18.64
N SER A 894 -6.99 14.81 -17.93
CA SER A 894 -7.15 15.31 -16.57
C SER A 894 -6.10 16.38 -16.34
N ASP A 895 -5.40 16.32 -15.21
CA ASP A 895 -4.36 17.28 -14.84
C ASP A 895 -3.45 17.63 -16.01
N GLY A 896 -3.32 18.93 -16.27
CA GLY A 896 -2.47 19.39 -17.36
C GLY A 896 -3.11 19.30 -18.73
N GLY A 897 -4.39 18.94 -18.77
CA GLY A 897 -5.12 18.85 -20.03
C GLY A 897 -4.54 18.03 -21.17
N LEU A 898 -5.07 18.30 -22.37
CA LEU A 898 -4.70 17.62 -23.61
C LEU A 898 -3.20 17.58 -23.88
N LEU A 899 -2.52 18.69 -23.61
CA LEU A 899 -1.08 18.77 -23.82
C LEU A 899 -0.35 17.70 -23.03
N VAL A 900 -0.76 17.49 -21.78
CA VAL A 900 -0.12 16.48 -20.95
C VAL A 900 -0.58 15.08 -21.34
N THR A 901 -1.81 14.98 -21.81
CA THR A 901 -2.34 13.69 -22.23
C THR A 901 -1.60 13.22 -23.48
N LEU A 902 -1.32 14.16 -24.39
CA LEU A 902 -0.61 13.85 -25.62
C LEU A 902 0.86 13.66 -25.35
N ALA A 903 1.40 14.40 -24.40
CA ALA A 903 2.82 14.29 -24.05
C ALA A 903 3.10 12.92 -23.48
N GLU A 904 2.24 12.48 -22.58
CA GLU A 904 2.39 11.18 -21.93
C GLU A 904 2.28 10.05 -22.93
N MET A 905 1.35 10.16 -23.87
CA MET A 905 1.19 9.13 -24.88
C MET A 905 2.44 9.06 -25.74
N ALA A 906 3.16 10.17 -25.82
CA ALA A 906 4.38 10.25 -26.60
C ALA A 906 5.55 9.67 -25.83
N PHE A 907 5.48 9.78 -24.50
CA PHE A 907 6.51 9.26 -23.62
C PHE A 907 6.32 7.76 -23.54
N ALA A 908 5.06 7.36 -23.36
CA ALA A 908 4.73 5.95 -23.25
C ALA A 908 5.11 5.18 -24.50
N GLY A 909 4.87 5.78 -25.66
CA GLY A 909 5.19 5.14 -26.92
C GLY A 909 6.57 5.47 -27.45
N HIS A 910 7.28 6.32 -26.71
CA HIS A 910 8.63 6.77 -27.05
C HIS A 910 8.70 7.14 -28.52
N CYS A 911 7.96 8.17 -28.89
CA CYS A 911 7.89 8.62 -30.27
C CYS A 911 7.40 10.05 -30.32
N GLY A 912 6.96 10.46 -31.52
CA GLY A 912 6.49 11.81 -31.73
C GLY A 912 5.03 11.98 -32.15
N VAL A 913 4.57 13.22 -32.00
CA VAL A 913 3.20 13.60 -32.31
C VAL A 913 3.12 14.84 -33.21
N GLN A 914 2.29 14.73 -34.24
CA GLN A 914 2.06 15.82 -35.19
C GLN A 914 0.56 16.02 -35.18
N VAL A 915 0.10 16.92 -34.32
CA VAL A 915 -1.32 17.22 -34.20
C VAL A 915 -1.65 18.65 -34.55
N ASP A 916 -2.94 18.90 -34.74
CA ASP A 916 -3.43 20.23 -35.08
C ASP A 916 -4.66 20.54 -34.23
N ILE A 917 -4.61 21.66 -33.53
CA ILE A 917 -5.72 22.06 -32.67
C ILE A 917 -6.45 23.29 -33.17
N ALA A 918 -6.80 23.29 -34.45
CA ALA A 918 -7.51 24.43 -35.05
C ALA A 918 -9.01 24.28 -34.83
N ALA A 919 -9.50 23.05 -34.95
CA ALA A 919 -10.92 22.74 -34.76
C ALA A 919 -11.34 22.78 -33.29
N LEU A 920 -10.42 23.23 -32.44
CA LEU A 920 -10.67 23.32 -31.02
C LEU A 920 -10.83 24.76 -30.54
N GLY A 921 -10.89 25.72 -31.47
CA GLY A 921 -11.03 27.12 -31.10
C GLY A 921 -9.76 27.96 -31.11
N ASP A 922 -9.93 29.29 -31.07
CA ASP A 922 -8.81 30.23 -31.11
C ASP A 922 -7.98 30.24 -29.85
N ASP A 923 -8.62 30.00 -28.72
CA ASP A 923 -7.92 29.99 -27.45
C ASP A 923 -7.02 28.75 -27.36
N HIS A 924 -5.89 28.79 -28.05
CA HIS A 924 -4.95 27.66 -28.05
C HIS A 924 -4.48 27.29 -26.66
N LEU A 925 -4.41 28.27 -25.78
CA LEU A 925 -3.99 28.02 -24.42
C LEU A 925 -5.06 27.16 -23.76
N ALA A 926 -6.31 27.62 -23.88
CA ALA A 926 -7.44 26.92 -23.29
C ALA A 926 -7.71 25.56 -23.92
N ALA A 927 -7.32 25.40 -25.19
CA ALA A 927 -7.52 24.15 -25.91
C ALA A 927 -6.57 23.07 -25.40
N LEU A 928 -5.35 23.49 -25.06
CA LEU A 928 -4.32 22.57 -24.58
C LEU A 928 -4.36 22.34 -23.08
N PHE A 929 -4.93 23.26 -22.31
CA PHE A 929 -4.97 23.10 -20.86
C PHE A 929 -6.32 22.97 -20.17
N ASN A 930 -7.38 22.80 -20.96
CA ASN A 930 -8.72 22.61 -20.43
C ASN A 930 -8.71 21.24 -19.78
N GLU A 931 -9.19 21.16 -18.55
CA GLU A 931 -9.23 19.89 -17.85
C GLU A 931 -10.61 19.24 -17.91
N GLU A 932 -11.33 19.52 -18.99
CA GLU A 932 -12.66 18.96 -19.23
C GLU A 932 -12.54 17.45 -19.35
N LEU A 933 -13.66 16.74 -19.20
CA LEU A 933 -13.65 15.29 -19.32
C LEU A 933 -13.32 14.89 -20.75
N GLY A 934 -12.87 13.66 -20.94
CA GLY A 934 -12.55 13.21 -22.29
C GLY A 934 -11.23 12.47 -22.37
N GLY A 935 -10.65 12.48 -23.57
CA GLY A 935 -9.39 11.80 -23.79
C GLY A 935 -9.05 11.69 -25.26
N VAL A 936 -8.00 10.92 -25.52
CA VAL A 936 -7.51 10.72 -26.88
C VAL A 936 -7.46 9.24 -27.24
N ILE A 937 -7.99 8.87 -28.41
CA ILE A 937 -7.93 7.49 -28.84
C ILE A 937 -7.07 7.42 -30.07
N GLN A 938 -6.22 6.39 -30.14
CA GLN A 938 -5.36 6.20 -31.29
C GLN A 938 -5.81 4.96 -32.05
N VAL A 939 -6.60 5.16 -33.09
CA VAL A 939 -7.10 4.05 -33.91
C VAL A 939 -6.22 3.87 -35.12
N ARG A 940 -6.21 2.65 -35.69
CA ARG A 940 -5.42 2.40 -36.88
C ARG A 940 -5.96 3.34 -37.95
N ALA A 941 -5.16 3.59 -38.99
CA ALA A 941 -5.57 4.49 -40.06
C ALA A 941 -6.77 3.96 -40.85
N GLU A 942 -6.65 2.71 -41.29
CA GLU A 942 -7.69 2.06 -42.07
C GLU A 942 -9.02 1.92 -41.29
N ASP A 943 -9.04 2.34 -40.04
CA ASP A 943 -10.23 2.22 -39.22
C ASP A 943 -10.91 3.52 -38.88
N ARG A 944 -10.24 4.64 -39.12
CA ARG A 944 -10.78 5.98 -38.79
C ARG A 944 -12.26 6.21 -39.01
N ASP A 945 -12.72 6.06 -40.25
CA ASP A 945 -14.12 6.26 -40.61
C ASP A 945 -15.12 5.50 -39.74
N ALA A 946 -14.92 4.20 -39.61
CA ALA A 946 -15.80 3.34 -38.80
C ALA A 946 -15.84 3.76 -37.33
N VAL A 947 -14.67 4.09 -36.76
CA VAL A 947 -14.57 4.51 -35.37
C VAL A 947 -15.25 5.87 -35.18
N GLU A 948 -15.23 6.68 -36.23
CA GLU A 948 -15.86 7.98 -36.19
C GLU A 948 -17.36 7.82 -36.30
N ALA A 949 -17.77 6.83 -37.11
CA ALA A 949 -19.17 6.50 -37.37
C ALA A 949 -19.83 5.90 -36.14
N LEU A 950 -19.09 5.07 -35.43
CA LEU A 950 -19.58 4.44 -34.21
C LEU A 950 -19.80 5.56 -33.20
N LEU A 951 -18.74 6.34 -32.95
CA LEU A 951 -18.82 7.45 -32.00
C LEU A 951 -20.01 8.35 -32.34
N ALA A 952 -20.38 8.36 -33.63
CA ALA A 952 -21.51 9.15 -34.10
C ALA A 952 -22.82 8.57 -33.56
N GLN A 953 -22.98 7.25 -33.68
CA GLN A 953 -24.18 6.53 -33.22
C GLN A 953 -24.61 6.89 -31.81
N TYR A 954 -23.65 7.35 -31.01
CA TYR A 954 -23.90 7.75 -29.63
C TYR A 954 -23.94 9.25 -29.48
N GLY A 955 -24.36 9.94 -30.54
CA GLY A 955 -24.47 11.39 -30.51
C GLY A 955 -23.20 12.13 -30.15
N LEU A 956 -22.11 11.38 -30.00
CA LEU A 956 -20.82 11.96 -29.66
C LEU A 956 -20.16 12.59 -30.87
N ALA A 957 -20.79 12.49 -32.04
CA ALA A 957 -20.23 13.05 -33.27
C ALA A 957 -19.90 14.54 -33.15
N ASP A 958 -20.60 15.23 -32.25
CA ASP A 958 -20.39 16.65 -32.04
C ASP A 958 -19.09 16.93 -31.27
N CYS A 959 -18.67 15.99 -30.41
CA CYS A 959 -17.46 16.10 -29.60
C CYS A 959 -16.12 15.71 -30.24
N VAL A 960 -16.15 14.67 -31.06
CA VAL A 960 -14.96 14.15 -31.73
C VAL A 960 -14.29 15.08 -32.72
N HIS A 961 -12.97 15.18 -32.61
CA HIS A 961 -12.16 16.02 -33.49
C HIS A 961 -10.90 15.25 -33.85
N TYR A 962 -10.45 15.41 -35.09
CA TYR A 962 -9.23 14.75 -35.57
C TYR A 962 -8.03 15.66 -35.30
N LEU A 963 -7.09 15.16 -34.49
CA LEU A 963 -5.89 15.92 -34.16
C LEU A 963 -4.82 15.71 -35.19
N GLY A 964 -4.46 14.45 -35.42
CA GLY A 964 -3.43 14.12 -36.39
C GLY A 964 -2.93 12.71 -36.18
N GLN A 965 -1.63 12.50 -36.29
CA GLN A 965 -1.06 11.17 -36.12
C GLN A 965 0.20 11.13 -35.26
N ALA A 966 0.62 9.92 -34.93
CA ALA A 966 1.82 9.68 -34.15
C ALA A 966 2.86 9.18 -35.12
N LEU A 967 4.05 9.74 -35.03
CA LEU A 967 5.15 9.34 -35.91
C LEU A 967 6.35 8.83 -35.12
N ALA A 968 7.24 8.14 -35.82
CA ALA A 968 8.46 7.60 -35.19
C ALA A 968 9.46 8.73 -35.08
N GLY A 969 9.83 9.12 -33.87
CA GLY A 969 10.78 10.19 -33.75
C GLY A 969 10.95 10.90 -32.43
N ASP A 970 11.20 12.20 -32.51
CA ASP A 970 11.42 13.02 -31.34
C ASP A 970 10.72 14.37 -31.50
N ARG A 971 9.89 14.49 -32.51
CA ARG A 971 9.20 15.75 -32.71
C ARG A 971 7.79 15.76 -32.15
N PHE A 972 7.58 16.63 -31.16
CA PHE A 972 6.28 16.82 -30.52
C PHE A 972 5.83 18.17 -31.06
N VAL A 973 4.99 18.12 -32.09
CA VAL A 973 4.48 19.33 -32.74
C VAL A 973 2.96 19.46 -32.72
N ILE A 974 2.50 20.61 -32.25
CA ILE A 974 1.07 20.93 -32.21
C ILE A 974 0.89 22.14 -33.11
N THR A 975 0.07 21.99 -34.15
CA THR A 975 -0.18 23.07 -35.09
C THR A 975 -1.59 23.66 -35.06
N ALA A 976 -1.77 24.72 -35.84
CA ALA A 976 -3.04 25.42 -35.99
C ALA A 976 -2.99 25.97 -37.42
N ASN A 977 -3.39 25.13 -38.37
CA ASN A 977 -3.36 25.45 -39.81
C ASN A 977 -1.89 25.55 -40.25
N ASP A 978 -1.42 26.76 -40.51
CA ASP A 978 -0.03 26.96 -40.89
C ASP A 978 0.53 27.96 -39.90
N GLN A 979 0.54 27.53 -38.65
CA GLN A 979 1.02 28.31 -37.53
C GLN A 979 1.42 27.29 -36.44
N THR A 980 2.73 27.05 -36.31
CA THR A 980 3.28 26.12 -35.32
C THR A 980 2.99 26.62 -33.89
N VAL A 981 2.00 26.02 -33.23
CA VAL A 981 1.59 26.44 -31.88
C VAL A 981 2.56 26.09 -30.78
N PHE A 982 3.26 24.98 -30.94
CA PHE A 982 4.26 24.52 -29.98
C PHE A 982 5.03 23.39 -30.65
N SER A 983 6.35 23.49 -30.59
CA SER A 983 7.21 22.48 -31.18
C SER A 983 8.41 22.28 -30.26
N GLU A 984 8.62 21.04 -29.85
CA GLU A 984 9.71 20.70 -28.95
C GLU A 984 10.10 19.24 -29.06
N SER A 985 11.27 18.90 -28.50
CA SER A 985 11.75 17.52 -28.48
C SER A 985 10.99 16.75 -27.40
N ARG A 986 10.44 15.61 -27.80
CA ARG A 986 9.69 14.74 -26.90
C ARG A 986 10.55 14.23 -25.76
N THR A 987 11.85 14.14 -26.00
CA THR A 987 12.79 13.68 -24.99
C THR A 987 13.07 14.81 -24.00
N THR A 988 13.01 16.04 -24.47
CA THR A 988 13.23 17.18 -23.60
C THR A 988 12.08 17.24 -22.60
N LEU A 989 10.84 17.12 -23.09
CA LEU A 989 9.63 17.15 -22.26
C LEU A 989 9.61 15.97 -21.32
N ARG A 990 9.87 14.78 -21.87
CA ARG A 990 9.93 13.52 -21.12
C ARG A 990 10.85 13.64 -19.91
N VAL A 991 11.88 14.47 -20.04
CA VAL A 991 12.84 14.72 -18.98
C VAL A 991 12.33 15.72 -17.93
N TRP A 992 11.77 16.85 -18.38
CA TRP A 992 11.25 17.87 -17.45
C TRP A 992 10.16 17.30 -16.54
N TRP A 993 9.28 16.53 -17.17
CA TRP A 993 8.16 15.86 -16.52
C TRP A 993 8.71 14.92 -15.44
N ALA A 994 9.86 14.32 -15.72
CA ALA A 994 10.49 13.39 -14.82
C ALA A 994 11.25 14.06 -13.68
N GLU A 995 11.71 15.28 -13.90
CA GLU A 995 12.50 15.99 -12.88
C GLU A 995 11.96 15.96 -11.46
N THR A 996 10.65 16.12 -11.31
CA THR A 996 10.04 16.08 -9.99
C THR A 996 10.37 14.76 -9.32
N THR A 997 10.16 13.66 -10.03
CA THR A 997 10.44 12.35 -9.47
C THR A 997 11.93 12.14 -9.32
N TRP A 998 12.71 12.68 -10.27
CA TRP A 998 14.16 12.57 -10.21
C TRP A 998 14.62 13.22 -8.90
N GLN A 999 14.12 14.42 -8.67
CA GLN A 999 14.46 15.17 -7.48
C GLN A 999 14.10 14.51 -6.15
N MET A 1000 12.94 13.87 -6.08
CA MET A 1000 12.54 13.20 -4.84
C MET A 1000 13.51 12.06 -4.56
N GLN A 1001 13.78 11.27 -5.58
CA GLN A 1001 14.67 10.12 -5.46
C GLN A 1001 16.05 10.53 -4.94
N ARG A 1002 16.49 11.73 -5.30
CA ARG A 1002 17.78 12.22 -4.85
C ARG A 1002 17.83 12.39 -3.34
N LEU A 1003 16.84 13.07 -2.79
CA LEU A 1003 16.82 13.29 -1.36
C LEU A 1003 16.43 12.09 -0.54
N ARG A 1004 15.83 11.08 -1.19
CA ARG A 1004 15.39 9.88 -0.49
C ARG A 1004 16.30 8.67 -0.67
N ASP A 1005 16.53 8.28 -1.92
CA ASP A 1005 17.39 7.14 -2.26
C ASP A 1005 18.84 7.56 -2.44
N ASN A 1006 19.68 6.66 -2.96
CA ASN A 1006 21.09 6.97 -3.20
C ASN A 1006 21.14 7.96 -4.35
N PRO A 1007 21.77 9.13 -4.17
CA PRO A 1007 21.88 10.16 -5.19
C PRO A 1007 22.38 9.63 -6.52
N GLN A 1008 23.37 8.75 -6.47
CA GLN A 1008 23.95 8.18 -7.68
C GLN A 1008 22.88 7.53 -8.56
N CYS A 1009 22.05 6.70 -7.92
CA CYS A 1009 20.98 5.97 -8.59
C CYS A 1009 19.89 6.88 -9.16
N ALA A 1010 19.40 7.81 -8.34
CA ALA A 1010 18.37 8.76 -8.77
C ALA A 1010 18.83 9.44 -10.04
N ASP A 1011 20.12 9.79 -10.05
CA ASP A 1011 20.75 10.46 -11.18
C ASP A 1011 20.88 9.59 -12.41
N GLN A 1012 21.41 8.39 -12.24
CA GLN A 1012 21.55 7.51 -13.36
C GLN A 1012 20.22 7.22 -14.03
N GLU A 1013 19.18 6.99 -13.24
CA GLU A 1013 17.87 6.70 -13.79
C GLU A 1013 17.36 7.87 -14.58
N HIS A 1014 17.56 9.07 -14.05
CA HIS A 1014 17.12 10.29 -14.73
C HIS A 1014 17.96 10.60 -15.96
N GLU A 1015 19.28 10.46 -15.85
CA GLU A 1015 20.19 10.72 -16.96
C GLU A 1015 20.01 9.81 -18.17
N ALA A 1016 19.49 8.61 -17.94
CA ALA A 1016 19.24 7.65 -19.02
C ALA A 1016 17.95 7.95 -19.78
N LYS A 1017 17.10 8.79 -19.20
CA LYS A 1017 15.86 9.18 -19.82
C LYS A 1017 16.19 10.18 -20.93
N ALA A 1018 17.40 10.73 -20.87
CA ALA A 1018 17.85 11.72 -21.85
C ALA A 1018 18.37 11.14 -23.16
N ASN A 1019 18.81 9.89 -23.13
CA ASN A 1019 19.32 9.21 -24.32
C ASN A 1019 18.16 8.65 -25.18
N ASP A 1020 17.73 9.38 -26.20
CA ASP A 1020 16.62 8.92 -27.04
C ASP A 1020 16.88 7.60 -27.75
N THR A 1021 18.12 7.15 -27.75
CA THR A 1021 18.44 5.89 -28.41
C THR A 1021 18.20 4.66 -27.54
N ASP A 1022 17.44 4.83 -26.46
CA ASP A 1022 17.07 3.74 -25.54
C ASP A 1022 16.04 2.90 -26.30
N PRO A 1023 16.37 1.63 -26.61
CA PRO A 1023 15.46 0.74 -27.34
C PRO A 1023 14.40 0.06 -26.50
N GLY A 1024 14.36 0.40 -25.22
CA GLY A 1024 13.38 -0.19 -24.32
C GLY A 1024 13.51 -1.70 -24.19
N LEU A 1025 12.63 -2.29 -23.39
CA LEU A 1025 12.64 -3.72 -23.20
C LEU A 1025 12.43 -4.39 -24.55
N ASN A 1026 13.27 -5.37 -24.85
CA ASN A 1026 13.18 -6.10 -26.12
C ASN A 1026 13.63 -7.53 -25.89
N VAL A 1027 13.04 -8.46 -26.61
CA VAL A 1027 13.32 -9.89 -26.43
C VAL A 1027 14.16 -10.63 -27.49
N LYS A 1028 14.65 -11.79 -27.07
CA LYS A 1028 15.44 -12.74 -27.87
C LYS A 1028 15.16 -14.11 -27.20
N LEU A 1029 14.80 -15.11 -27.98
CA LEU A 1029 14.47 -16.41 -27.39
C LEU A 1029 15.24 -17.62 -27.90
N SER A 1030 16.08 -18.18 -27.02
CA SER A 1030 16.90 -19.34 -27.36
C SER A 1030 16.09 -20.63 -27.54
N PHE A 1031 14.83 -20.62 -27.10
CA PHE A 1031 13.96 -21.80 -27.18
C PHE A 1031 12.57 -21.45 -27.69
N ASP A 1032 11.71 -22.46 -27.82
CA ASP A 1032 10.35 -22.25 -28.27
C ASP A 1032 9.51 -22.15 -26.99
N ILE A 1033 9.08 -20.93 -26.65
CA ILE A 1033 8.30 -20.71 -25.44
C ILE A 1033 6.88 -21.30 -25.47
N ASN A 1034 6.46 -21.74 -26.66
CA ASN A 1034 5.14 -22.36 -26.89
C ASN A 1034 5.19 -23.90 -26.86
N GLU A 1035 6.41 -24.44 -26.96
CA GLU A 1035 6.65 -25.87 -26.93
C GLU A 1035 6.55 -26.27 -25.48
N ASP A 1036 5.52 -27.06 -25.15
CA ASP A 1036 5.29 -27.57 -23.80
C ASP A 1036 5.99 -28.92 -23.68
N ILE A 1037 7.27 -28.90 -23.31
CA ILE A 1037 8.05 -30.13 -23.20
C ILE A 1037 7.65 -30.94 -21.97
N ALA A 1038 6.49 -30.63 -21.42
CA ALA A 1038 5.97 -31.33 -20.26
C ALA A 1038 4.81 -32.24 -20.65
N ALA A 1039 4.08 -31.84 -21.68
CA ALA A 1039 2.92 -32.58 -22.21
C ALA A 1039 2.99 -34.11 -22.17
N PRO A 1040 4.12 -34.72 -22.57
CA PRO A 1040 4.24 -36.18 -22.56
C PRO A 1040 4.09 -36.80 -21.17
N TYR A 1041 4.62 -36.11 -20.16
CA TYR A 1041 4.53 -36.59 -18.80
C TYR A 1041 3.14 -36.34 -18.25
N ILE A 1042 2.60 -35.14 -18.46
CA ILE A 1042 1.25 -34.81 -17.98
C ILE A 1042 0.25 -35.89 -18.47
N ALA A 1043 0.46 -36.36 -19.70
CA ALA A 1043 -0.37 -37.38 -20.33
C ALA A 1043 -0.29 -38.77 -19.68
N THR A 1044 0.72 -39.02 -18.85
CA THR A 1044 0.80 -40.31 -18.18
C THR A 1044 -0.02 -40.19 -16.89
N GLY A 1045 -0.40 -38.97 -16.55
CA GLY A 1045 -1.20 -38.74 -15.35
C GLY A 1045 -0.41 -38.72 -14.05
N ALA A 1046 0.84 -39.18 -14.11
CA ALA A 1046 1.74 -39.22 -12.94
C ALA A 1046 2.21 -37.80 -12.57
N ARG A 1047 1.76 -37.33 -11.40
CA ARG A 1047 2.14 -36.00 -10.92
C ARG A 1047 3.12 -36.07 -9.75
N PRO A 1048 4.38 -35.65 -9.98
CA PRO A 1048 5.42 -35.66 -8.95
C PRO A 1048 5.08 -34.60 -7.88
N LYS A 1049 5.32 -34.92 -6.62
CA LYS A 1049 5.01 -33.98 -5.55
C LYS A 1049 6.18 -33.00 -5.38
N VAL A 1050 5.85 -31.75 -5.08
CA VAL A 1050 6.84 -30.69 -4.88
C VAL A 1050 6.52 -29.92 -3.62
N ALA A 1051 7.50 -29.84 -2.72
CA ALA A 1051 7.33 -29.13 -1.46
C ALA A 1051 7.41 -27.64 -1.66
N VAL A 1052 6.26 -26.99 -1.73
CA VAL A 1052 6.20 -25.53 -1.88
C VAL A 1052 6.38 -24.95 -0.48
N LEU A 1053 7.65 -24.77 -0.11
CA LEU A 1053 8.03 -24.28 1.21
C LEU A 1053 7.75 -22.82 1.52
N ARG A 1054 7.20 -22.59 2.71
CA ARG A 1054 6.88 -21.25 3.19
C ARG A 1054 7.07 -21.12 4.70
N GLU A 1055 7.64 -19.97 5.09
CA GLU A 1055 7.92 -19.62 6.48
C GLU A 1055 6.98 -18.48 6.82
N GLN A 1056 6.77 -18.22 8.11
CA GLN A 1056 5.89 -17.14 8.53
C GLN A 1056 6.37 -15.84 7.88
N GLY A 1057 5.51 -15.19 7.12
CA GLY A 1057 5.89 -13.95 6.47
C GLY A 1057 5.89 -14.05 4.97
N VAL A 1058 6.04 -15.27 4.45
CA VAL A 1058 6.05 -15.53 3.01
C VAL A 1058 4.70 -15.11 2.43
N ASN A 1059 4.72 -14.51 1.24
CA ASN A 1059 3.49 -14.05 0.61
C ASN A 1059 3.25 -14.47 -0.83
N SER A 1060 4.25 -15.11 -1.43
CA SER A 1060 4.11 -15.57 -2.80
C SER A 1060 3.35 -16.90 -2.85
N HIS A 1061 4.08 -17.99 -2.62
CA HIS A 1061 3.60 -19.37 -2.61
C HIS A 1061 2.41 -19.86 -3.44
N VAL A 1062 1.26 -19.18 -3.33
CA VAL A 1062 0.06 -19.59 -4.09
C VAL A 1062 0.35 -19.62 -5.59
N GLU A 1063 0.84 -18.53 -6.15
CA GLU A 1063 1.18 -18.52 -7.57
C GLU A 1063 2.31 -19.50 -7.88
N MET A 1064 3.31 -19.56 -7.00
CA MET A 1064 4.45 -20.46 -7.18
C MET A 1064 3.97 -21.89 -7.36
N ALA A 1065 2.96 -22.26 -6.59
CA ALA A 1065 2.39 -23.60 -6.67
C ALA A 1065 1.70 -23.76 -8.01
N ALA A 1066 0.94 -22.74 -8.39
CA ALA A 1066 0.20 -22.73 -9.65
C ALA A 1066 1.08 -22.87 -10.87
N ALA A 1067 2.36 -22.51 -10.73
CA ALA A 1067 3.30 -22.59 -11.83
C ALA A 1067 3.81 -24.01 -11.96
N PHE A 1068 4.27 -24.59 -10.86
CA PHE A 1068 4.75 -25.95 -10.89
C PHE A 1068 3.58 -26.84 -11.28
N HIS A 1069 2.39 -26.44 -10.84
CA HIS A 1069 1.14 -27.14 -11.14
C HIS A 1069 0.86 -27.20 -12.63
N ARG A 1070 1.03 -26.08 -13.32
CA ARG A 1070 0.80 -26.04 -14.75
C ARG A 1070 1.84 -26.94 -15.41
N ALA A 1071 3.03 -26.97 -14.79
CA ALA A 1071 4.14 -27.76 -15.27
C ALA A 1071 3.97 -29.27 -15.00
N GLY A 1072 2.73 -29.68 -14.74
CA GLY A 1072 2.43 -31.08 -14.47
C GLY A 1072 2.69 -31.58 -13.06
N PHE A 1073 3.22 -30.71 -12.19
CA PHE A 1073 3.51 -31.07 -10.81
C PHE A 1073 2.27 -31.21 -9.94
N ASP A 1074 2.50 -31.59 -8.68
CA ASP A 1074 1.44 -31.78 -7.69
C ASP A 1074 1.89 -30.99 -6.46
N ALA A 1075 1.70 -29.68 -6.49
CA ALA A 1075 2.13 -28.83 -5.39
C ALA A 1075 1.54 -29.14 -4.03
N ILE A 1076 2.40 -29.19 -3.00
CA ILE A 1076 2.00 -29.47 -1.61
C ILE A 1076 2.34 -28.28 -0.69
N ASP A 1077 1.45 -27.95 0.25
CA ASP A 1077 1.71 -26.84 1.15
C ASP A 1077 2.49 -27.29 2.37
N VAL A 1078 3.74 -26.85 2.43
CA VAL A 1078 4.64 -27.18 3.53
C VAL A 1078 5.12 -25.93 4.27
N HIS A 1079 4.56 -25.70 5.46
CA HIS A 1079 4.95 -24.55 6.27
C HIS A 1079 6.10 -24.99 7.15
N MET A 1080 6.97 -24.06 7.49
CA MET A 1080 8.10 -24.37 8.35
C MET A 1080 7.62 -25.05 9.63
N SER A 1081 6.48 -24.58 10.16
CA SER A 1081 5.92 -25.15 11.38
C SER A 1081 5.62 -26.62 11.12
N ASP A 1082 5.23 -26.93 9.87
CA ASP A 1082 4.91 -28.30 9.48
C ASP A 1082 6.12 -29.22 9.64
N LEU A 1083 7.32 -28.65 9.62
CA LEU A 1083 8.52 -29.47 9.77
C LEU A 1083 8.96 -29.48 11.20
N LEU A 1084 9.01 -28.29 11.82
CA LEU A 1084 9.41 -28.15 13.22
C LEU A 1084 8.45 -28.90 14.17
N GLY A 1085 7.21 -29.05 13.73
CA GLY A 1085 6.21 -29.78 14.52
C GLY A 1085 6.19 -31.25 14.15
N GLY A 1086 6.92 -31.61 13.09
CA GLY A 1086 7.00 -32.99 12.66
C GLY A 1086 5.92 -33.51 11.72
N ARG A 1087 4.88 -32.73 11.46
CA ARG A 1087 3.81 -33.17 10.58
C ARG A 1087 4.30 -33.73 9.24
N ILE A 1088 5.13 -32.97 8.51
CA ILE A 1088 5.63 -33.43 7.21
C ILE A 1088 7.13 -33.76 7.19
N GLY A 1089 7.53 -34.60 6.25
CA GLY A 1089 8.94 -34.98 6.13
C GLY A 1089 9.46 -34.75 4.72
N LEU A 1090 10.65 -34.17 4.59
CA LEU A 1090 11.22 -33.90 3.28
C LEU A 1090 11.68 -35.16 2.55
N GLY A 1091 11.82 -36.24 3.30
CA GLY A 1091 12.25 -37.48 2.72
C GLY A 1091 11.29 -38.00 1.67
N ASN A 1092 10.09 -37.43 1.60
CA ASN A 1092 9.07 -37.84 0.63
C ASN A 1092 9.06 -36.99 -0.64
N PHE A 1093 9.72 -35.84 -0.61
CA PHE A 1093 9.76 -34.97 -1.77
C PHE A 1093 11.03 -35.06 -2.62
N HIS A 1094 10.89 -34.87 -3.92
CA HIS A 1094 12.01 -34.89 -4.85
C HIS A 1094 12.34 -33.47 -5.29
N ALA A 1095 11.36 -32.57 -5.13
CA ALA A 1095 11.52 -31.17 -5.51
C ALA A 1095 11.06 -30.22 -4.41
N LEU A 1096 11.96 -29.35 -3.99
CA LEU A 1096 11.68 -28.38 -2.95
C LEU A 1096 11.68 -27.01 -3.58
N VAL A 1097 11.02 -26.06 -2.93
CA VAL A 1097 10.98 -24.66 -3.39
C VAL A 1097 10.75 -23.68 -2.24
N ALA A 1098 11.74 -22.83 -2.00
CA ALA A 1098 11.67 -21.82 -0.95
C ALA A 1098 10.99 -20.64 -1.62
N CYS A 1099 9.85 -20.22 -1.07
CA CYS A 1099 9.08 -19.13 -1.67
C CYS A 1099 9.42 -17.72 -1.22
N GLY A 1100 8.88 -16.76 -1.95
CA GLY A 1100 9.15 -15.36 -1.66
C GLY A 1100 8.21 -14.63 -0.73
N GLY A 1101 8.72 -13.53 -0.18
CA GLY A 1101 7.93 -12.73 0.72
C GLY A 1101 8.86 -12.00 1.67
N PHE A 1102 8.37 -11.75 2.87
CA PHE A 1102 9.11 -11.06 3.91
C PHE A 1102 9.15 -11.89 5.19
N SER A 1103 9.84 -13.03 5.11
CA SER A 1103 9.99 -13.93 6.25
C SER A 1103 10.40 -13.07 7.43
N TYR A 1104 9.65 -13.16 8.52
CA TYR A 1104 9.94 -12.40 9.72
C TYR A 1104 10.12 -10.91 9.47
N GLY A 1105 9.47 -10.39 8.42
CA GLY A 1105 9.53 -8.98 8.08
C GLY A 1105 10.91 -8.49 7.70
N ASP A 1106 11.78 -9.45 7.41
CA ASP A 1106 13.17 -9.22 7.02
C ASP A 1106 14.06 -8.80 8.17
N VAL A 1107 13.54 -8.83 9.39
CA VAL A 1107 14.33 -8.43 10.53
C VAL A 1107 15.44 -9.46 10.77
N LEU A 1108 16.59 -8.94 11.23
CA LEU A 1108 17.79 -9.74 11.48
C LEU A 1108 18.43 -10.14 10.14
N GLY A 1109 17.94 -9.51 9.06
CA GLY A 1109 18.42 -9.75 7.71
C GLY A 1109 17.41 -10.57 6.94
N ALA A 1110 17.22 -10.23 5.67
CA ALA A 1110 16.27 -10.95 4.82
C ALA A 1110 16.67 -12.42 4.58
N GLY A 1111 15.74 -13.33 4.88
CA GLY A 1111 16.01 -14.75 4.72
C GLY A 1111 16.82 -15.33 5.87
N GLU A 1112 17.46 -14.45 6.62
CA GLU A 1112 18.30 -14.79 7.75
C GLU A 1112 17.62 -15.58 8.87
N GLY A 1113 16.55 -15.01 9.41
CA GLY A 1113 15.83 -15.66 10.49
C GLY A 1113 15.24 -16.96 10.02
N TRP A 1114 14.79 -16.96 8.77
CA TRP A 1114 14.19 -18.14 8.18
C TRP A 1114 15.22 -19.28 8.13
N ALA A 1115 16.37 -19.00 7.52
CA ALA A 1115 17.44 -19.97 7.37
C ALA A 1115 18.04 -20.45 8.70
N LYS A 1116 18.26 -19.53 9.63
CA LYS A 1116 18.82 -19.84 10.94
C LYS A 1116 17.86 -20.60 11.83
N SER A 1117 16.57 -20.55 11.50
CA SER A 1117 15.57 -21.27 12.28
C SER A 1117 15.72 -22.76 11.94
N ILE A 1118 16.18 -23.04 10.72
CA ILE A 1118 16.42 -24.40 10.25
C ILE A 1118 17.76 -24.82 10.84
N LEU A 1119 18.80 -24.09 10.44
CA LEU A 1119 20.16 -24.34 10.86
C LEU A 1119 20.34 -24.61 12.34
N PHE A 1120 19.47 -24.05 13.17
CA PHE A 1120 19.59 -24.27 14.61
C PHE A 1120 18.95 -25.57 15.09
N ASN A 1121 17.70 -25.84 14.72
CA ASN A 1121 17.04 -27.08 15.13
C ASN A 1121 17.61 -28.29 14.39
N HIS A 1122 18.38 -29.09 15.12
CA HIS A 1122 19.04 -30.29 14.57
C HIS A 1122 18.19 -31.25 13.75
N ARG A 1123 16.99 -31.61 14.23
CA ARG A 1123 16.14 -32.54 13.48
C ARG A 1123 15.74 -32.03 12.08
N VAL A 1124 15.40 -30.74 12.02
CA VAL A 1124 14.99 -30.09 10.77
C VAL A 1124 16.22 -29.77 9.94
N ARG A 1125 17.33 -29.49 10.63
CA ARG A 1125 18.57 -29.21 9.94
C ARG A 1125 18.86 -30.46 9.13
N ASP A 1126 19.07 -31.58 9.82
CA ASP A 1126 19.34 -32.87 9.19
C ASP A 1126 18.39 -33.13 8.03
N GLU A 1127 17.10 -32.97 8.29
CA GLU A 1127 16.05 -33.17 7.29
C GLU A 1127 16.40 -32.49 5.95
N PHE A 1128 16.83 -31.24 6.03
CA PHE A 1128 17.19 -30.46 4.84
C PHE A 1128 18.51 -30.89 4.20
N GLU A 1129 19.53 -31.12 5.02
CA GLU A 1129 20.82 -31.54 4.46
C GLU A 1129 20.66 -32.85 3.70
N THR A 1130 20.00 -33.82 4.34
CA THR A 1130 19.77 -35.13 3.74
C THR A 1130 18.96 -34.98 2.44
N PHE A 1131 18.41 -33.77 2.23
CA PHE A 1131 17.64 -33.51 1.03
C PHE A 1131 18.56 -33.11 -0.11
N PHE A 1132 19.40 -32.11 0.14
CA PHE A 1132 20.33 -31.63 -0.89
C PHE A 1132 21.39 -32.64 -1.31
N HIS A 1133 21.84 -33.44 -0.35
CA HIS A 1133 22.86 -34.46 -0.58
C HIS A 1133 22.35 -35.66 -1.35
N ARG A 1134 21.04 -35.90 -1.29
CA ARG A 1134 20.44 -37.02 -2.01
C ARG A 1134 20.81 -36.85 -3.50
N PRO A 1135 21.06 -37.96 -4.22
CA PRO A 1135 21.42 -37.95 -5.64
C PRO A 1135 20.31 -37.66 -6.64
N GLN A 1136 19.08 -37.42 -6.18
CA GLN A 1136 18.00 -37.16 -7.13
C GLN A 1136 17.11 -35.93 -6.95
N THR A 1137 17.53 -34.99 -6.11
CA THR A 1137 16.73 -33.79 -5.81
C THR A 1137 16.93 -32.54 -6.64
N LEU A 1138 15.97 -31.63 -6.51
CA LEU A 1138 15.96 -30.33 -7.18
C LEU A 1138 15.38 -29.31 -6.21
N ALA A 1139 16.09 -28.21 -6.01
CA ALA A 1139 15.65 -27.17 -5.12
C ALA A 1139 15.69 -25.83 -5.85
N LEU A 1140 14.67 -25.01 -5.64
CA LEU A 1140 14.62 -23.70 -6.27
C LEU A 1140 14.41 -22.66 -5.18
N GLY A 1141 14.90 -21.45 -5.42
CA GLY A 1141 14.76 -20.39 -4.43
C GLY A 1141 14.61 -19.00 -5.02
N VAL A 1142 13.38 -18.65 -5.40
CA VAL A 1142 13.05 -17.33 -5.95
C VAL A 1142 13.12 -16.41 -4.75
N CYG A 1143 13.17 -15.07 -4.97
CA CYG A 1143 13.26 -13.91 -4.02
C CYG A 1143 13.34 -14.41 -2.58
O CYG A 1143 14.08 -15.32 -2.48
CB CYG A 1143 12.06 -12.97 -4.12
SG CYG A 1143 12.52 -11.28 -3.69
N1 CYG A 1143 11.52 -9.37 1.47
CA1 CYG A 1143 12.79 -9.60 0.74
CB1 CYG A 1143 12.57 -10.56 -0.41
CG1 CYG A 1143 11.45 -10.08 -1.32
CD1 CYG A 1143 11.28 -11.08 -2.43
OE2 CYG A 1143 10.24 -11.72 -2.39
C1 CYG A 1143 13.33 -8.29 0.19
O1 CYG A 1143 14.43 -8.23 -0.49
O2 CYG A 1143 12.69 -7.19 0.39
N ASN A 1144 13.28 -13.48 -1.64
CA ASN A 1144 13.35 -13.98 -0.24
C ASN A 1144 13.89 -15.42 0.00
N GLY A 1145 13.26 -16.41 -0.62
CA GLY A 1145 13.74 -17.79 -0.53
C GLY A 1145 15.09 -18.03 -1.19
N CYS A 1146 15.64 -16.98 -1.80
CA CYS A 1146 16.94 -17.04 -2.44
C CYS A 1146 17.96 -16.67 -1.37
N GLN A 1147 17.57 -15.70 -0.55
CA GLN A 1147 18.41 -15.24 0.53
C GLN A 1147 18.39 -16.30 1.62
N MET A 1148 17.23 -16.92 1.82
CA MET A 1148 17.11 -17.95 2.82
C MET A 1148 18.12 -19.07 2.57
N MET A 1149 18.06 -19.65 1.38
CA MET A 1149 18.96 -20.73 1.00
C MET A 1149 20.42 -20.31 0.98
N SER A 1150 20.68 -19.06 0.59
CA SER A 1150 22.04 -18.54 0.53
C SER A 1150 22.71 -18.48 1.89
N ASN A 1151 21.92 -18.71 2.95
CA ASN A 1151 22.45 -18.72 4.31
C ASN A 1151 22.55 -20.15 4.81
N LEU A 1152 22.16 -21.08 3.94
CA LEU A 1152 22.22 -22.52 4.20
C LEU A 1152 23.34 -23.10 3.34
N ARG A 1153 24.33 -22.27 2.98
CA ARG A 1153 25.44 -22.74 2.17
C ARG A 1153 26.07 -23.98 2.78
N GLU A 1154 26.12 -24.00 4.11
CA GLU A 1154 26.68 -25.11 4.86
C GLU A 1154 25.88 -26.41 4.79
N LEU A 1155 24.76 -26.39 4.09
CA LEU A 1155 23.94 -27.59 3.95
C LEU A 1155 23.83 -28.01 2.51
N ILE A 1156 24.16 -27.10 1.60
CA ILE A 1156 24.05 -27.34 0.16
C ILE A 1156 25.35 -27.64 -0.62
N PRO A 1157 25.49 -28.87 -1.12
CA PRO A 1157 26.65 -29.33 -1.89
C PRO A 1157 26.86 -28.55 -3.16
N GLY A 1158 28.05 -27.98 -3.30
CA GLY A 1158 28.42 -27.19 -4.47
C GLY A 1158 28.07 -25.71 -4.40
N SER A 1159 28.06 -25.18 -3.16
CA SER A 1159 27.71 -23.79 -2.95
C SER A 1159 28.72 -23.03 -2.10
N GLU A 1160 30.01 -23.20 -2.37
CA GLU A 1160 31.01 -22.50 -1.56
C GLU A 1160 31.27 -21.09 -2.07
N LEU A 1161 31.31 -20.94 -3.39
CA LEU A 1161 31.57 -19.65 -4.00
C LEU A 1161 30.40 -18.67 -4.00
N TRP A 1162 29.22 -19.14 -3.60
CA TRP A 1162 28.01 -18.31 -3.55
C TRP A 1162 28.18 -17.00 -2.79
N PRO A 1163 27.55 -15.92 -3.30
CA PRO A 1163 27.60 -14.60 -2.67
C PRO A 1163 26.55 -14.51 -1.58
N ARG A 1164 26.43 -13.33 -0.99
CA ARG A 1164 25.42 -13.12 0.03
C ARG A 1164 24.57 -12.03 -0.57
N PHE A 1165 23.25 -12.08 -0.37
CA PHE A 1165 22.39 -11.05 -0.93
C PHE A 1165 22.07 -9.97 0.12
N VAL A 1166 22.38 -8.71 -0.19
CA VAL A 1166 22.18 -7.61 0.74
C VAL A 1166 21.44 -6.39 0.19
N ARG A 1167 21.27 -5.38 1.04
CA ARG A 1167 20.59 -4.13 0.71
C ARG A 1167 20.98 -3.59 -0.66
N ASN A 1168 19.97 -3.15 -1.41
CA ASN A 1168 20.19 -2.59 -2.75
C ASN A 1168 20.99 -1.30 -2.65
N HIS A 1169 21.84 -1.07 -3.64
CA HIS A 1169 22.70 0.12 -3.68
C HIS A 1169 21.90 1.38 -3.46
N SER A 1170 20.77 1.47 -4.17
CA SER A 1170 19.85 2.60 -4.11
C SER A 1170 19.24 2.78 -2.73
N ASP A 1171 19.40 1.77 -1.87
CA ASP A 1171 18.89 1.79 -0.52
C ASP A 1171 17.38 1.93 -0.52
N ARG A 1172 16.74 1.31 -1.51
CA ARG A 1172 15.30 1.38 -1.59
C ARG A 1172 14.78 0.13 -2.26
N PHE A 1173 13.58 -0.25 -1.87
CA PHE A 1173 12.94 -1.43 -2.43
C PHE A 1173 12.73 -1.15 -3.90
N GLU A 1174 12.96 -2.14 -4.74
CA GLU A 1174 12.77 -1.94 -6.17
C GLU A 1174 11.70 -2.85 -6.78
N ALA A 1175 10.61 -2.23 -7.24
CA ALA A 1175 9.53 -2.94 -7.89
C ALA A 1175 9.68 -2.56 -9.35
N ARG A 1176 10.42 -3.36 -10.10
CA ARG A 1176 10.69 -3.08 -11.50
C ARG A 1176 10.47 -4.25 -12.44
N PHE A 1177 10.34 -3.95 -13.73
CA PHE A 1177 10.21 -4.97 -14.74
C PHE A 1177 11.55 -4.88 -15.44
N SER A 1178 12.55 -5.51 -14.84
CA SER A 1178 13.91 -5.48 -15.36
C SER A 1178 14.24 -6.55 -16.41
N LEU A 1179 15.18 -6.22 -17.30
CA LEU A 1179 15.59 -7.13 -18.38
C LEU A 1179 16.82 -7.97 -18.06
N VAL A 1180 16.63 -9.30 -17.97
CA VAL A 1180 17.73 -10.20 -17.69
C VAL A 1180 18.20 -11.01 -18.91
N GLU A 1181 19.34 -11.65 -18.76
CA GLU A 1181 19.94 -12.46 -19.80
C GLU A 1181 20.24 -13.80 -19.15
N VAL A 1182 19.89 -14.88 -19.83
CA VAL A 1182 20.16 -16.22 -19.31
C VAL A 1182 21.59 -16.60 -19.73
N THR A 1183 22.50 -16.70 -18.77
CA THR A 1183 23.88 -17.04 -19.09
C THR A 1183 24.13 -18.54 -18.89
N GLN A 1184 25.25 -19.05 -19.43
CA GLN A 1184 25.55 -20.47 -19.30
C GLN A 1184 25.85 -20.85 -17.86
N SER A 1185 25.29 -21.98 -17.44
CA SER A 1185 25.47 -22.48 -16.07
C SER A 1185 24.90 -23.88 -15.97
N PRO A 1186 25.40 -24.67 -15.00
CA PRO A 1186 24.97 -26.05 -14.77
C PRO A 1186 23.47 -26.20 -14.51
N SER A 1187 22.81 -25.13 -14.08
CA SER A 1187 21.38 -25.17 -13.77
C SER A 1187 20.50 -25.98 -14.71
N LEU A 1188 19.91 -27.06 -14.17
CA LEU A 1188 19.03 -27.91 -14.94
C LEU A 1188 17.69 -27.20 -15.08
N LEU A 1189 17.43 -26.26 -14.16
CA LEU A 1189 16.19 -25.50 -14.17
C LEU A 1189 16.15 -24.49 -15.31
N LEU A 1190 17.32 -24.06 -15.76
CA LEU A 1190 17.42 -23.10 -16.84
C LEU A 1190 17.85 -23.74 -18.18
N GLN A 1191 17.77 -25.07 -18.27
CA GLN A 1191 18.15 -25.82 -19.48
C GLN A 1191 17.44 -25.43 -20.79
N GLY A 1192 18.25 -25.21 -21.83
CA GLY A 1192 17.73 -24.87 -23.16
C GLY A 1192 17.24 -23.43 -23.32
N MET A 1193 17.50 -22.62 -22.30
CA MET A 1193 17.09 -21.21 -22.28
C MET A 1193 18.30 -20.31 -22.39
N VAL A 1194 19.49 -20.91 -22.31
CA VAL A 1194 20.75 -20.18 -22.37
C VAL A 1194 20.90 -19.30 -23.61
N GLY A 1195 21.24 -18.04 -23.39
CA GLY A 1195 21.41 -17.08 -24.45
C GLY A 1195 20.22 -16.17 -24.62
N SER A 1196 19.08 -16.60 -24.06
CA SER A 1196 17.81 -15.88 -24.13
C SER A 1196 17.76 -14.56 -23.35
N GLN A 1197 16.87 -13.67 -23.78
CA GLN A 1197 16.73 -12.37 -23.15
C GLN A 1197 15.28 -11.89 -23.05
N MET A 1198 14.72 -12.00 -21.85
CA MET A 1198 13.34 -11.59 -21.63
C MET A 1198 13.31 -10.79 -20.33
N PRO A 1199 12.26 -9.97 -20.13
CA PRO A 1199 12.13 -9.18 -18.92
C PRO A 1199 11.51 -10.00 -17.79
N ILE A 1200 11.79 -9.64 -16.54
CA ILE A 1200 11.23 -10.38 -15.41
C ILE A 1200 10.77 -9.52 -14.23
N ALA A 1201 9.84 -10.06 -13.45
CA ALA A 1201 9.30 -9.37 -12.31
C ALA A 1201 10.30 -9.23 -11.17
N VAL A 1202 10.95 -8.07 -11.10
CA VAL A 1202 11.93 -7.79 -10.04
C VAL A 1202 11.21 -7.00 -8.96
N SER A 1203 11.28 -7.49 -7.73
CA SER A 1203 10.62 -6.85 -6.60
C SER A 1203 11.29 -7.24 -5.28
N HIS A 1204 12.31 -6.49 -4.90
CA HIS A 1204 13.04 -6.77 -3.68
C HIS A 1204 13.87 -5.59 -3.20
N GLY A 1205 14.18 -5.59 -1.90
CA GLY A 1205 14.97 -4.51 -1.32
C GLY A 1205 16.33 -4.92 -0.82
N GLU A 1206 16.63 -6.22 -0.90
CA GLU A 1206 17.91 -6.78 -0.45
C GLU A 1206 18.48 -7.79 -1.46
N GLY A 1207 18.40 -7.49 -2.75
CA GLY A 1207 18.90 -8.42 -3.74
C GLY A 1207 20.31 -8.19 -4.28
N ARG A 1208 21.03 -7.23 -3.71
CA ARG A 1208 22.39 -6.94 -4.18
C ARG A 1208 23.37 -8.03 -3.82
N VAL A 1209 24.11 -8.48 -4.82
CA VAL A 1209 25.11 -9.51 -4.62
C VAL A 1209 26.29 -8.87 -3.90
N GLU A 1210 26.90 -9.62 -3.00
CA GLU A 1210 28.03 -9.14 -2.22
C GLU A 1210 29.04 -10.25 -2.12
N VAL A 1211 30.27 -9.96 -2.53
CA VAL A 1211 31.36 -10.94 -2.45
C VAL A 1211 32.36 -10.43 -1.41
N ARG A 1212 33.16 -11.34 -0.85
CA ARG A 1212 34.14 -10.97 0.15
C ARG A 1212 35.19 -9.96 -0.38
N ASP A 1213 35.58 -10.15 -1.64
CA ASP A 1213 36.55 -9.30 -2.33
C ASP A 1213 36.58 -9.69 -3.80
N ASP A 1214 37.43 -9.04 -4.58
CA ASP A 1214 37.54 -9.33 -6.01
C ASP A 1214 37.74 -10.81 -6.28
N ALA A 1215 38.76 -11.40 -5.68
CA ALA A 1215 39.09 -12.82 -5.84
C ALA A 1215 37.90 -13.76 -5.66
N HIS A 1216 37.00 -13.41 -4.75
CA HIS A 1216 35.81 -14.20 -4.50
C HIS A 1216 34.97 -14.14 -5.78
N LEU A 1217 34.61 -12.93 -6.22
CA LEU A 1217 33.81 -12.77 -7.45
C LEU A 1217 34.58 -13.31 -8.64
N ALA A 1218 35.88 -13.07 -8.65
CA ALA A 1218 36.74 -13.54 -9.73
C ALA A 1218 36.58 -15.05 -9.87
N ALA A 1219 36.59 -15.75 -8.73
CA ALA A 1219 36.44 -17.20 -8.71
C ALA A 1219 35.01 -17.61 -9.07
N LEU A 1220 34.03 -16.97 -8.44
CA LEU A 1220 32.61 -17.28 -8.67
C LEU A 1220 32.26 -17.17 -10.15
N GLU A 1221 32.75 -16.13 -10.81
CA GLU A 1221 32.49 -15.95 -12.22
C GLU A 1221 33.18 -17.10 -12.93
N SER A 1222 34.48 -17.22 -12.70
CA SER A 1222 35.32 -18.25 -13.32
C SER A 1222 34.81 -19.68 -13.26
N LYS A 1223 34.09 -20.02 -12.18
CA LYS A 1223 33.55 -21.36 -12.05
C LYS A 1223 32.22 -21.49 -12.80
N GLY A 1224 31.75 -20.37 -13.34
CA GLY A 1224 30.51 -20.31 -14.11
C GLY A 1224 29.24 -20.68 -13.37
N LEU A 1225 29.07 -20.19 -12.14
CA LEU A 1225 27.88 -20.51 -11.37
C LEU A 1225 26.74 -19.50 -11.53
N VAL A 1226 26.94 -18.52 -12.42
CA VAL A 1226 25.96 -17.48 -12.69
C VAL A 1226 24.94 -17.88 -13.75
N ALA A 1227 23.66 -17.81 -13.38
CA ALA A 1227 22.59 -18.19 -14.31
C ALA A 1227 21.77 -17.02 -14.87
N LEU A 1228 21.69 -15.92 -14.12
CA LEU A 1228 20.94 -14.76 -14.58
C LEU A 1228 21.63 -13.46 -14.30
N ARG A 1229 21.69 -12.62 -15.33
CA ARG A 1229 22.31 -11.30 -15.25
C ARG A 1229 21.44 -10.19 -15.85
N TYR A 1230 21.51 -9.00 -15.27
CA TYR A 1230 20.76 -7.86 -15.77
C TYR A 1230 21.47 -7.22 -16.95
N VAL A 1231 20.70 -6.76 -17.92
CA VAL A 1231 21.30 -6.13 -19.08
C VAL A 1231 20.50 -4.91 -19.48
N ASP A 1232 21.20 -3.85 -19.87
CA ASP A 1232 20.50 -2.66 -20.31
C ASP A 1232 19.68 -3.01 -21.54
N ASN A 1233 18.75 -2.15 -21.89
CA ASN A 1233 17.88 -2.38 -23.03
C ASN A 1233 18.64 -2.61 -24.33
N PHE A 1234 19.94 -2.35 -24.32
CA PHE A 1234 20.80 -2.58 -25.49
C PHE A 1234 21.21 -4.05 -25.55
N GLY A 1235 21.68 -4.58 -24.41
CA GLY A 1235 22.05 -5.98 -24.37
C GLY A 1235 23.26 -6.28 -23.51
N LYS A 1236 24.14 -5.28 -23.31
CA LYS A 1236 25.34 -5.49 -22.51
C LYS A 1236 25.03 -5.63 -21.02
N VAL A 1237 25.86 -6.40 -20.32
CA VAL A 1237 25.69 -6.57 -18.89
C VAL A 1237 26.02 -5.20 -18.31
N THR A 1238 25.09 -4.67 -17.52
CA THR A 1238 25.25 -3.36 -16.93
C THR A 1238 25.11 -3.38 -15.42
N GLU A 1239 25.84 -2.48 -14.76
CA GLU A 1239 25.78 -2.35 -13.32
C GLU A 1239 25.16 -0.98 -13.02
N THR A 1240 24.62 -0.36 -14.08
CA THR A 1240 23.98 0.93 -13.99
C THR A 1240 22.51 0.76 -13.60
N TYR A 1241 22.06 1.68 -12.73
CA TYR A 1241 20.70 1.74 -12.18
C TYR A 1241 19.71 2.44 -13.13
N PRO A 1242 18.48 1.93 -13.23
CA PRO A 1242 17.99 0.75 -12.53
C PRO A 1242 17.85 -0.45 -13.47
N ALA A 1243 18.58 -0.44 -14.58
CA ALA A 1243 18.52 -1.56 -15.54
C ALA A 1243 19.05 -2.79 -14.82
N ASN A 1244 19.73 -2.50 -13.70
CA ASN A 1244 20.31 -3.47 -12.78
C ASN A 1244 19.91 -2.78 -11.47
N PRO A 1245 18.68 -3.05 -11.01
CA PRO A 1245 18.09 -2.49 -9.80
C PRO A 1245 18.91 -2.50 -8.52
N ASN A 1246 19.34 -3.69 -8.09
CA ASN A 1246 20.08 -3.80 -6.85
C ASN A 1246 21.51 -3.28 -6.84
N GLY A 1247 22.22 -3.45 -7.94
CA GLY A 1247 23.59 -2.98 -7.99
C GLY A 1247 24.58 -4.12 -7.78
N SER A 1248 24.15 -5.30 -8.19
CA SER A 1248 24.96 -6.51 -8.09
C SER A 1248 26.07 -6.47 -9.13
N PRO A 1249 27.29 -6.85 -8.75
CA PRO A 1249 28.42 -6.85 -9.68
C PRO A 1249 28.11 -7.70 -10.89
N ASN A 1250 28.48 -7.21 -12.07
CA ASN A 1250 28.25 -7.94 -13.31
C ASN A 1250 26.82 -8.45 -13.48
N GLY A 1251 25.88 -7.63 -13.02
CA GLY A 1251 24.46 -7.95 -13.15
C GLY A 1251 23.94 -9.27 -12.64
N ILE A 1252 24.59 -9.84 -11.65
CA ILE A 1252 24.15 -11.12 -11.11
C ILE A 1252 22.92 -11.07 -10.20
N THR A 1253 21.93 -11.92 -10.47
CA THR A 1253 20.76 -12.04 -9.60
C THR A 1253 20.35 -13.49 -9.47
N ALA A 1254 21.20 -14.38 -9.96
CA ALA A 1254 20.96 -15.81 -9.90
C ALA A 1254 22.26 -16.58 -10.06
N VAL A 1255 22.40 -17.62 -9.25
CA VAL A 1255 23.57 -18.49 -9.28
C VAL A 1255 23.05 -19.90 -9.13
N THR A 1256 23.96 -20.86 -9.23
CA THR A 1256 23.57 -22.27 -9.11
C THR A 1256 24.67 -23.07 -8.41
N THR A 1257 24.52 -24.39 -8.41
CA THR A 1257 25.49 -25.28 -7.81
C THR A 1257 26.35 -25.85 -8.93
N GLU A 1258 27.41 -26.56 -8.56
CA GLU A 1258 28.28 -27.16 -9.54
C GLU A 1258 27.55 -28.24 -10.34
N ASN A 1259 26.60 -28.92 -9.71
CA ASN A 1259 25.84 -29.95 -10.41
C ASN A 1259 24.46 -29.45 -10.87
N GLY A 1260 24.29 -28.12 -10.87
CA GLY A 1260 23.05 -27.49 -11.31
C GLY A 1260 21.70 -27.96 -10.81
N ARG A 1261 21.68 -28.74 -9.73
CA ARG A 1261 20.42 -29.24 -9.17
C ARG A 1261 19.68 -28.21 -8.32
N VAL A 1262 20.43 -27.31 -7.69
CA VAL A 1262 19.86 -26.24 -6.88
C VAL A 1262 20.18 -24.92 -7.56
N THR A 1263 19.15 -24.12 -7.79
CA THR A 1263 19.31 -22.83 -8.45
C THR A 1263 18.54 -21.76 -7.70
N ILE A 1264 19.24 -20.77 -7.17
CA ILE A 1264 18.58 -19.68 -6.45
C ILE A 1264 18.62 -18.43 -7.30
N MET A 1265 17.60 -17.58 -7.21
CA MET A 1265 17.56 -16.34 -7.99
C MET A 1265 16.83 -15.26 -7.23
N MET A 1266 16.81 -14.04 -7.76
CA MET A 1266 16.10 -12.94 -7.11
C MET A 1266 14.79 -12.50 -7.76
N PRO A 1267 14.74 -12.41 -9.10
CA PRO A 1267 13.49 -12.00 -9.76
C PRO A 1267 12.44 -13.13 -9.59
N HIS A 1268 11.17 -12.84 -9.79
CA HIS A 1268 10.13 -13.85 -9.62
C HIS A 1268 9.66 -14.51 -10.90
N PRO A 1269 10.28 -15.63 -11.30
CA PRO A 1269 9.82 -16.27 -12.53
C PRO A 1269 8.37 -16.73 -12.44
N GLU A 1270 7.87 -16.94 -11.23
CA GLU A 1270 6.51 -17.40 -11.03
C GLU A 1270 5.46 -16.33 -11.31
N ARG A 1271 5.70 -15.11 -10.87
CA ARG A 1271 4.75 -14.02 -11.06
C ARG A 1271 4.49 -13.66 -12.51
N VAL A 1272 5.34 -14.15 -13.39
CA VAL A 1272 5.18 -13.87 -14.81
C VAL A 1272 5.16 -15.13 -15.66
N PHE A 1273 4.67 -16.25 -15.14
CA PHE A 1273 4.63 -17.44 -15.96
C PHE A 1273 3.46 -17.34 -16.92
N ARG A 1274 2.55 -16.42 -16.63
CA ARG A 1274 1.40 -16.18 -17.48
C ARG A 1274 1.73 -14.94 -18.29
N THR A 1275 1.47 -14.98 -19.59
CA THR A 1275 1.77 -13.84 -20.44
C THR A 1275 1.06 -12.56 -20.02
N VAL A 1276 -0.22 -12.70 -19.65
CA VAL A 1276 -1.03 -11.57 -19.24
C VAL A 1276 -0.58 -10.91 -17.96
N ALA A 1277 0.33 -11.56 -17.24
CA ALA A 1277 0.84 -11.02 -15.98
C ALA A 1277 2.10 -10.18 -16.15
N ASN A 1278 2.60 -10.09 -17.38
CA ASN A 1278 3.79 -9.30 -17.71
C ASN A 1278 3.39 -7.86 -17.96
N SER A 1279 4.05 -6.91 -17.31
CA SER A 1279 3.74 -5.50 -17.51
C SER A 1279 3.66 -5.21 -19.00
N TRP A 1280 4.76 -5.46 -19.71
CA TRP A 1280 4.81 -5.27 -21.15
C TRP A 1280 5.35 -6.58 -21.73
N HIS A 1281 4.92 -6.94 -22.92
CA HIS A 1281 5.40 -8.16 -23.54
C HIS A 1281 5.03 -8.12 -25.01
N PRO A 1282 5.84 -8.75 -25.87
CA PRO A 1282 5.60 -8.79 -27.31
C PRO A 1282 4.14 -9.11 -27.66
N GLU A 1283 3.68 -8.47 -28.73
CA GLU A 1283 2.31 -8.62 -29.23
C GLU A 1283 1.85 -10.07 -29.44
N ASN A 1284 2.68 -10.89 -30.09
CA ASN A 1284 2.31 -12.27 -30.41
C ASN A 1284 2.50 -13.41 -29.40
N TRP A 1285 2.80 -13.12 -28.13
CA TRP A 1285 2.98 -14.19 -27.15
C TRP A 1285 1.66 -14.93 -26.83
N GLY A 1286 1.75 -16.23 -26.55
CA GLY A 1286 0.58 -17.02 -26.23
C GLY A 1286 0.14 -16.84 -24.78
N GLU A 1287 -0.37 -17.89 -24.15
CA GLU A 1287 -0.80 -17.83 -22.75
C GLU A 1287 0.45 -17.84 -21.87
N ASP A 1288 1.38 -18.73 -22.21
CA ASP A 1288 2.62 -18.88 -21.47
C ASP A 1288 3.68 -17.85 -21.83
N SER A 1289 4.52 -17.56 -20.85
CA SER A 1289 5.62 -16.64 -20.99
C SER A 1289 6.91 -17.46 -21.02
N PRO A 1290 8.02 -16.85 -21.44
CA PRO A 1290 9.28 -17.59 -21.49
C PRO A 1290 9.65 -18.21 -20.15
N TRP A 1291 9.22 -17.59 -19.06
CA TRP A 1291 9.56 -18.11 -17.73
C TRP A 1291 8.89 -19.40 -17.35
N MET A 1292 7.81 -19.76 -18.04
CA MET A 1292 7.09 -21.00 -17.74
C MET A 1292 8.01 -22.20 -17.87
N ARG A 1293 8.92 -22.12 -18.84
CA ARG A 1293 9.88 -23.16 -19.11
C ARG A 1293 10.57 -23.73 -17.87
N ILE A 1294 11.06 -22.84 -17.01
CA ILE A 1294 11.75 -23.20 -15.76
C ILE A 1294 11.04 -24.34 -15.06
N PHE A 1295 9.74 -24.16 -14.85
CA PHE A 1295 8.94 -25.15 -14.19
C PHE A 1295 8.78 -26.40 -15.04
N ARG A 1296 8.52 -26.23 -16.34
CA ARG A 1296 8.39 -27.38 -17.22
C ARG A 1296 9.70 -28.19 -17.24
N ASN A 1297 10.82 -27.50 -16.99
CA ASN A 1297 12.14 -28.13 -16.92
C ASN A 1297 12.21 -29.05 -15.72
N ALA A 1298 11.71 -28.57 -14.59
CA ALA A 1298 11.68 -29.34 -13.37
C ALA A 1298 10.88 -30.62 -13.58
N ARG A 1299 9.85 -30.56 -14.43
CA ARG A 1299 9.05 -31.75 -14.69
C ARG A 1299 9.88 -32.74 -15.47
N LYS A 1300 10.32 -32.30 -16.66
CA LYS A 1300 11.13 -33.13 -17.54
C LYS A 1300 12.22 -33.74 -16.67
N GLN A 1301 13.10 -32.88 -16.16
CA GLN A 1301 14.22 -33.29 -15.33
C GLN A 1301 13.91 -34.34 -14.28
N LEU A 1302 12.71 -34.29 -13.72
CA LEU A 1302 12.29 -35.25 -12.69
C LEU A 1302 11.79 -36.56 -13.24
N GLY A 1303 12.04 -36.81 -14.53
CA GLY A 1303 11.59 -38.04 -15.17
C GLY A 1303 10.08 -38.18 -15.17
PG ANP B . -13.51 0.68 10.67
O1G ANP B . -14.36 1.73 11.70
O2G ANP B . -12.39 -0.05 11.50
O3G ANP B . -12.78 1.57 9.45
PB ANP B . -15.77 0.16 9.15
O1B ANP B . -16.38 -1.34 8.77
O2B ANP B . -15.30 0.87 7.84
N3B ANP B . -14.52 -0.45 10.04
PA ANP B . -18.02 2.11 9.38
O1A ANP B . -17.25 2.38 7.92
O2A ANP B . -17.79 3.34 10.27
O3A ANP B . -17.14 0.78 10.00
O5' ANP B . -19.35 2.42 8.46
C5' ANP B . -19.93 1.12 8.08
C4' ANP B . -20.46 0.62 6.64
O4' ANP B . -21.16 1.59 5.89
C3' ANP B . -19.23 0.24 5.88
O3' ANP B . -19.48 -0.92 5.09
C2' ANP B . -18.89 1.55 5.12
O2' ANP B . -18.12 1.32 3.94
C1' ANP B . -20.24 2.15 4.93
N9 ANP B . -20.21 3.65 5.11
C8 ANP B . -19.91 4.41 6.17
N7 ANP B . -19.95 5.73 6.00
C5 ANP B . -20.31 5.81 4.71
C6 ANP B . -20.55 6.91 3.78
N6 ANP B . -20.43 8.21 4.18
N1 ANP B . -20.93 6.65 2.44
C2 ANP B . -21.06 5.34 2.01
N3 ANP B . -20.84 4.26 2.81
C4 ANP B . -20.48 4.53 4.12
PB ADP C . -4.40 10.07 -14.02
O1B ADP C . -4.95 8.79 -14.46
O2B ADP C . -4.13 11.07 -15.05
O3B ADP C . -5.28 10.75 -12.94
PA ADP C . -2.06 10.59 -12.52
O1A ADP C . -2.70 11.18 -11.36
O2A ADP C . -1.43 11.41 -13.57
O3A ADP C . -3.06 9.65 -13.28
O5' ADP C . -1.02 9.54 -12.06
C5' ADP C . -0.25 8.81 -13.03
C4' ADP C . 0.15 7.46 -12.49
O4' ADP C . 0.68 7.45 -11.33
C3' ADP C . -0.98 6.46 -12.48
O3' ADP C . -0.53 5.38 -13.07
C2' ADP C . -1.25 6.28 -11.02
O2' ADP C . -1.78 5.05 -10.61
C1' ADP C . 0.08 6.53 -10.43
N9 ADP C . 0.02 7.13 -9.10
C8 ADP C . -0.34 8.42 -8.80
N7 ADP C . -0.28 8.65 -7.52
C5 ADP C . 0.13 7.45 -6.94
C6 ADP C . 0.37 7.09 -5.63
N6 ADP C . 0.22 7.89 -4.64
N1 ADP C . 0.78 5.81 -5.46
C2 ADP C . 0.95 4.93 -6.47
N3 ADP C . 0.74 5.22 -7.77
C4 ADP C . 0.34 6.49 -7.89
MG MG D . -6.04 11.89 -11.25
MG MG E . -2.27 12.94 -14.91
MG MG F . -5.66 9.79 -16.24
S SO4 G . -9.25 11.93 10.50
O1 SO4 G . -8.74 11.15 9.35
O2 SO4 G . -9.05 13.39 10.24
O3 SO4 G . -10.70 11.64 10.70
O4 SO4 G . -8.46 11.59 11.72
S SO4 H . 27.51 4.67 -0.65
O1 SO4 H . 28.01 3.88 -1.82
O2 SO4 H . 27.70 6.12 -0.92
O3 SO4 H . 26.05 4.37 -0.45
O4 SO4 H . 28.28 4.32 0.56
#